data_7UI1
#
_entry.id   7UI1
#
_cell.length_a   49.580
_cell.length_b   155.140
_cell.length_c   375.220
_cell.angle_alpha   90.000
_cell.angle_beta   90.000
_cell.angle_gamma   90.000
#
_symmetry.space_group_name_H-M   'P 2 21 21'
#
loop_
_entity.id
_entity.type
_entity.pdbx_description
1 polymer 'Gametocyte surface protein P230'
2 polymer 230AL-37
3 non-polymer 'SULFATE ION'
#
loop_
_entity_poly.entity_id
_entity_poly.type
_entity_poly.pdbx_seq_one_letter_code
_entity_poly.pdbx_strand_id
1 'polypeptide(L)'
;TGSVLQSGALPSVGVDELDKIDLSYETTESGDTAVSEDSYDKYASNNTNKEYVCDFTDQLKPTESGPKVKKCEVKVNEPL
IKVKIICPLKGSVEKLYDNIEYVPKKSPYVVLTKEETKLKEKLLSKLIYGLLISPTVNEKENNFKEGVIEFTLPPVVHKA
TVFYFICDNSKTEDDNKKGNRGIVEVYVEPYGNKINGCAFLDEDEEEEKYGNQIEEDEHNEKIKMKTFFTQNIYKKNNIY
PCYMKLYSGDIGGILFPKNIKSTTCFEEMIPYNKEIKWNKENKSLGNLVNNSVVYNKEMNAKYFNVQYVHIPTSYKDTLN
LFCSIILKEEESNLISTSYLVYVSINEGTHHHHHH
;
A,B,C,D
2 'polypeptide(L)'
;TGQVQLVESGGGVVQPGGSLRLSCTASGLIFNKYGIYWVRQAPGKGLEWVAFIRYDGTNQFYADSVKGRFTISRDNSKNK
VYLQMNSLRAEDTALYYCAKDRGSIIVFDHWGQGTLVTVSSGGGGSGGGGSGGGGSGGGGSEIVLTQSPATLSLSPGERV
TLSCRASQAVGIYLAWYQQKPGQAPRLLIYHVSKRDTGVPDRFSGSGSGTDFTLTISSLEPEDFAVYYCQQHRNWPPITF
GQGTRLEIKGTHHHHHH
;
H,I,J,K
#
loop_
_chem_comp.id
_chem_comp.type
_chem_comp.name
_chem_comp.formula
SO4 non-polymer 'SULFATE ION' 'O4 S -2'
#
# COMPACT_ATOMS: atom_id res chain seq x y z
N ASP A 16 -28.75 -13.70 45.79
CA ASP A 16 -29.77 -14.71 46.00
C ASP A 16 -30.07 -15.46 44.70
N GLU A 17 -30.92 -16.48 44.79
CA GLU A 17 -31.30 -17.28 43.63
C GLU A 17 -32.77 -17.11 43.24
N LEU A 18 -33.62 -16.65 44.16
CA LEU A 18 -35.02 -16.42 43.87
C LEU A 18 -35.25 -15.16 43.03
N ASP A 19 -34.20 -14.38 42.75
CA ASP A 19 -34.33 -13.16 41.97
C ASP A 19 -33.33 -13.09 40.82
N LYS A 20 -32.63 -14.17 40.51
CA LYS A 20 -31.69 -14.18 39.40
C LYS A 20 -32.43 -14.03 38.08
N ILE A 21 -32.03 -13.05 37.27
CA ILE A 21 -32.73 -12.67 36.05
C ILE A 21 -31.91 -13.14 34.85
N ASP A 22 -32.61 -13.61 33.82
CA ASP A 22 -31.98 -14.00 32.56
C ASP A 22 -31.97 -12.81 31.62
N LEU A 23 -30.78 -12.25 31.38
CA LEU A 23 -30.66 -11.06 30.54
C LEU A 23 -30.91 -11.35 29.07
N SER A 24 -30.83 -12.61 28.66
CA SER A 24 -31.01 -12.97 27.26
C SER A 24 -32.45 -13.38 26.93
N TYR A 25 -33.32 -13.43 27.94
CA TYR A 25 -34.69 -13.86 27.69
C TYR A 25 -35.46 -12.79 26.92
N GLU A 26 -36.30 -13.25 25.99
CA GLU A 26 -37.16 -12.37 25.21
C GLU A 26 -38.47 -13.09 24.95
N THR A 27 -39.53 -12.30 24.77
CA THR A 27 -40.85 -12.83 24.44
C THR A 27 -41.73 -11.65 24.06
N THR A 28 -42.97 -11.96 23.68
CA THR A 28 -43.94 -10.95 23.27
C THR A 28 -45.28 -11.23 23.95
N GLU A 29 -46.20 -10.28 23.81
CA GLU A 29 -47.55 -10.49 24.34
C GLU A 29 -48.22 -11.66 23.63
N SER A 30 -48.31 -11.59 22.30
CA SER A 30 -48.92 -12.66 21.54
C SER A 30 -48.14 -13.98 21.61
N GLY A 31 -46.89 -13.95 22.06
CA GLY A 31 -46.11 -15.17 22.12
C GLY A 31 -46.02 -15.84 20.76
N ASP A 32 -46.35 -17.13 20.71
CA ASP A 32 -46.31 -17.92 19.48
C ASP A 32 -47.71 -18.24 18.99
N THR A 33 -48.63 -17.29 19.13
CA THR A 33 -50.00 -17.45 18.67
C THR A 33 -50.33 -16.62 17.44
N ALA A 34 -49.41 -15.76 17.00
CA ALA A 34 -49.60 -14.92 15.82
C ALA A 34 -50.80 -14.00 15.94
N VAL A 35 -51.32 -13.83 17.15
CA VAL A 35 -52.48 -12.97 17.36
C VAL A 35 -52.04 -11.52 17.48
N SER A 36 -52.90 -10.62 17.02
CA SER A 36 -52.66 -9.18 17.14
C SER A 36 -53.33 -8.63 18.39
N GLU A 37 -52.82 -7.49 18.85
CA GLU A 37 -53.32 -6.91 20.10
C GLU A 37 -54.82 -6.62 20.02
N ASP A 38 -55.35 -6.39 18.81
CA ASP A 38 -56.77 -6.08 18.68
C ASP A 38 -57.64 -7.29 19.00
N SER A 39 -57.22 -8.48 18.58
CA SER A 39 -57.97 -9.70 18.84
C SER A 39 -57.86 -10.14 20.29
N TYR A 40 -57.14 -9.41 21.13
CA TYR A 40 -57.05 -9.76 22.54
C TYR A 40 -58.41 -9.67 23.20
N ASP A 41 -58.69 -10.61 24.11
CA ASP A 41 -59.92 -10.60 24.90
C ASP A 41 -59.60 -9.91 26.22
N LYS A 42 -59.67 -8.58 26.18
CA LYS A 42 -59.34 -7.78 27.36
C LYS A 42 -60.52 -7.73 28.31
N TYR A 43 -60.25 -7.99 29.59
CA TYR A 43 -61.28 -7.97 30.62
C TYR A 43 -60.71 -7.29 31.86
N ALA A 44 -61.60 -7.01 32.81
CA ALA A 44 -61.25 -6.33 34.04
C ALA A 44 -61.05 -7.32 35.18
N SER A 45 -60.37 -6.88 36.23
CA SER A 45 -60.12 -7.71 37.39
C SER A 45 -61.29 -7.64 38.37
N ASN A 46 -61.61 -8.77 39.00
CA ASN A 46 -62.65 -8.84 40.02
C ASN A 46 -62.06 -8.35 41.35
N ASN A 47 -62.27 -7.08 41.65
CA ASN A 47 -61.69 -6.45 42.83
C ASN A 47 -62.67 -6.54 43.99
N THR A 48 -62.16 -6.96 45.15
CA THR A 48 -62.98 -7.23 46.33
C THR A 48 -62.25 -6.72 47.56
N ASN A 49 -62.67 -5.56 48.06
CA ASN A 49 -62.12 -4.99 49.31
C ASN A 49 -60.61 -4.80 49.22
N LYS A 50 -60.21 -3.92 48.29
CA LYS A 50 -58.81 -3.57 48.10
C LYS A 50 -57.96 -4.74 47.59
N GLU A 51 -58.60 -5.79 47.10
CA GLU A 51 -57.91 -6.97 46.55
C GLU A 51 -58.23 -7.10 45.07
N TYR A 52 -57.29 -6.73 44.21
CA TYR A 52 -57.46 -6.85 42.77
C TYR A 52 -57.05 -8.26 42.34
N VAL A 53 -57.94 -8.94 41.62
CA VAL A 53 -57.79 -10.37 41.33
C VAL A 53 -57.68 -10.58 39.82
N CYS A 54 -56.85 -11.55 39.44
CA CYS A 54 -56.74 -12.02 38.05
C CYS A 54 -56.75 -13.56 38.10
N ASP A 55 -57.93 -14.13 37.90
CA ASP A 55 -58.13 -15.57 37.97
C ASP A 55 -58.16 -16.14 36.56
N PHE A 56 -57.31 -17.13 36.29
CA PHE A 56 -57.24 -17.79 34.99
C PHE A 56 -57.75 -19.22 35.03
N THR A 57 -58.40 -19.65 36.11
CA THR A 57 -58.83 -21.03 36.22
C THR A 57 -59.81 -21.39 35.10
N ASP A 58 -60.85 -20.57 34.93
CA ASP A 58 -61.92 -20.86 33.98
C ASP A 58 -61.77 -20.06 32.70
N GLN A 59 -60.60 -19.47 32.47
CA GLN A 59 -60.34 -18.66 31.28
C GLN A 59 -59.40 -19.33 30.30
N LEU A 60 -58.51 -20.21 30.77
CA LEU A 60 -57.55 -20.87 29.92
C LEU A 60 -57.99 -22.26 29.50
N LYS A 61 -59.21 -22.65 29.83
CA LYS A 61 -59.68 -23.96 29.43
C LYS A 61 -59.70 -24.06 27.91
N PRO A 62 -59.18 -25.14 27.33
CA PRO A 62 -59.08 -25.19 25.87
C PRO A 62 -60.42 -24.99 25.19
N THR A 63 -60.38 -24.40 24.00
CA THR A 63 -61.57 -24.19 23.18
C THR A 63 -61.25 -24.54 21.74
N GLU A 64 -62.27 -24.96 21.00
CA GLU A 64 -62.08 -25.25 19.58
C GLU A 64 -61.56 -24.03 18.84
N SER A 65 -62.01 -22.83 19.24
CA SER A 65 -61.63 -21.58 18.60
C SER A 65 -60.26 -21.07 19.04
N GLY A 66 -59.52 -21.86 19.80
CA GLY A 66 -58.25 -21.42 20.34
C GLY A 66 -57.14 -21.52 19.32
N PRO A 67 -55.95 -21.03 19.73
CA PRO A 67 -55.65 -20.43 21.02
C PRO A 67 -55.98 -18.95 21.09
N LYS A 68 -56.94 -18.57 21.94
CA LYS A 68 -57.27 -17.18 22.14
C LYS A 68 -56.34 -16.57 23.18
N VAL A 69 -56.42 -15.25 23.34
CA VAL A 69 -55.56 -14.52 24.26
C VAL A 69 -56.44 -13.65 25.14
N LYS A 70 -56.45 -13.93 26.43
CA LYS A 70 -57.20 -13.17 27.42
C LYS A 70 -56.24 -12.32 28.23
N LYS A 71 -56.56 -11.03 28.35
CA LYS A 71 -55.69 -10.04 28.98
C LYS A 71 -56.38 -9.48 30.22
N CYS A 72 -55.71 -9.57 31.36
CA CYS A 72 -56.24 -9.09 32.63
C CYS A 72 -55.67 -7.69 32.88
N GLU A 73 -56.52 -6.68 32.77
CA GLU A 73 -56.10 -5.31 32.99
C GLU A 73 -56.14 -4.98 34.48
N VAL A 74 -55.07 -4.37 34.97
CA VAL A 74 -54.93 -3.97 36.36
C VAL A 74 -54.56 -2.49 36.35
N LYS A 75 -55.52 -1.64 36.69
CA LYS A 75 -55.33 -0.20 36.70
C LYS A 75 -55.18 0.28 38.13
N VAL A 76 -54.02 0.86 38.45
CA VAL A 76 -53.68 1.27 39.81
C VAL A 76 -53.55 2.79 39.86
N ASN A 77 -54.52 3.45 40.49
CA ASN A 77 -54.43 4.87 40.80
C ASN A 77 -54.63 5.11 42.30
N GLU A 78 -54.54 4.06 43.11
CA GLU A 78 -54.79 4.14 44.55
C GLU A 78 -53.73 3.33 45.28
N PRO A 79 -53.61 3.47 46.60
CA PRO A 79 -52.52 2.82 47.32
C PRO A 79 -52.88 1.50 47.99
N LEU A 80 -51.87 0.67 48.21
CA LEU A 80 -51.96 -0.54 49.05
C LEU A 80 -53.06 -1.49 48.56
N ILE A 81 -52.93 -1.93 47.32
CA ILE A 81 -53.80 -2.94 46.74
C ILE A 81 -53.12 -4.29 46.86
N LYS A 82 -53.78 -5.25 47.49
CA LYS A 82 -53.28 -6.61 47.55
C LYS A 82 -53.61 -7.30 46.23
N VAL A 83 -52.58 -7.67 45.47
CA VAL A 83 -52.73 -8.23 44.14
C VAL A 83 -52.69 -9.75 44.22
N LYS A 84 -53.63 -10.39 43.55
CA LYS A 84 -53.76 -11.85 43.52
C LYS A 84 -53.81 -12.31 42.08
N ILE A 85 -52.93 -13.24 41.72
CA ILE A 85 -52.84 -13.78 40.37
C ILE A 85 -52.87 -15.30 40.44
N ILE A 86 -53.65 -15.92 39.56
CA ILE A 86 -53.86 -17.36 39.57
C ILE A 86 -53.44 -17.95 38.23
N CYS A 87 -52.80 -19.11 38.30
CA CYS A 87 -52.38 -19.84 37.11
C CYS A 87 -52.47 -21.31 37.46
N PRO A 88 -53.57 -21.98 37.11
CA PRO A 88 -53.81 -23.34 37.62
C PRO A 88 -52.63 -24.25 37.35
N LEU A 89 -52.53 -25.28 38.20
CA LEU A 89 -51.39 -26.19 38.16
C LEU A 89 -51.63 -27.32 37.17
N LYS A 90 -50.52 -27.86 36.65
CA LYS A 90 -50.57 -29.07 35.84
C LYS A 90 -51.27 -30.19 36.61
N GLY A 91 -52.44 -30.60 36.13
CA GLY A 91 -53.19 -31.66 36.75
C GLY A 91 -54.28 -31.22 37.70
N SER A 92 -54.45 -29.91 37.91
CA SER A 92 -55.59 -29.43 38.68
C SER A 92 -56.88 -30.03 38.14
N VAL A 93 -57.03 -30.03 36.82
CA VAL A 93 -58.01 -30.85 36.13
C VAL A 93 -57.24 -31.94 35.39
N GLU A 94 -57.90 -33.08 35.19
CA GLU A 94 -57.19 -34.29 34.77
C GLU A 94 -56.30 -34.04 33.56
N LYS A 95 -56.85 -33.40 32.53
CA LYS A 95 -56.14 -33.27 31.25
C LYS A 95 -56.07 -31.85 30.70
N LEU A 96 -56.75 -30.88 31.30
CA LEU A 96 -56.91 -29.58 30.66
C LEU A 96 -55.67 -28.70 30.72
N TYR A 97 -54.72 -28.96 31.61
CA TYR A 97 -53.55 -28.11 31.77
C TYR A 97 -52.27 -28.93 31.74
N ASP A 98 -52.21 -29.95 30.88
CA ASP A 98 -51.08 -30.86 30.92
C ASP A 98 -49.80 -30.22 30.40
N ASN A 99 -49.89 -29.16 29.59
CA ASN A 99 -48.72 -28.52 29.02
C ASN A 99 -48.71 -27.03 29.31
N ILE A 100 -49.10 -26.63 30.52
CA ILE A 100 -49.15 -25.23 30.84
C ILE A 100 -47.75 -24.71 31.17
N GLU A 101 -47.58 -23.40 31.01
CA GLU A 101 -46.34 -22.72 31.35
C GLU A 101 -46.67 -21.37 31.97
N TYR A 102 -46.02 -21.07 33.09
CA TYR A 102 -46.10 -19.76 33.71
C TYR A 102 -44.73 -19.10 33.65
N VAL A 103 -44.71 -17.80 33.38
CA VAL A 103 -43.46 -17.07 33.24
C VAL A 103 -43.62 -15.66 33.78
N PRO A 104 -42.63 -15.09 34.50
CA PRO A 104 -41.34 -15.67 34.91
C PRO A 104 -41.46 -16.74 35.99
N LYS A 105 -40.59 -17.75 35.92
CA LYS A 105 -40.63 -18.84 36.89
C LYS A 105 -40.60 -18.30 38.32
N LYS A 106 -39.62 -17.45 38.63
CA LYS A 106 -39.43 -16.94 39.98
C LYS A 106 -40.22 -15.67 40.24
N SER A 107 -41.52 -15.72 39.96
CA SER A 107 -42.43 -14.62 40.20
C SER A 107 -43.02 -14.72 41.60
N PRO A 108 -43.50 -13.61 42.18
CA PRO A 108 -43.49 -12.25 41.61
C PRO A 108 -42.19 -11.49 41.87
N TYR A 109 -41.18 -12.19 42.42
CA TYR A 109 -39.88 -11.56 42.60
C TYR A 109 -39.37 -11.00 41.28
N VAL A 110 -39.48 -11.78 40.21
CA VAL A 110 -39.08 -11.36 38.87
C VAL A 110 -40.34 -11.05 38.08
N VAL A 111 -40.27 -10.03 37.23
CA VAL A 111 -41.40 -9.65 36.38
C VAL A 111 -40.87 -9.32 35.00
N LEU A 112 -41.76 -8.80 34.14
CA LEU A 112 -41.42 -8.48 32.76
C LEU A 112 -41.92 -7.08 32.39
N THR A 113 -41.09 -6.35 31.64
CA THR A 113 -41.44 -5.01 31.18
C THR A 113 -41.25 -4.92 29.67
N LYS A 114 -41.98 -4.00 29.07
CA LYS A 114 -42.02 -3.86 27.61
C LYS A 114 -40.85 -3.00 27.12
N GLU A 115 -39.78 -3.65 26.70
CA GLU A 115 -38.68 -2.97 26.02
C GLU A 115 -38.93 -3.05 24.52
N GLU A 116 -39.22 -1.90 23.90
CA GLU A 116 -39.64 -1.85 22.50
C GLU A 116 -40.98 -2.59 22.42
N THR A 117 -41.12 -3.60 21.56
CA THR A 117 -42.31 -4.43 21.54
C THR A 117 -42.10 -5.75 22.28
N LYS A 118 -40.86 -6.17 22.50
CA LYS A 118 -40.58 -7.41 23.20
C LYS A 118 -40.54 -7.17 24.71
N LEU A 119 -40.40 -8.26 25.45
CA LEU A 119 -40.34 -8.21 26.91
C LEU A 119 -39.06 -8.87 27.43
N LYS A 120 -38.54 -8.31 28.52
CA LYS A 120 -37.36 -8.86 29.19
C LYS A 120 -37.58 -8.79 30.70
N GLU A 121 -36.73 -9.52 31.43
CA GLU A 121 -36.90 -9.68 32.87
C GLU A 121 -36.42 -8.44 33.63
N LYS A 122 -37.14 -8.13 34.70
CA LYS A 122 -36.83 -7.00 35.57
C LYS A 122 -37.26 -7.35 36.99
N LEU A 123 -36.52 -6.85 37.97
CA LEU A 123 -36.86 -7.08 39.37
C LEU A 123 -37.85 -6.01 39.81
N LEU A 124 -38.93 -6.45 40.48
CA LEU A 124 -39.97 -5.52 40.87
C LEU A 124 -39.51 -4.63 42.01
N SER A 125 -38.80 -5.21 42.99
CA SER A 125 -38.28 -4.40 44.09
C SER A 125 -37.39 -3.28 43.57
N LYS A 126 -36.58 -3.56 42.55
CA LYS A 126 -35.74 -2.55 41.92
C LYS A 126 -36.55 -1.53 41.12
N LEU A 127 -37.83 -1.80 40.87
CA LEU A 127 -38.69 -0.89 40.11
C LEU A 127 -39.62 -0.07 40.99
N ILE A 128 -40.18 -0.68 42.05
CA ILE A 128 -41.06 0.00 42.99
C ILE A 128 -40.54 -0.25 44.39
N TYR A 129 -40.10 0.82 45.05
CA TYR A 129 -39.54 0.70 46.40
C TYR A 129 -40.65 0.63 47.44
N GLY A 130 -40.45 -0.21 48.45
CA GLY A 130 -41.39 -0.33 49.55
C GLY A 130 -42.55 -1.26 49.32
N LEU A 131 -42.41 -2.25 48.45
CA LEU A 131 -43.47 -3.20 48.15
C LEU A 131 -43.28 -4.46 48.99
N LEU A 132 -44.38 -5.02 49.46
CA LEU A 132 -44.35 -6.19 50.34
C LEU A 132 -44.64 -7.46 49.54
N ILE A 133 -43.76 -8.45 49.66
CA ILE A 133 -43.91 -9.74 49.00
C ILE A 133 -43.72 -10.81 50.08
N SER A 134 -44.80 -11.15 50.78
CA SER A 134 -44.76 -12.23 51.76
C SER A 134 -44.39 -13.54 51.07
N PRO A 135 -43.31 -14.20 51.48
CA PRO A 135 -42.89 -15.42 50.78
C PRO A 135 -43.85 -16.60 50.94
N THR A 136 -44.95 -16.45 51.68
CA THR A 136 -45.86 -17.55 51.91
C THR A 136 -47.29 -17.05 51.86
N VAL A 137 -48.14 -17.77 51.12
CA VAL A 137 -49.57 -17.52 51.05
C VAL A 137 -50.28 -18.76 51.58
N ASN A 138 -51.16 -18.56 52.57
CA ASN A 138 -51.90 -19.65 53.19
C ASN A 138 -50.94 -20.78 53.59
N GLU A 139 -49.85 -20.40 54.23
CA GLU A 139 -48.82 -21.28 54.77
C GLU A 139 -47.93 -21.86 53.68
N LYS A 140 -48.21 -21.62 52.40
CA LYS A 140 -47.47 -22.22 51.31
C LYS A 140 -46.74 -21.14 50.52
N GLU A 141 -45.70 -21.57 49.81
CA GLU A 141 -44.80 -20.67 49.09
C GLU A 141 -45.54 -19.74 48.15
N ASN A 142 -44.93 -18.59 47.85
CA ASN A 142 -45.51 -17.59 46.95
C ASN A 142 -44.89 -17.78 45.56
N ASN A 143 -45.40 -18.77 44.84
CA ASN A 143 -44.94 -19.05 43.49
C ASN A 143 -45.99 -19.87 42.75
N PHE A 144 -45.99 -19.75 41.43
CA PHE A 144 -46.94 -20.51 40.62
C PHE A 144 -46.82 -22.01 40.85
N LYS A 145 -45.68 -22.48 41.36
CA LYS A 145 -45.56 -23.89 41.70
C LYS A 145 -46.67 -24.33 42.65
N GLU A 146 -47.00 -23.47 43.62
CA GLU A 146 -48.10 -23.73 44.54
C GLU A 146 -49.44 -23.23 44.00
N GLY A 147 -49.46 -22.62 42.82
CA GLY A 147 -50.68 -22.36 42.10
C GLY A 147 -51.10 -20.90 42.08
N VAL A 148 -50.54 -20.07 42.96
CA VAL A 148 -50.97 -18.69 43.12
C VAL A 148 -49.82 -17.86 43.64
N ILE A 149 -49.88 -16.55 43.38
CA ILE A 149 -48.89 -15.62 43.87
C ILE A 149 -49.62 -14.37 44.35
N GLU A 150 -49.08 -13.75 45.40
CA GLU A 150 -49.65 -12.55 45.99
C GLU A 150 -48.55 -11.53 46.23
N PHE A 151 -48.96 -10.27 46.38
CA PHE A 151 -48.06 -9.21 46.78
C PHE A 151 -48.87 -7.96 47.06
N THR A 152 -48.45 -7.21 48.08
CA THR A 152 -49.16 -6.00 48.50
C THR A 152 -48.38 -4.78 48.03
N LEU A 153 -49.09 -3.80 47.50
CA LEU A 153 -48.45 -2.63 46.90
C LEU A 153 -47.97 -1.66 47.97
N PRO A 154 -47.14 -0.69 47.58
CA PRO A 154 -46.73 0.38 48.52
C PRO A 154 -47.79 1.46 48.61
N PRO A 155 -47.63 2.41 49.54
CA PRO A 155 -48.63 3.49 49.68
C PRO A 155 -48.42 4.68 48.75
N VAL A 156 -47.33 4.75 47.99
CA VAL A 156 -47.08 5.88 47.09
C VAL A 156 -46.23 5.40 45.93
N VAL A 157 -46.41 6.06 44.78
CA VAL A 157 -45.63 5.78 43.58
C VAL A 157 -45.38 7.10 42.86
N HIS A 158 -44.13 7.33 42.46
CA HIS A 158 -43.75 8.57 41.81
C HIS A 158 -43.96 8.52 40.30
N LYS A 159 -43.50 7.45 39.66
CA LYS A 159 -43.55 7.33 38.21
C LYS A 159 -44.41 6.13 37.82
N ALA A 160 -45.15 6.28 36.72
CA ALA A 160 -45.93 5.19 36.19
C ALA A 160 -45.04 4.01 35.84
N THR A 161 -45.44 2.82 36.26
CA THR A 161 -44.66 1.60 36.07
C THR A 161 -45.56 0.53 35.47
N VAL A 162 -45.10 -0.08 34.38
CA VAL A 162 -45.88 -1.09 33.64
C VAL A 162 -45.05 -2.35 33.53
N PHE A 163 -45.61 -3.47 34.02
CA PHE A 163 -44.96 -4.77 33.92
C PHE A 163 -46.04 -5.82 33.67
N TYR A 164 -45.59 -7.01 33.27
CA TYR A 164 -46.49 -8.05 32.79
C TYR A 164 -46.18 -9.38 33.48
N PHE A 165 -47.18 -10.25 33.48
CA PHE A 165 -47.05 -11.64 33.89
C PHE A 165 -47.55 -12.55 32.78
N ILE A 166 -47.19 -13.83 32.85
CA ILE A 166 -47.52 -14.79 31.80
C ILE A 166 -48.09 -16.06 32.43
N CYS A 167 -49.10 -16.62 31.77
CA CYS A 167 -49.72 -17.88 32.19
C CYS A 167 -50.30 -18.50 30.93
N ASP A 168 -49.50 -19.36 30.29
CA ASP A 168 -49.79 -19.83 28.93
C ASP A 168 -50.24 -21.28 28.99
N ASN A 169 -51.43 -21.55 28.46
CA ASN A 169 -51.95 -22.90 28.29
C ASN A 169 -52.11 -23.27 26.83
N SER A 170 -51.57 -22.45 25.91
CA SER A 170 -51.76 -22.71 24.49
C SER A 170 -51.13 -24.04 24.08
N LYS A 171 -49.97 -24.35 24.65
CA LYS A 171 -49.30 -25.60 24.31
C LYS A 171 -50.11 -26.83 24.69
N THR A 172 -51.17 -26.70 25.48
CA THR A 172 -52.03 -27.82 25.84
C THR A 172 -53.14 -27.97 24.81
N GLU A 173 -53.50 -29.22 24.52
CA GLU A 173 -54.57 -29.51 23.57
C GLU A 173 -55.47 -30.58 24.13
N ASP A 174 -56.77 -30.40 23.97
CA ASP A 174 -57.80 -31.39 24.30
C ASP A 174 -58.50 -31.67 22.97
N ASP A 175 -58.01 -32.67 22.25
CA ASP A 175 -58.49 -32.97 20.89
C ASP A 175 -58.52 -31.70 20.04
N ASN A 176 -59.67 -31.32 19.46
CA ASN A 176 -59.68 -30.15 18.57
C ASN A 176 -59.52 -28.84 19.32
N LYS A 177 -59.76 -28.83 20.63
CA LYS A 177 -59.63 -27.62 21.43
C LYS A 177 -58.16 -27.32 21.74
N LYS A 178 -57.92 -26.08 22.16
CA LYS A 178 -56.58 -25.63 22.52
C LYS A 178 -56.68 -24.56 23.59
N GLY A 179 -55.74 -24.58 24.52
CA GLY A 179 -55.69 -23.59 25.58
C GLY A 179 -55.34 -22.21 25.06
N ASN A 180 -55.28 -21.28 26.00
CA ASN A 180 -55.07 -19.87 25.70
C ASN A 180 -53.82 -19.36 26.40
N ARG A 181 -53.40 -18.15 26.01
CA ARG A 181 -52.23 -17.48 26.59
C ARG A 181 -52.75 -16.36 27.48
N GLY A 182 -52.55 -16.50 28.78
CA GLY A 182 -53.00 -15.50 29.74
C GLY A 182 -51.89 -14.52 30.07
N ILE A 183 -52.25 -13.24 30.12
CA ILE A 183 -51.33 -12.16 30.42
C ILE A 183 -52.02 -11.15 31.33
N VAL A 184 -51.24 -10.55 32.21
CA VAL A 184 -51.74 -9.54 33.15
C VAL A 184 -50.93 -8.28 32.94
N GLU A 185 -51.59 -7.20 32.54
CA GLU A 185 -50.96 -5.89 32.38
C GLU A 185 -51.27 -5.04 33.61
N VAL A 186 -50.25 -4.39 34.13
CA VAL A 186 -50.36 -3.56 35.32
C VAL A 186 -49.93 -2.15 34.95
N TYR A 187 -50.90 -1.25 34.76
CA TYR A 187 -50.63 0.13 34.39
C TYR A 187 -50.77 0.99 35.66
N VAL A 188 -49.65 1.24 36.31
CA VAL A 188 -49.63 2.03 37.54
C VAL A 188 -49.60 3.51 37.18
N GLU A 189 -50.45 4.30 37.83
CA GLU A 189 -50.50 5.74 37.66
C GLU A 189 -49.87 6.44 38.85
N PRO A 190 -49.22 7.58 38.65
CA PRO A 190 -48.63 8.30 39.79
C PRO A 190 -49.69 8.67 40.83
N TYR A 191 -49.51 8.17 42.05
CA TYR A 191 -50.44 8.44 43.13
C TYR A 191 -49.66 8.72 44.41
N GLY A 192 -50.23 9.60 45.24
CA GLY A 192 -49.62 9.96 46.51
C GLY A 192 -48.41 10.86 46.34
N ASN A 193 -47.81 11.20 47.48
CA ASN A 193 -46.64 12.09 47.50
C ASN A 193 -45.53 11.58 48.40
N LYS A 194 -45.82 11.42 49.70
CA LYS A 194 -44.82 10.98 50.66
C LYS A 194 -45.49 10.24 51.81
N ILE A 195 -44.69 9.81 52.77
CA ILE A 195 -45.15 9.03 53.92
C ILE A 195 -45.13 9.93 55.15
N ASN A 196 -46.22 9.89 55.92
CA ASN A 196 -46.25 10.50 57.25
C ASN A 196 -45.53 9.55 58.20
N GLY A 197 -44.22 9.59 58.17
CA GLY A 197 -43.40 8.68 58.95
C GLY A 197 -41.99 9.17 59.15
N CYS A 198 -41.06 8.22 59.29
CA CYS A 198 -39.66 8.51 59.55
C CYS A 198 -38.80 7.58 58.72
N ALA A 199 -37.55 7.99 58.50
CA ALA A 199 -36.58 7.25 57.72
C ALA A 199 -35.31 7.09 58.56
N PHE A 200 -35.08 5.88 59.06
CA PHE A 200 -33.92 5.60 59.88
C PHE A 200 -32.75 5.20 58.97
N LEU A 201 -31.67 5.97 59.03
CA LEU A 201 -30.52 5.77 58.16
C LEU A 201 -29.29 5.34 58.97
N GLU A 221 -30.42 4.37 44.00
CA GLU A 221 -30.14 3.20 44.83
C GLU A 221 -30.56 3.45 46.28
N LYS A 222 -29.89 4.40 46.93
CA LYS A 222 -30.20 4.77 48.31
C LYS A 222 -31.14 5.96 48.41
N ILE A 223 -31.44 6.62 47.29
CA ILE A 223 -32.25 7.83 47.32
C ILE A 223 -33.69 7.51 47.69
N LYS A 224 -34.24 6.44 47.11
CA LYS A 224 -35.65 6.14 47.34
C LYS A 224 -35.95 5.95 48.82
N MET A 225 -34.92 5.75 49.65
CA MET A 225 -35.10 5.74 51.09
C MET A 225 -35.40 7.15 51.60
N LYS A 226 -34.71 8.15 51.03
CA LYS A 226 -34.79 9.51 51.52
C LYS A 226 -35.99 10.27 50.97
N THR A 227 -36.48 9.91 49.79
CA THR A 227 -37.53 10.66 49.12
C THR A 227 -38.93 10.10 49.41
N PHE A 228 -39.08 9.29 50.45
CA PHE A 228 -40.35 8.68 50.77
C PHE A 228 -40.90 9.05 52.15
N PHE A 229 -40.10 9.69 53.01
CA PHE A 229 -40.54 10.03 54.35
C PHE A 229 -40.39 11.52 54.61
N THR A 230 -41.17 12.00 55.58
CA THR A 230 -41.13 13.40 55.96
C THR A 230 -39.97 13.72 56.90
N GLN A 231 -39.53 12.75 57.68
CA GLN A 231 -38.46 12.93 58.66
C GLN A 231 -37.40 11.86 58.47
N ASN A 232 -36.13 12.27 58.56
CA ASN A 232 -35.00 11.35 58.47
C ASN A 232 -34.27 11.31 59.81
N ILE A 233 -33.89 10.10 60.22
CA ILE A 233 -33.25 9.85 61.50
C ILE A 233 -31.89 9.23 61.23
N TYR A 234 -30.84 9.97 61.55
CA TYR A 234 -29.47 9.51 61.34
C TYR A 234 -28.92 8.83 62.58
N LYS A 235 -28.03 7.87 62.37
CA LYS A 235 -27.59 6.99 63.45
C LYS A 235 -26.58 7.67 64.37
N LYS A 236 -25.57 8.31 63.79
CA LYS A 236 -24.46 8.81 64.61
C LYS A 236 -24.92 9.91 65.55
N ASN A 237 -25.54 10.96 65.02
CA ASN A 237 -25.97 12.11 65.81
C ASN A 237 -27.39 12.49 65.42
N ASN A 238 -28.36 12.07 66.22
CA ASN A 238 -29.76 12.40 66.03
C ASN A 238 -30.20 13.39 67.10
N ILE A 239 -31.00 14.37 66.70
CA ILE A 239 -31.54 15.35 67.63
C ILE A 239 -32.98 14.95 67.96
N TYR A 240 -33.85 15.05 66.99
CA TYR A 240 -35.26 14.78 67.20
C TYR A 240 -35.53 13.29 67.00
N PRO A 241 -36.24 12.62 67.92
CA PRO A 241 -36.61 11.22 67.67
C PRO A 241 -37.69 11.14 66.60
N CYS A 242 -38.13 9.93 66.27
CA CYS A 242 -39.18 9.78 65.27
C CYS A 242 -40.47 10.40 65.79
N TYR A 243 -41.27 10.93 64.85
CA TYR A 243 -42.48 11.65 65.22
C TYR A 243 -43.35 11.72 63.95
N MET A 244 -44.31 10.80 63.85
CA MET A 244 -45.17 10.70 62.68
C MET A 244 -46.57 11.17 63.03
N LYS A 245 -47.08 12.11 62.24
CA LYS A 245 -48.37 12.74 62.47
C LYS A 245 -49.39 12.17 61.48
N LEU A 246 -50.62 12.00 61.94
CA LEU A 246 -51.65 11.33 61.14
C LEU A 246 -53.00 12.01 61.34
N TYR A 247 -53.93 11.67 60.46
CA TYR A 247 -55.31 12.14 60.58
C TYR A 247 -56.23 10.97 60.19
N SER A 248 -57.52 11.27 60.00
CA SER A 248 -58.50 10.28 59.60
C SER A 248 -58.41 10.03 58.09
N GLY A 249 -57.98 8.83 57.72
CA GLY A 249 -57.88 8.45 56.33
C GLY A 249 -56.51 8.62 55.71
N ASP A 250 -55.50 8.99 56.49
CA ASP A 250 -54.14 9.13 56.02
C ASP A 250 -53.35 7.88 56.38
N ILE A 251 -52.17 7.76 55.79
CA ILE A 251 -51.32 6.58 55.97
C ILE A 251 -49.89 7.02 56.27
N GLY A 252 -49.23 6.21 57.11
CA GLY A 252 -47.84 6.44 57.45
C GLY A 252 -47.06 5.15 57.41
N GLY A 253 -45.75 5.27 57.59
CA GLY A 253 -44.89 4.10 57.53
C GLY A 253 -43.55 4.41 58.14
N ILE A 254 -42.71 3.37 58.22
CA ILE A 254 -41.39 3.47 58.81
C ILE A 254 -40.41 2.65 58.00
N LEU A 255 -39.19 3.16 57.86
CA LEU A 255 -38.09 2.44 57.22
C LEU A 255 -37.13 2.07 58.37
N PHE A 256 -37.29 0.87 58.90
CA PHE A 256 -36.51 0.47 60.06
C PHE A 256 -35.04 0.32 59.70
N PRO A 257 -34.15 0.42 60.69
CA PRO A 257 -32.71 0.46 60.39
C PRO A 257 -32.14 -0.86 59.92
N LYS A 258 -30.84 -0.85 59.58
CA LYS A 258 -30.16 -2.03 59.10
C LYS A 258 -29.68 -2.93 60.23
N ASN A 259 -29.55 -2.38 61.43
CA ASN A 259 -29.08 -3.15 62.58
C ASN A 259 -30.18 -3.18 63.64
N ILE A 260 -31.38 -3.57 63.22
CA ILE A 260 -32.54 -3.57 64.11
C ILE A 260 -32.58 -4.88 64.88
N LYS A 261 -32.86 -4.77 66.19
CA LYS A 261 -33.02 -5.92 67.06
C LYS A 261 -34.50 -6.29 67.26
N SER A 262 -35.32 -5.32 67.64
CA SER A 262 -36.76 -5.54 67.80
C SER A 262 -37.48 -4.23 67.61
N THR A 263 -38.81 -4.30 67.48
CA THR A 263 -39.63 -3.13 67.28
C THR A 263 -41.00 -3.35 67.89
N THR A 264 -41.57 -2.28 68.45
CA THR A 264 -42.86 -2.35 69.12
C THR A 264 -43.83 -1.28 68.62
N CYS A 265 -43.66 -0.76 67.40
CA CYS A 265 -44.40 0.42 66.98
C CYS A 265 -45.71 0.06 66.29
N PHE A 266 -46.01 -1.21 66.17
CA PHE A 266 -47.34 -1.67 65.79
C PHE A 266 -47.72 -2.94 66.54
N GLU A 267 -46.80 -3.51 67.34
CA GLU A 267 -47.11 -4.63 68.19
C GLU A 267 -47.40 -4.25 69.63
N GLU A 268 -46.83 -3.14 70.12
CA GLU A 268 -47.00 -2.75 71.52
C GLU A 268 -46.91 -1.23 71.62
N MET A 269 -48.07 -0.56 71.62
CA MET A 269 -48.09 0.90 71.72
C MET A 269 -48.47 1.31 73.14
N ILE A 270 -47.92 2.45 73.57
CA ILE A 270 -48.13 2.98 74.90
C ILE A 270 -48.51 4.46 74.82
N PRO A 271 -49.52 4.93 75.53
CA PRO A 271 -49.86 6.36 75.51
C PRO A 271 -49.10 7.08 76.63
N TYR A 272 -49.18 8.42 76.57
CA TYR A 272 -48.58 9.25 77.61
C TYR A 272 -49.45 10.48 77.84
N ASN A 273 -49.13 11.20 78.92
CA ASN A 273 -49.93 12.33 79.37
C ASN A 273 -51.31 11.83 79.77
N LYS A 274 -52.35 12.20 79.02
CA LYS A 274 -53.71 11.87 79.42
C LYS A 274 -54.69 11.98 78.26
N GLU A 275 -54.71 10.99 77.37
CA GLU A 275 -55.75 10.92 76.35
C GLU A 275 -56.94 10.07 76.81
N ILE A 276 -56.67 8.86 77.29
CA ILE A 276 -57.71 7.93 77.75
C ILE A 276 -57.08 6.99 78.77
N LYS A 277 -57.91 6.48 79.67
CA LYS A 277 -57.42 5.47 80.61
C LYS A 277 -56.91 4.27 79.81
N TRP A 278 -55.75 3.76 80.22
CA TRP A 278 -55.00 2.81 79.41
C TRP A 278 -55.16 1.37 79.88
N ASN A 279 -55.24 0.46 78.91
CA ASN A 279 -55.23 -0.99 79.13
C ASN A 279 -53.81 -1.50 78.86
N LYS A 280 -53.19 -2.12 79.87
CA LYS A 280 -51.79 -2.52 79.73
C LYS A 280 -51.58 -3.61 78.70
N GLU A 281 -52.63 -4.19 78.14
CA GLU A 281 -52.51 -5.25 77.14
C GLU A 281 -53.02 -4.86 75.76
N ASN A 282 -53.97 -3.94 75.65
CA ASN A 282 -54.47 -3.48 74.35
C ASN A 282 -53.46 -2.50 73.73
N LYS A 283 -52.29 -3.04 73.41
CA LYS A 283 -51.17 -2.24 72.92
C LYS A 283 -50.84 -2.51 71.45
N SER A 284 -51.37 -3.59 70.88
CA SER A 284 -51.24 -3.81 69.45
C SER A 284 -52.15 -2.84 68.70
N LEU A 285 -51.66 -2.33 67.57
CA LEU A 285 -52.45 -1.35 66.82
C LEU A 285 -53.82 -1.90 66.46
N GLY A 286 -53.92 -3.21 66.22
CA GLY A 286 -55.23 -3.81 65.98
C GLY A 286 -56.09 -3.83 67.22
N ASN A 287 -55.47 -4.00 68.39
CA ASN A 287 -56.21 -4.00 69.65
C ASN A 287 -56.50 -2.59 70.16
N LEU A 288 -55.88 -1.55 69.58
CA LEU A 288 -56.12 -0.19 70.02
C LEU A 288 -57.24 0.49 69.26
N VAL A 289 -57.33 0.27 67.96
CA VAL A 289 -58.35 0.88 67.11
C VAL A 289 -59.05 -0.21 66.33
N ASN A 290 -60.36 -0.32 66.51
CA ASN A 290 -61.15 -1.28 65.76
C ASN A 290 -61.15 -0.91 64.28
N ASN A 291 -60.99 -1.91 63.42
CA ASN A 291 -60.97 -1.73 61.97
C ASN A 291 -59.71 -1.02 61.49
N SER A 292 -58.64 -1.07 62.26
CA SER A 292 -57.34 -0.55 61.83
C SER A 292 -56.65 -1.59 60.96
N VAL A 293 -55.48 -1.25 60.43
CA VAL A 293 -54.77 -2.12 59.50
C VAL A 293 -53.27 -2.05 59.77
N VAL A 294 -52.60 -3.19 59.60
CA VAL A 294 -51.15 -3.29 59.68
C VAL A 294 -50.67 -4.20 58.54
N TYR A 295 -49.52 -3.86 57.97
CA TYR A 295 -48.95 -4.63 56.88
C TYR A 295 -47.54 -5.07 57.24
N ASN A 296 -47.22 -6.33 56.99
CA ASN A 296 -45.91 -6.89 57.30
C ASN A 296 -45.61 -6.80 58.79
N LYS A 297 -46.61 -7.11 59.62
CA LYS A 297 -46.42 -7.01 61.06
C LYS A 297 -45.25 -7.88 61.53
N GLU A 298 -44.99 -8.98 60.84
CA GLU A 298 -43.93 -9.91 61.23
C GLU A 298 -42.57 -9.57 60.61
N MET A 299 -42.52 -8.57 59.73
CA MET A 299 -41.26 -8.17 59.08
C MET A 299 -40.61 -9.35 58.35
N ASN A 300 -41.44 -10.20 57.75
CA ASN A 300 -40.96 -11.37 57.03
C ASN A 300 -40.66 -11.06 55.57
N ALA A 301 -41.08 -9.90 55.07
CA ALA A 301 -40.81 -9.52 53.69
C ALA A 301 -39.31 -9.64 53.39
N LYS A 302 -39.02 -9.97 52.13
CA LYS A 302 -37.66 -10.35 51.77
C LYS A 302 -36.77 -9.15 51.46
N TYR A 303 -37.28 -8.15 50.73
CA TYR A 303 -36.41 -7.10 50.23
C TYR A 303 -36.13 -6.02 51.26
N PHE A 304 -37.17 -5.54 51.95
CA PHE A 304 -37.05 -4.44 52.88
C PHE A 304 -37.64 -4.81 54.23
N ASN A 305 -37.05 -4.25 55.29
CA ASN A 305 -37.55 -4.39 56.66
C ASN A 305 -38.42 -3.17 56.94
N VAL A 306 -39.71 -3.30 56.63
CA VAL A 306 -40.64 -2.17 56.62
C VAL A 306 -41.99 -2.62 57.17
N GLN A 307 -42.77 -1.64 57.66
CA GLN A 307 -44.13 -1.87 58.12
C GLN A 307 -44.99 -0.66 57.76
N TYR A 308 -46.27 -0.92 57.49
CA TYR A 308 -47.23 0.10 57.10
C TYR A 308 -48.50 -0.02 57.93
N VAL A 309 -49.38 0.97 57.79
CA VAL A 309 -50.65 1.01 58.49
C VAL A 309 -51.65 1.82 57.68
N HIS A 310 -52.93 1.68 58.02
CA HIS A 310 -54.00 2.44 57.40
C HIS A 310 -55.02 2.85 58.45
N ILE A 311 -55.61 4.02 58.25
CA ILE A 311 -56.61 4.59 59.15
C ILE A 311 -57.96 4.50 58.45
N PRO A 312 -58.94 3.78 59.01
CA PRO A 312 -60.26 3.74 58.38
C PRO A 312 -60.90 5.12 58.37
N THR A 313 -61.73 5.38 57.36
CA THR A 313 -62.42 6.65 57.26
C THR A 313 -63.47 6.83 58.34
N SER A 314 -63.73 5.80 59.15
CA SER A 314 -64.71 5.87 60.22
C SER A 314 -64.09 6.26 61.56
N TYR A 315 -62.76 6.25 61.67
CA TYR A 315 -62.09 6.57 62.92
C TYR A 315 -61.99 8.09 63.04
N LYS A 316 -62.88 8.67 63.84
CA LYS A 316 -62.92 10.11 64.07
C LYS A 316 -62.48 10.49 65.49
N ASP A 317 -61.86 9.56 66.22
CA ASP A 317 -61.40 9.83 67.57
C ASP A 317 -59.93 10.25 67.55
N THR A 318 -59.59 11.16 68.47
CA THR A 318 -58.22 11.64 68.60
C THR A 318 -57.45 10.72 69.54
N LEU A 319 -56.17 10.53 69.24
CA LEU A 319 -55.33 9.67 70.08
C LEU A 319 -53.86 9.97 69.81
N ASN A 320 -53.07 9.93 70.87
CA ASN A 320 -51.63 10.18 70.81
C ASN A 320 -50.94 9.08 71.60
N LEU A 321 -49.99 8.40 70.96
CA LEU A 321 -49.33 7.24 71.53
C LEU A 321 -47.83 7.34 71.32
N PHE A 322 -47.12 6.38 71.90
CA PHE A 322 -45.67 6.30 71.77
C PHE A 322 -45.27 4.86 71.51
N CYS A 323 -44.05 4.68 71.03
CA CYS A 323 -43.48 3.34 70.88
C CYS A 323 -41.97 3.49 70.75
N SER A 324 -41.27 2.36 70.85
CA SER A 324 -39.82 2.35 70.83
C SER A 324 -39.32 1.31 69.85
N ILE A 325 -38.01 1.35 69.61
CA ILE A 325 -37.32 0.42 68.71
C ILE A 325 -36.04 0.02 69.41
N ILE A 326 -35.50 -1.14 69.01
CA ILE A 326 -34.28 -1.66 69.59
C ILE A 326 -33.22 -1.77 68.51
N LEU A 327 -31.97 -1.87 68.95
CA LEU A 327 -30.82 -1.97 68.09
C LEU A 327 -29.95 -3.14 68.55
N LYS A 328 -29.10 -3.62 67.64
CA LYS A 328 -28.25 -4.76 67.97
C LYS A 328 -27.19 -4.39 69.00
N GLU A 329 -26.80 -3.13 69.08
CA GLU A 329 -25.81 -2.68 70.05
C GLU A 329 -24.47 -3.37 69.84
N SER A 336 -30.09 -1.78 75.94
CA SER A 336 -29.86 -1.82 74.51
C SER A 336 -30.17 -0.47 73.88
N THR A 337 -29.25 0.04 73.06
CA THR A 337 -29.44 1.33 72.40
C THR A 337 -30.77 1.34 71.65
N SER A 338 -31.72 2.14 72.14
CA SER A 338 -33.07 2.21 71.60
C SER A 338 -33.40 3.61 71.10
N TYR A 339 -34.17 3.67 70.01
CA TYR A 339 -34.76 4.91 69.53
C TYR A 339 -36.23 4.92 69.94
N LEU A 340 -36.86 6.10 69.82
CA LEU A 340 -38.26 6.24 70.17
C LEU A 340 -39.05 6.78 68.97
N VAL A 341 -40.36 6.55 69.02
CA VAL A 341 -41.29 6.98 67.97
C VAL A 341 -42.58 7.49 68.61
N TYR A 342 -43.13 8.55 68.05
CA TYR A 342 -44.38 9.14 68.52
C TYR A 342 -45.46 8.98 67.46
N VAL A 343 -46.71 8.93 67.91
CA VAL A 343 -47.87 8.78 67.05
C VAL A 343 -48.93 9.78 67.47
N SER A 344 -49.57 10.41 66.49
CA SER A 344 -50.67 11.34 66.72
C SER A 344 -51.71 11.17 65.62
N ILE A 345 -52.97 11.05 66.01
CA ILE A 345 -54.07 10.81 65.09
C ILE A 345 -55.16 11.83 65.38
N ASN A 346 -55.55 12.60 64.35
CA ASN A 346 -56.61 13.59 64.47
C ASN A 346 -56.28 14.65 65.53
N GLU A 347 -54.99 14.86 65.78
CA GLU A 347 -54.53 15.82 66.79
C GLU A 347 -54.76 17.23 66.25
N GLY A 348 -55.99 17.72 66.43
CA GLY A 348 -56.37 19.04 65.98
C GLY A 348 -57.33 19.73 66.92
N GLN B 3 -42.59 -51.18 26.60
CA GLN B 3 -42.65 -51.09 25.11
C GLN B 3 -44.08 -50.79 24.66
N VAL B 4 -44.24 -49.79 23.81
CA VAL B 4 -45.54 -49.39 23.29
C VAL B 4 -45.72 -50.05 21.92
N GLN B 5 -46.90 -50.64 21.69
CA GLN B 5 -47.17 -51.33 20.45
C GLN B 5 -48.62 -51.13 20.04
N LEU B 6 -48.83 -50.74 18.77
CA LEU B 6 -50.16 -50.67 18.18
C LEU B 6 -50.27 -51.74 17.10
N VAL B 7 -51.38 -52.48 17.12
CA VAL B 7 -51.58 -53.64 16.25
C VAL B 7 -52.95 -53.54 15.62
N GLU B 8 -52.99 -53.54 14.29
CA GLU B 8 -54.24 -53.53 13.54
C GLU B 8 -54.68 -54.96 13.23
N SER B 9 -55.95 -55.10 12.84
CA SER B 9 -56.48 -56.39 12.45
C SER B 9 -57.78 -56.18 11.69
N GLY B 10 -58.25 -57.25 11.04
CA GLY B 10 -59.52 -57.24 10.36
C GLY B 10 -59.46 -56.91 8.87
N GLY B 11 -58.31 -56.49 8.36
CA GLY B 11 -58.19 -56.13 6.97
C GLY B 11 -58.23 -57.33 6.04
N GLY B 12 -58.23 -57.03 4.75
CA GLY B 12 -58.29 -58.06 3.72
C GLY B 12 -58.87 -57.49 2.44
N VAL B 13 -59.46 -58.38 1.64
CA VAL B 13 -60.04 -58.02 0.35
C VAL B 13 -61.55 -58.13 0.43
N VAL B 14 -62.24 -57.14 -0.14
CA VAL B 14 -63.69 -57.14 -0.25
C VAL B 14 -64.04 -56.43 -1.55
N GLN B 15 -65.18 -56.79 -2.11
CA GLN B 15 -65.66 -56.19 -3.35
C GLN B 15 -66.65 -55.07 -3.04
N PRO B 16 -66.89 -54.17 -3.99
CA PRO B 16 -67.72 -52.99 -3.70
C PRO B 16 -69.02 -53.33 -3.00
N GLY B 17 -69.44 -52.44 -2.10
CA GLY B 17 -70.61 -52.62 -1.28
C GLY B 17 -70.39 -53.46 -0.04
N GLY B 18 -69.25 -54.13 0.10
CA GLY B 18 -69.02 -54.98 1.24
C GLY B 18 -68.82 -54.20 2.53
N SER B 19 -68.78 -54.95 3.64
CA SER B 19 -68.59 -54.38 4.96
C SER B 19 -67.29 -54.93 5.53
N LEU B 20 -66.79 -54.25 6.57
CA LEU B 20 -65.54 -54.66 7.19
C LEU B 20 -65.34 -53.88 8.48
N ARG B 21 -64.95 -54.57 9.53
CA ARG B 21 -64.66 -53.95 10.82
C ARG B 21 -63.16 -54.10 11.10
N LEU B 22 -62.51 -52.99 11.38
CA LEU B 22 -61.09 -52.96 11.67
C LEU B 22 -60.89 -52.66 13.14
N SER B 23 -59.86 -53.27 13.73
CA SER B 23 -59.55 -53.12 15.15
C SER B 23 -58.11 -52.64 15.30
N CYS B 24 -57.94 -51.51 15.97
CA CYS B 24 -56.63 -50.97 16.34
C CYS B 24 -56.46 -51.22 17.83
N THR B 25 -55.47 -52.03 18.18
CA THR B 25 -55.27 -52.46 19.56
C THR B 25 -53.89 -52.05 20.04
N ALA B 26 -53.84 -51.42 21.20
CA ALA B 26 -52.60 -50.93 21.80
C ALA B 26 -52.24 -51.80 23.00
N SER B 27 -50.94 -51.89 23.27
CA SER B 27 -50.46 -52.59 24.44
C SER B 27 -49.21 -51.88 24.94
N GLY B 28 -49.00 -51.94 26.25
CA GLY B 28 -47.86 -51.28 26.86
C GLY B 28 -48.13 -49.88 27.33
N LEU B 29 -49.38 -49.46 27.36
CA LEU B 29 -49.74 -48.10 27.74
C LEU B 29 -51.12 -48.10 28.35
N ILE B 30 -51.46 -47.01 29.03
CA ILE B 30 -52.80 -46.82 29.60
C ILE B 30 -53.71 -46.39 28.45
N PHE B 31 -54.55 -47.31 27.98
CA PHE B 31 -55.24 -47.08 26.71
C PHE B 31 -56.36 -46.05 26.84
N ASN B 32 -57.05 -46.04 27.98
CA ASN B 32 -58.18 -45.15 28.18
C ASN B 32 -57.76 -43.71 28.47
N LYS B 33 -56.54 -43.32 28.09
CA LYS B 33 -56.06 -41.97 28.34
C LYS B 33 -55.49 -41.31 27.08
N TYR B 34 -55.60 -41.95 25.92
CA TYR B 34 -55.04 -41.44 24.68
C TYR B 34 -56.09 -41.54 23.58
N GLY B 35 -56.16 -40.50 22.76
CA GLY B 35 -57.01 -40.55 21.58
C GLY B 35 -56.43 -41.44 20.50
N ILE B 36 -57.30 -41.87 19.59
CA ILE B 36 -56.94 -42.79 18.53
C ILE B 36 -57.31 -42.18 17.19
N TYR B 37 -56.44 -42.42 16.19
CA TYR B 37 -56.59 -41.85 14.86
C TYR B 37 -56.37 -42.94 13.82
N TRP B 38 -57.15 -42.90 12.74
CA TRP B 38 -57.00 -43.80 11.61
C TRP B 38 -56.50 -43.02 10.40
N VAL B 39 -55.41 -43.51 9.79
CA VAL B 39 -54.82 -42.86 8.63
C VAL B 39 -54.56 -43.91 7.55
N ARG B 40 -54.90 -43.57 6.31
CA ARG B 40 -54.70 -44.45 5.18
C ARG B 40 -53.71 -43.85 4.20
N GLN B 41 -53.06 -44.72 3.43
CA GLN B 41 -52.04 -44.29 2.47
C GLN B 41 -52.22 -45.09 1.19
N ALA B 42 -52.72 -44.44 0.15
CA ALA B 42 -52.79 -45.09 -1.15
C ALA B 42 -51.38 -45.28 -1.70
N PRO B 43 -51.03 -46.48 -2.18
CA PRO B 43 -49.65 -46.70 -2.65
C PRO B 43 -49.25 -45.72 -3.73
N GLY B 44 -48.08 -45.12 -3.56
CA GLY B 44 -47.60 -44.09 -4.47
C GLY B 44 -48.20 -42.72 -4.24
N LYS B 45 -49.06 -42.57 -3.24
CA LYS B 45 -49.66 -41.29 -2.89
C LYS B 45 -49.35 -41.01 -1.43
N GLY B 46 -49.83 -39.87 -0.93
CA GLY B 46 -49.49 -39.41 0.40
C GLY B 46 -50.34 -40.04 1.48
N LEU B 47 -50.38 -39.36 2.62
CA LEU B 47 -51.16 -39.77 3.77
C LEU B 47 -52.46 -38.97 3.85
N GLU B 48 -53.50 -39.61 4.38
CA GLU B 48 -54.81 -38.99 4.49
C GLU B 48 -55.47 -39.39 5.80
N TRP B 49 -55.90 -38.40 6.59
CA TRP B 49 -56.59 -38.68 7.84
C TRP B 49 -58.00 -39.20 7.54
N VAL B 50 -58.46 -40.11 8.38
CA VAL B 50 -59.74 -40.77 8.17
C VAL B 50 -60.70 -40.47 9.31
N ALA B 51 -60.38 -40.95 10.51
CA ALA B 51 -61.27 -40.85 11.64
C ALA B 51 -60.47 -40.55 12.91
N PHE B 52 -61.19 -40.46 14.01
CA PHE B 52 -60.59 -40.19 15.31
C PHE B 52 -61.66 -40.40 16.38
N ILE B 53 -61.23 -40.80 17.56
CA ILE B 53 -62.15 -41.04 18.67
C ILE B 53 -61.42 -40.68 19.97
N ARG B 54 -62.16 -40.10 20.91
CA ARG B 54 -61.58 -39.65 22.17
C ARG B 54 -61.19 -40.83 23.05
N TYR B 55 -60.50 -40.50 24.15
CA TYR B 55 -60.02 -41.52 25.07
C TYR B 55 -61.17 -42.33 25.66
N ASP B 56 -62.35 -41.73 25.80
CA ASP B 56 -63.50 -42.41 26.37
C ASP B 56 -64.48 -42.92 25.32
N GLY B 57 -64.25 -42.61 24.04
CA GLY B 57 -65.15 -43.05 23.00
C GLY B 57 -66.37 -42.20 22.80
N THR B 58 -66.48 -41.07 23.51
CA THR B 58 -67.69 -40.26 23.42
C THR B 58 -67.78 -39.52 22.10
N ASN B 59 -66.68 -38.90 21.66
CA ASN B 59 -66.69 -38.04 20.49
C ASN B 59 -65.95 -38.70 19.34
N GLN B 60 -66.48 -38.49 18.13
CA GLN B 60 -65.92 -39.07 16.92
C GLN B 60 -65.85 -37.99 15.85
N PHE B 61 -64.75 -37.95 15.12
CA PHE B 61 -64.56 -37.04 13.99
C PHE B 61 -64.16 -37.85 12.75
N TYR B 62 -64.82 -37.60 11.63
CA TYR B 62 -64.51 -38.27 10.38
C TYR B 62 -64.12 -37.24 9.32
N ALA B 63 -63.48 -37.73 8.25
CA ALA B 63 -63.18 -36.90 7.10
C ALA B 63 -64.34 -36.96 6.13
N ASP B 64 -64.63 -35.81 5.50
CA ASP B 64 -65.81 -35.71 4.65
C ASP B 64 -65.84 -36.79 3.58
N SER B 65 -64.68 -37.22 3.08
CA SER B 65 -64.68 -38.19 2.01
C SER B 65 -65.21 -39.54 2.44
N VAL B 66 -65.35 -39.78 3.75
CA VAL B 66 -65.89 -41.04 4.26
C VAL B 66 -67.03 -40.81 5.24
N LYS B 67 -67.35 -39.56 5.55
CA LYS B 67 -68.42 -39.28 6.49
C LYS B 67 -69.70 -39.96 6.02
N GLY B 68 -70.49 -40.44 6.98
CA GLY B 68 -71.72 -41.11 6.67
C GLY B 68 -71.59 -42.58 6.34
N ARG B 69 -70.40 -43.04 5.94
CA ARG B 69 -70.17 -44.43 5.64
C ARG B 69 -69.30 -45.14 6.67
N PHE B 70 -68.49 -44.39 7.42
CA PHE B 70 -67.62 -44.95 8.45
C PHE B 70 -68.18 -44.63 9.83
N THR B 71 -68.08 -45.59 10.74
CA THR B 71 -68.53 -45.40 12.11
C THR B 71 -67.49 -46.02 13.04
N ILE B 72 -66.88 -45.18 13.87
CA ILE B 72 -65.79 -45.59 14.76
C ILE B 72 -66.31 -45.66 16.18
N SER B 73 -65.89 -46.71 16.89
CA SER B 73 -66.27 -46.91 18.29
C SER B 73 -65.13 -47.62 18.99
N ARG B 74 -65.15 -47.59 20.31
CA ARG B 74 -64.13 -48.28 21.08
C ARG B 74 -64.73 -48.85 22.35
N ASP B 75 -64.07 -49.87 22.88
CA ASP B 75 -64.43 -50.52 24.13
C ASP B 75 -63.17 -50.56 25.00
N ASN B 76 -63.04 -49.58 25.91
CA ASN B 76 -61.86 -49.53 26.76
C ASN B 76 -61.69 -50.81 27.55
N SER B 77 -62.78 -51.52 27.82
CA SER B 77 -62.68 -52.80 28.51
C SER B 77 -61.73 -53.74 27.77
N LYS B 78 -61.78 -53.73 26.43
CA LYS B 78 -60.98 -54.62 25.62
C LYS B 78 -59.76 -53.92 25.01
N ASN B 79 -59.53 -52.65 25.33
CA ASN B 79 -58.40 -51.91 24.78
C ASN B 79 -58.41 -51.93 23.25
N LYS B 80 -59.59 -52.01 22.67
CA LYS B 80 -59.77 -52.05 21.23
C LYS B 80 -60.57 -50.84 20.79
N VAL B 81 -60.44 -50.52 19.51
CA VAL B 81 -61.24 -49.49 18.85
C VAL B 81 -61.63 -50.02 17.48
N TYR B 82 -62.92 -50.03 17.20
CA TYR B 82 -63.44 -50.62 15.98
C TYR B 82 -63.74 -49.51 14.97
N LEU B 83 -63.51 -49.81 13.70
CA LEU B 83 -63.81 -48.89 12.61
C LEU B 83 -64.61 -49.65 11.57
N GLN B 84 -65.90 -49.40 11.53
CA GLN B 84 -66.81 -50.04 10.58
C GLN B 84 -66.77 -49.26 9.27
N MET B 85 -66.43 -49.93 8.18
CA MET B 85 -66.35 -49.31 6.87
C MET B 85 -67.41 -49.94 5.98
N ASN B 86 -68.42 -49.15 5.63
CA ASN B 86 -69.51 -49.61 4.79
C ASN B 86 -69.43 -48.93 3.43
N SER B 87 -70.24 -49.43 2.50
CA SER B 87 -70.33 -48.86 1.16
C SER B 87 -68.94 -48.62 0.58
N LEU B 88 -68.10 -49.64 0.69
CA LEU B 88 -66.72 -49.50 0.25
C LEU B 88 -66.62 -49.27 -1.25
N ARG B 89 -65.58 -48.55 -1.65
CA ARG B 89 -65.33 -48.24 -3.05
C ARG B 89 -63.89 -48.57 -3.42
N ALA B 90 -63.47 -48.22 -4.63
CA ALA B 90 -62.09 -48.45 -5.03
C ALA B 90 -61.16 -47.37 -4.50
N GLU B 91 -61.64 -46.13 -4.39
CA GLU B 91 -60.79 -45.07 -3.87
C GLU B 91 -60.44 -45.29 -2.41
N ASP B 92 -61.16 -46.16 -1.72
CA ASP B 92 -60.88 -46.46 -0.33
C ASP B 92 -59.81 -47.52 -0.16
N THR B 93 -59.22 -47.99 -1.26
CA THR B 93 -58.20 -49.01 -1.19
C THR B 93 -56.88 -48.38 -0.77
N ALA B 94 -56.29 -48.89 0.30
CA ALA B 94 -55.04 -48.37 0.83
C ALA B 94 -54.68 -49.18 2.07
N LEU B 95 -53.47 -48.93 2.58
CA LEU B 95 -53.03 -49.47 3.85
C LEU B 95 -53.48 -48.51 4.95
N TYR B 96 -54.11 -49.06 5.99
CA TYR B 96 -54.71 -48.26 7.05
C TYR B 96 -53.86 -48.39 8.30
N TYR B 97 -53.26 -47.28 8.72
CA TYR B 97 -52.54 -47.19 9.97
C TYR B 97 -53.45 -46.60 11.04
N CYS B 98 -53.19 -46.94 12.30
CA CYS B 98 -53.78 -46.25 13.43
C CYS B 98 -52.67 -45.67 14.30
N ALA B 99 -52.94 -44.51 14.89
CA ALA B 99 -51.94 -43.77 15.64
C ALA B 99 -52.51 -43.33 16.98
N LYS B 100 -51.60 -42.90 17.85
CA LYS B 100 -51.93 -42.48 19.20
C LYS B 100 -51.50 -41.03 19.37
N ASP B 101 -52.41 -40.18 19.82
CA ASP B 101 -52.03 -38.83 20.18
C ASP B 101 -51.15 -38.83 21.41
N ARG B 102 -50.29 -37.84 21.52
CA ARG B 102 -49.33 -37.81 22.62
C ARG B 102 -49.99 -37.51 23.97
N GLY B 103 -51.31 -37.43 24.05
CA GLY B 103 -52.01 -37.18 25.28
C GLY B 103 -52.42 -35.73 25.48
N SER B 104 -51.73 -34.81 24.84
CA SER B 104 -52.01 -33.39 25.00
C SER B 104 -51.44 -32.60 23.85
N ILE B 105 -50.52 -33.21 23.09
CA ILE B 105 -50.06 -32.67 21.82
C ILE B 105 -50.66 -33.55 20.73
N ILE B 106 -51.27 -32.92 19.72
CA ILE B 106 -51.93 -33.66 18.65
C ILE B 106 -50.90 -34.06 17.59
N VAL B 107 -50.03 -34.99 17.96
CA VAL B 107 -49.06 -35.59 17.05
C VAL B 107 -49.10 -37.10 17.28
N PHE B 108 -48.56 -37.83 16.32
CA PHE B 108 -48.63 -39.28 16.29
C PHE B 108 -47.24 -39.86 16.57
N ASP B 109 -46.99 -40.21 17.83
CA ASP B 109 -45.66 -40.69 18.21
C ASP B 109 -45.47 -42.16 17.82
N HIS B 110 -46.43 -43.01 18.15
CA HIS B 110 -46.38 -44.43 17.82
C HIS B 110 -47.46 -44.77 16.81
N TRP B 111 -47.09 -45.57 15.81
CA TRP B 111 -47.99 -46.02 14.75
C TRP B 111 -48.05 -47.53 14.73
N GLY B 112 -49.14 -48.04 14.16
CA GLY B 112 -49.25 -49.46 13.86
C GLY B 112 -48.48 -49.84 12.62
N GLN B 113 -48.57 -51.12 12.27
CA GLN B 113 -47.87 -51.63 11.10
C GLN B 113 -48.74 -51.66 9.85
N GLY B 114 -50.05 -51.60 10.00
CA GLY B 114 -50.95 -51.46 8.88
C GLY B 114 -51.71 -52.74 8.60
N THR B 115 -52.92 -52.59 8.07
CA THR B 115 -53.71 -53.73 7.60
C THR B 115 -54.32 -53.34 6.25
N LEU B 116 -54.01 -54.12 5.21
CA LEU B 116 -54.38 -53.75 3.85
C LEU B 116 -55.86 -53.99 3.59
N VAL B 117 -56.47 -53.07 2.84
CA VAL B 117 -57.86 -53.19 2.43
C VAL B 117 -57.91 -52.95 0.92
N THR B 118 -58.12 -54.03 0.16
CA THR B 118 -58.14 -54.00 -1.30
C THR B 118 -59.57 -54.13 -1.80
N VAL B 119 -59.95 -53.29 -2.76
CA VAL B 119 -61.30 -53.27 -3.33
C VAL B 119 -61.18 -53.30 -4.85
N SER B 120 -61.77 -54.33 -5.47
CA SER B 120 -61.73 -54.52 -6.92
C SER B 120 -63.09 -54.97 -7.41
N SER B 121 -63.48 -54.48 -8.58
CA SER B 121 -64.76 -54.86 -9.18
C SER B 121 -64.64 -56.23 -9.85
N GLU B 142 -60.21 -24.88 6.14
CA GLU B 142 -59.35 -26.06 6.03
C GLU B 142 -57.94 -25.65 5.61
N ILE B 143 -56.96 -26.13 6.36
CA ILE B 143 -55.56 -25.80 6.13
C ILE B 143 -54.95 -26.80 5.17
N VAL B 144 -54.22 -26.29 4.18
CA VAL B 144 -53.60 -27.10 3.13
C VAL B 144 -52.08 -27.02 3.27
N LEU B 145 -51.42 -28.16 3.16
CA LEU B 145 -49.97 -28.23 3.26
C LEU B 145 -49.37 -28.59 1.91
N THR B 146 -48.35 -27.85 1.50
CA THR B 146 -47.72 -28.02 0.19
C THR B 146 -46.23 -28.19 0.39
N GLN B 147 -45.72 -29.39 0.13
CA GLN B 147 -44.30 -29.68 0.25
C GLN B 147 -43.64 -29.60 -1.12
N SER B 148 -42.56 -28.81 -1.20
CA SER B 148 -41.78 -28.67 -2.41
C SER B 148 -40.31 -28.55 -2.01
N PRO B 149 -39.40 -29.29 -2.66
CA PRO B 149 -39.63 -30.19 -3.80
C PRO B 149 -40.35 -31.47 -3.40
N ALA B 150 -40.89 -32.20 -4.37
CA ALA B 150 -41.58 -33.45 -4.09
C ALA B 150 -40.68 -34.68 -4.21
N THR B 151 -39.51 -34.55 -4.84
CA THR B 151 -38.56 -35.63 -4.95
C THR B 151 -37.17 -35.04 -5.12
N LEU B 152 -36.20 -35.60 -4.40
CA LEU B 152 -34.84 -35.05 -4.39
C LEU B 152 -33.87 -36.21 -4.18
N SER B 153 -32.81 -36.24 -4.98
CA SER B 153 -31.80 -37.30 -4.92
C SER B 153 -30.47 -36.73 -4.47
N LEU B 154 -29.89 -37.33 -3.44
CA LEU B 154 -28.62 -36.89 -2.89
C LEU B 154 -27.82 -38.10 -2.42
N SER B 155 -26.51 -37.89 -2.30
CA SER B 155 -25.61 -38.89 -1.73
C SER B 155 -25.47 -38.67 -0.24
N PRO B 156 -25.01 -39.69 0.49
CA PRO B 156 -24.90 -39.54 1.95
C PRO B 156 -23.92 -38.44 2.33
N GLY B 157 -24.19 -37.83 3.49
CA GLY B 157 -23.33 -36.80 4.02
C GLY B 157 -23.66 -35.39 3.60
N GLU B 158 -24.63 -35.21 2.72
CA GLU B 158 -24.99 -33.89 2.22
C GLU B 158 -26.15 -33.31 3.03
N ARG B 159 -26.19 -31.99 3.11
CA ARG B 159 -27.28 -31.32 3.82
C ARG B 159 -28.56 -31.36 2.98
N VAL B 160 -29.70 -31.30 3.67
CA VAL B 160 -31.01 -31.35 3.03
C VAL B 160 -31.96 -30.41 3.77
N THR B 161 -32.66 -29.57 3.02
CA THR B 161 -33.64 -28.64 3.56
C THR B 161 -34.96 -28.84 2.85
N LEU B 162 -36.02 -29.10 3.62
CA LEU B 162 -37.35 -29.36 3.10
C LEU B 162 -38.30 -28.24 3.50
N SER B 163 -39.39 -28.13 2.75
CA SER B 163 -40.40 -27.11 2.99
C SER B 163 -41.77 -27.74 3.20
N CYS B 164 -42.50 -27.23 4.20
CA CYS B 164 -43.92 -27.54 4.39
C CYS B 164 -44.64 -26.20 4.53
N ARG B 165 -45.18 -25.73 3.41
CA ARG B 165 -45.92 -24.48 3.36
C ARG B 165 -47.36 -24.68 3.82
N ALA B 166 -48.04 -23.57 4.07
CA ALA B 166 -49.41 -23.61 4.57
C ALA B 166 -50.28 -22.61 3.83
N SER B 167 -51.58 -22.94 3.73
CA SER B 167 -52.53 -22.03 3.10
C SER B 167 -52.82 -20.84 4.00
N GLN B 168 -53.15 -21.11 5.26
CA GLN B 168 -53.34 -20.10 6.28
C GLN B 168 -52.40 -20.40 7.45
N ALA B 169 -52.49 -19.60 8.50
CA ALA B 169 -51.55 -19.75 9.62
C ALA B 169 -51.77 -21.08 10.32
N VAL B 170 -50.66 -21.78 10.58
CA VAL B 170 -50.68 -22.96 11.43
C VAL B 170 -49.97 -22.72 12.75
N GLY B 171 -49.29 -21.59 12.91
CA GLY B 171 -48.64 -21.26 14.15
C GLY B 171 -47.51 -22.18 14.52
N ILE B 172 -47.61 -22.82 15.69
CA ILE B 172 -46.64 -23.81 16.12
C ILE B 172 -47.15 -25.23 16.01
N TYR B 173 -48.44 -25.42 15.71
CA TYR B 173 -49.06 -26.74 15.74
C TYR B 173 -48.75 -27.47 14.43
N LEU B 174 -47.47 -27.83 14.30
CA LEU B 174 -46.95 -28.50 13.11
C LEU B 174 -45.98 -29.58 13.54
N ALA B 175 -45.82 -30.61 12.71
CA ALA B 175 -45.01 -31.76 13.02
C ALA B 175 -44.35 -32.28 11.75
N TRP B 176 -43.42 -33.21 11.93
CA TRP B 176 -42.74 -33.88 10.82
C TRP B 176 -42.64 -35.36 11.14
N TYR B 177 -43.04 -36.19 10.18
CA TYR B 177 -42.99 -37.64 10.32
C TYR B 177 -42.10 -38.26 9.26
N GLN B 178 -41.43 -39.34 9.63
CA GLN B 178 -40.57 -40.08 8.71
C GLN B 178 -41.18 -41.45 8.48
N GLN B 179 -41.27 -41.85 7.21
CA GLN B 179 -41.76 -43.16 6.83
C GLN B 179 -40.68 -43.83 6.00
N LYS B 180 -39.95 -44.76 6.62
CA LYS B 180 -38.94 -45.49 5.89
C LYS B 180 -39.61 -46.48 4.94
N PRO B 181 -38.97 -46.81 3.83
CA PRO B 181 -39.61 -47.69 2.84
C PRO B 181 -40.04 -49.02 3.46
N GLY B 182 -41.33 -49.33 3.32
CA GLY B 182 -41.89 -50.55 3.85
C GLY B 182 -42.26 -50.54 5.32
N GLN B 183 -41.99 -49.45 6.02
CA GLN B 183 -42.24 -49.34 7.46
C GLN B 183 -43.28 -48.26 7.71
N ALA B 184 -43.77 -48.21 8.94
CA ALA B 184 -44.80 -47.25 9.30
C ALA B 184 -44.20 -45.89 9.67
N PRO B 185 -45.00 -44.84 9.60
CA PRO B 185 -44.49 -43.50 9.93
C PRO B 185 -44.04 -43.38 11.38
N ARG B 186 -42.96 -42.63 11.59
CA ARG B 186 -42.45 -42.30 12.92
C ARG B 186 -42.38 -40.79 13.06
N LEU B 187 -42.63 -40.31 14.29
CA LEU B 187 -42.59 -38.88 14.56
C LEU B 187 -41.16 -38.44 14.81
N LEU B 188 -40.75 -37.34 14.18
CA LEU B 188 -39.41 -36.78 14.32
C LEU B 188 -39.43 -35.50 15.14
N ILE B 189 -40.25 -34.52 14.76
CA ILE B 189 -40.23 -33.19 15.35
C ILE B 189 -41.69 -32.83 15.67
N TYR B 190 -42.04 -32.84 16.96
CA TYR B 190 -43.44 -32.79 17.35
C TYR B 190 -44.00 -31.37 17.43
N HIS B 191 -43.28 -30.46 18.08
CA HIS B 191 -43.56 -29.05 17.86
C HIS B 191 -42.59 -28.57 16.77
N VAL B 192 -42.72 -27.30 16.36
CA VAL B 192 -42.03 -26.85 15.16
C VAL B 192 -40.56 -27.23 15.18
N SER B 193 -39.94 -27.23 16.37
CA SER B 193 -38.52 -27.56 16.49
C SER B 193 -38.22 -28.63 17.53
N LYS B 194 -39.11 -28.89 18.50
CA LYS B 194 -38.85 -29.92 19.49
C LYS B 194 -38.90 -31.29 18.86
N ARG B 195 -37.96 -32.16 19.23
CA ARG B 195 -37.85 -33.50 18.66
C ARG B 195 -38.28 -34.55 19.68
N ASP B 196 -38.86 -35.62 19.16
CA ASP B 196 -39.37 -36.71 19.98
C ASP B 196 -38.23 -37.62 20.40
N THR B 197 -38.51 -38.48 21.38
CA THR B 197 -37.51 -39.42 21.86
C THR B 197 -37.00 -40.30 20.72
N GLY B 198 -35.74 -40.72 20.83
CA GLY B 198 -35.13 -41.54 19.81
C GLY B 198 -34.87 -40.85 18.50
N VAL B 199 -35.09 -39.55 18.43
CA VAL B 199 -34.85 -38.77 17.22
C VAL B 199 -33.47 -38.14 17.35
N PRO B 200 -32.50 -38.50 16.50
CA PRO B 200 -31.15 -37.96 16.67
C PRO B 200 -31.10 -36.46 16.45
N ASP B 201 -30.08 -35.83 17.06
CA ASP B 201 -29.85 -34.40 16.87
C ASP B 201 -29.54 -34.08 15.41
N ARG B 202 -29.21 -35.09 14.61
CA ARG B 202 -28.98 -34.89 13.18
C ARG B 202 -30.15 -34.18 12.51
N PHE B 203 -31.37 -34.42 12.98
CA PHE B 203 -32.55 -33.74 12.48
C PHE B 203 -32.79 -32.48 13.28
N SER B 204 -33.27 -31.43 12.60
CA SER B 204 -33.55 -30.16 13.25
C SER B 204 -34.61 -29.42 12.44
N GLY B 205 -35.74 -29.12 13.09
CA GLY B 205 -36.81 -28.38 12.45
C GLY B 205 -36.87 -26.93 12.91
N SER B 206 -37.50 -26.11 12.08
CA SER B 206 -37.63 -24.68 12.38
C SER B 206 -38.78 -24.13 11.54
N GLY B 207 -39.01 -22.83 11.68
CA GLY B 207 -40.06 -22.14 10.96
C GLY B 207 -41.04 -21.44 11.88
N SER B 208 -41.95 -20.70 11.25
CA SER B 208 -42.99 -19.97 11.96
C SER B 208 -43.99 -19.44 10.96
N GLY B 209 -45.24 -19.31 11.41
CA GLY B 209 -46.29 -18.76 10.57
C GLY B 209 -46.81 -19.73 9.53
N THR B 210 -46.42 -19.51 8.27
CA THR B 210 -46.89 -20.33 7.17
C THR B 210 -45.79 -21.16 6.52
N ASP B 211 -44.52 -20.84 6.79
CA ASP B 211 -43.39 -21.49 6.13
C ASP B 211 -42.53 -22.19 7.18
N PHE B 212 -42.31 -23.48 6.97
CA PHE B 212 -41.59 -24.31 7.94
C PHE B 212 -40.55 -25.14 7.21
N THR B 213 -39.61 -25.66 7.99
CA THR B 213 -38.41 -26.30 7.47
C THR B 213 -38.08 -27.53 8.28
N LEU B 214 -37.50 -28.53 7.61
CA LEU B 214 -36.93 -29.72 8.23
C LEU B 214 -35.53 -29.90 7.65
N THR B 215 -34.52 -29.91 8.51
CA THR B 215 -33.13 -29.90 8.09
C THR B 215 -32.41 -31.16 8.55
N ILE B 216 -31.66 -31.77 7.64
CA ILE B 216 -30.77 -32.89 7.97
C ILE B 216 -29.34 -32.41 7.74
N SER B 217 -28.58 -32.28 8.83
CA SER B 217 -27.22 -31.76 8.71
C SER B 217 -26.36 -32.66 7.83
N SER B 218 -26.42 -33.97 8.05
CA SER B 218 -25.67 -34.94 7.24
C SER B 218 -26.57 -36.13 6.96
N LEU B 219 -26.49 -36.65 5.73
CA LEU B 219 -27.31 -37.79 5.34
C LEU B 219 -26.61 -39.11 5.62
N GLU B 220 -27.36 -40.08 6.11
CA GLU B 220 -26.90 -41.44 6.34
C GLU B 220 -27.77 -42.39 5.55
N PRO B 221 -27.26 -43.60 5.25
CA PRO B 221 -28.05 -44.53 4.43
C PRO B 221 -29.45 -44.77 4.94
N GLU B 222 -29.66 -44.79 6.26
CA GLU B 222 -30.98 -45.05 6.81
C GLU B 222 -31.94 -43.87 6.60
N ASP B 223 -31.40 -42.69 6.29
CA ASP B 223 -32.23 -41.50 6.21
C ASP B 223 -33.09 -41.48 4.94
N PHE B 224 -32.66 -42.16 3.89
CA PHE B 224 -33.40 -42.13 2.63
C PHE B 224 -34.80 -42.68 2.81
N ALA B 225 -35.80 -41.83 2.61
CA ALA B 225 -37.19 -42.19 2.83
C ALA B 225 -38.10 -41.03 2.43
N VAL B 226 -39.38 -41.14 2.71
CA VAL B 226 -40.34 -40.07 2.46
C VAL B 226 -40.61 -39.32 3.76
N TYR B 227 -40.78 -38.02 3.67
CA TYR B 227 -41.01 -37.16 4.84
C TYR B 227 -42.27 -36.35 4.62
N TYR B 228 -43.25 -36.55 5.51
CA TYR B 228 -44.51 -35.82 5.48
C TYR B 228 -44.57 -34.85 6.66
N CYS B 229 -45.43 -33.84 6.52
CA CYS B 229 -45.71 -32.92 7.61
C CYS B 229 -47.18 -32.96 7.97
N GLN B 230 -47.50 -32.43 9.14
CA GLN B 230 -48.85 -32.51 9.69
C GLN B 230 -49.17 -31.21 10.42
N GLN B 231 -50.45 -30.83 10.39
CA GLN B 231 -50.92 -29.65 11.09
C GLN B 231 -52.07 -30.04 12.00
N HIS B 232 -52.10 -29.44 13.20
CA HIS B 232 -53.23 -29.62 14.11
C HIS B 232 -53.72 -28.29 14.66
N ARG B 233 -53.56 -27.20 13.90
CA ARG B 233 -54.09 -25.93 14.38
C ARG B 233 -55.60 -25.87 14.22
N ASN B 234 -56.10 -26.18 13.03
CA ASN B 234 -57.52 -26.13 12.75
C ASN B 234 -57.93 -27.50 12.18
N TRP B 235 -58.36 -28.39 13.05
CA TRP B 235 -58.85 -29.72 12.69
C TRP B 235 -60.09 -30.01 13.51
N PRO B 236 -60.98 -30.90 13.02
CA PRO B 236 -60.89 -31.68 11.78
C PRO B 236 -61.06 -30.83 10.54
N PRO B 237 -60.42 -31.22 9.43
CA PRO B 237 -59.61 -32.42 9.25
C PRO B 237 -58.12 -32.20 9.49
N ILE B 238 -57.46 -33.20 10.10
CA ILE B 238 -56.00 -33.20 10.16
C ILE B 238 -55.45 -33.47 8.77
N THR B 239 -54.55 -32.61 8.32
CA THR B 239 -54.07 -32.63 6.95
C THR B 239 -52.57 -32.89 6.93
N PHE B 240 -52.13 -33.64 5.93
CA PHE B 240 -50.71 -33.90 5.70
C PHE B 240 -50.26 -33.24 4.41
N GLY B 241 -48.96 -33.37 4.12
CA GLY B 241 -48.40 -32.91 2.87
C GLY B 241 -48.22 -34.04 1.88
N GLN B 242 -48.04 -33.67 0.61
CA GLN B 242 -47.80 -34.66 -0.43
C GLN B 242 -46.56 -35.49 -0.14
N GLY B 243 -45.66 -34.99 0.68
CA GLY B 243 -44.46 -35.73 1.02
C GLY B 243 -43.30 -35.35 0.13
N THR B 244 -42.10 -35.53 0.68
CA THR B 244 -40.86 -35.32 -0.06
C THR B 244 -40.05 -36.61 0.02
N ARG B 245 -39.67 -37.15 -1.14
CA ARG B 245 -38.97 -38.44 -1.20
C ARG B 245 -37.48 -38.20 -1.41
N LEU B 246 -36.67 -38.75 -0.50
CA LEU B 246 -35.23 -38.69 -0.61
C LEU B 246 -34.73 -40.02 -1.15
N GLU B 247 -34.06 -39.97 -2.31
CA GLU B 247 -33.60 -41.16 -3.01
C GLU B 247 -32.09 -41.10 -3.18
N ILE B 248 -31.47 -42.27 -3.31
CA ILE B 248 -30.03 -42.35 -3.53
C ILE B 248 -29.75 -42.14 -5.01
N LYS B 249 -28.76 -41.30 -5.31
CA LYS B 249 -28.41 -41.01 -6.69
C LYS B 249 -27.43 -42.06 -7.21
N ASP C 16 -9.31 -3.11 28.09
CA ASP C 16 -9.46 -4.53 27.77
C ASP C 16 -8.13 -5.25 27.96
N GLU C 17 -8.16 -6.58 27.78
CA GLU C 17 -6.99 -7.43 27.92
C GLU C 17 -6.60 -8.03 26.57
N LEU C 18 -5.31 -8.34 26.44
CA LEU C 18 -4.75 -9.00 25.26
C LEU C 18 -5.07 -10.48 25.20
N ASP C 19 -5.77 -11.02 26.21
CA ASP C 19 -6.09 -12.44 26.30
C ASP C 19 -7.59 -12.66 26.47
N LYS C 20 -8.41 -11.65 26.20
CA LYS C 20 -9.85 -11.78 26.34
C LYS C 20 -10.37 -12.87 25.41
N ILE C 21 -11.08 -13.84 25.98
CA ILE C 21 -11.48 -15.05 25.27
C ILE C 21 -12.98 -15.05 25.03
N ASP C 22 -13.38 -15.50 23.85
CA ASP C 22 -14.78 -15.73 23.50
C ASP C 22 -15.08 -17.20 23.77
N LEU C 23 -15.90 -17.48 24.79
CA LEU C 23 -16.19 -18.86 25.14
C LEU C 23 -17.09 -19.54 24.12
N SER C 24 -17.78 -18.78 23.29
CA SER C 24 -18.73 -19.34 22.33
C SER C 24 -18.10 -19.62 20.97
N TYR C 25 -16.85 -19.27 20.75
CA TYR C 25 -16.23 -19.46 19.45
C TYR C 25 -16.01 -20.94 19.18
N GLU C 26 -16.26 -21.35 17.93
CA GLU C 26 -16.04 -22.72 17.49
C GLU C 26 -15.62 -22.70 16.03
N THR C 27 -14.87 -23.72 15.63
CA THR C 27 -14.44 -23.90 14.25
C THR C 27 -13.81 -25.28 14.14
N THR C 28 -13.38 -25.62 12.92
CA THR C 28 -12.75 -26.90 12.66
C THR C 28 -11.52 -26.68 11.79
N GLU C 29 -10.74 -27.75 11.62
CA GLU C 29 -9.59 -27.69 10.72
C GLU C 29 -10.04 -27.44 9.29
N SER C 30 -10.95 -28.26 8.78
CA SER C 30 -11.46 -28.09 7.44
C SER C 30 -12.25 -26.79 7.28
N GLY C 31 -12.65 -26.16 8.37
CA GLY C 31 -13.41 -24.91 8.27
C GLY C 31 -14.63 -25.08 7.42
N ASP C 32 -14.80 -24.17 6.46
CA ASP C 32 -15.91 -24.20 5.51
C ASP C 32 -15.43 -24.59 4.12
N THR C 33 -14.48 -25.51 4.05
CA THR C 33 -13.92 -25.96 2.78
C THR C 33 -14.37 -27.36 2.37
N ALA C 34 -15.09 -28.07 3.24
CA ALA C 34 -15.59 -29.41 2.95
C ALA C 34 -14.47 -30.40 2.64
N VAL C 35 -13.23 -30.05 2.98
CA VAL C 35 -12.09 -30.92 2.70
C VAL C 35 -11.97 -31.96 3.81
N SER C 36 -11.52 -33.16 3.43
CA SER C 36 -11.29 -34.24 4.36
C SER C 36 -9.84 -34.24 4.84
N GLU C 37 -9.62 -34.84 6.00
CA GLU C 37 -8.30 -34.83 6.61
C GLU C 37 -7.25 -35.46 5.70
N ASP C 38 -7.66 -36.38 4.82
CA ASP C 38 -6.70 -37.05 3.94
C ASP C 38 -6.16 -36.11 2.87
N SER C 39 -7.03 -35.25 2.32
CA SER C 39 -6.59 -34.32 1.29
C SER C 39 -5.77 -33.17 1.83
N TYR C 40 -5.52 -33.12 3.14
CA TYR C 40 -4.68 -32.08 3.70
C TYR C 40 -3.27 -32.20 3.17
N ASP C 41 -2.63 -31.05 2.93
CA ASP C 41 -1.25 -31.01 2.47
C ASP C 41 -0.37 -30.87 3.70
N LYS C 42 -0.09 -32.00 4.33
CA LYS C 42 0.71 -32.03 5.55
C LYS C 42 2.19 -31.97 5.18
N TYR C 43 2.92 -31.04 5.80
CA TYR C 43 4.34 -30.90 5.58
C TYR C 43 5.02 -30.62 6.91
N ALA C 44 6.35 -30.64 6.89
CA ALA C 44 7.16 -30.43 8.07
C ALA C 44 7.63 -28.98 8.16
N SER C 45 8.02 -28.59 9.36
CA SER C 45 8.52 -27.24 9.61
C SER C 45 10.01 -27.17 9.32
N ASN C 46 10.45 -26.05 8.74
CA ASN C 46 11.87 -25.80 8.46
C ASN C 46 12.53 -25.34 9.75
N ASN C 47 13.19 -26.27 10.44
CA ASN C 47 13.78 -25.98 11.75
C ASN C 47 15.22 -25.54 11.56
N THR C 48 15.58 -24.42 12.19
CA THR C 48 16.89 -23.80 12.02
C THR C 48 17.35 -23.24 13.37
N ASN C 49 18.26 -23.96 14.02
CA ASN C 49 18.86 -23.53 15.29
C ASN C 49 17.78 -23.30 16.35
N LYS C 50 17.04 -24.38 16.64
CA LYS C 50 15.98 -24.37 17.66
C LYS C 50 14.86 -23.40 17.30
N GLU C 51 14.80 -22.96 16.05
CA GLU C 51 13.75 -22.08 15.57
C GLU C 51 12.91 -22.86 14.56
N TYR C 52 11.76 -23.35 14.99
CA TYR C 52 10.87 -24.11 14.13
C TYR C 52 9.94 -23.15 13.40
N VAL C 53 9.87 -23.30 12.08
CA VAL C 53 9.23 -22.31 11.22
C VAL C 53 8.01 -22.94 10.55
N CYS C 54 6.95 -22.14 10.43
CA CYS C 54 5.76 -22.48 9.66
C CYS C 54 5.43 -21.24 8.83
N ASP C 55 5.93 -21.22 7.60
CA ASP C 55 5.79 -20.09 6.70
C ASP C 55 4.68 -20.37 5.70
N PHE C 56 3.73 -19.44 5.61
CA PHE C 56 2.62 -19.52 4.68
C PHE C 56 2.74 -18.49 3.55
N THR C 57 3.91 -17.85 3.42
CA THR C 57 4.05 -16.76 2.46
C THR C 57 3.80 -17.22 1.03
N ASP C 58 4.48 -18.29 0.61
CA ASP C 58 4.44 -18.72 -0.78
C ASP C 58 3.52 -19.91 -1.00
N GLN C 59 2.69 -20.26 -0.02
CA GLN C 59 1.80 -21.41 -0.13
C GLN C 59 0.33 -21.04 -0.25
N LEU C 60 -0.08 -19.88 0.21
CA LEU C 60 -1.48 -19.50 0.21
C LEU C 60 -1.88 -18.67 -1.01
N LYS C 61 -0.99 -18.53 -1.99
CA LYS C 61 -1.35 -17.81 -3.19
C LYS C 61 -2.47 -18.54 -3.91
N PRO C 62 -3.48 -17.83 -4.43
CA PRO C 62 -4.63 -18.53 -5.02
C PRO C 62 -4.21 -19.46 -6.13
N THR C 63 -4.95 -20.57 -6.26
CA THR C 63 -4.71 -21.56 -7.31
C THR C 63 -6.04 -22.04 -7.86
N GLU C 64 -6.02 -22.46 -9.13
CA GLU C 64 -7.24 -22.97 -9.75
C GLU C 64 -7.81 -24.15 -8.98
N SER C 65 -6.93 -24.98 -8.41
CA SER C 65 -7.33 -26.18 -7.69
C SER C 65 -7.82 -25.90 -6.27
N GLY C 66 -7.99 -24.63 -5.90
CA GLY C 66 -8.35 -24.29 -4.54
C GLY C 66 -9.82 -24.47 -4.27
N PRO C 67 -10.20 -24.31 -2.98
CA PRO C 67 -9.32 -23.97 -1.86
C PRO C 67 -8.62 -25.19 -1.26
N LYS C 68 -7.29 -25.21 -1.35
CA LYS C 68 -6.49 -26.28 -0.75
C LYS C 68 -6.22 -25.97 0.71
N VAL C 69 -5.67 -26.97 1.41
CA VAL C 69 -5.38 -26.87 2.84
C VAL C 69 -3.94 -27.30 3.07
N LYS C 70 -3.12 -26.37 3.56
CA LYS C 70 -1.74 -26.64 3.91
C LYS C 70 -1.64 -26.73 5.43
N LYS C 71 -1.09 -27.84 5.94
CA LYS C 71 -1.01 -28.11 7.36
C LYS C 71 0.45 -28.22 7.76
N CYS C 72 0.87 -27.41 8.73
CA CYS C 72 2.24 -27.38 9.20
C CYS C 72 2.35 -28.20 10.47
N GLU C 73 2.98 -29.37 10.38
CA GLU C 73 3.21 -30.23 11.54
C GLU C 73 4.50 -29.83 12.23
N VAL C 74 4.45 -29.69 13.55
CA VAL C 74 5.59 -29.27 14.37
C VAL C 74 5.75 -30.28 15.49
N LYS C 75 6.83 -31.06 15.44
CA LYS C 75 7.08 -32.11 16.43
C LYS C 75 8.07 -31.61 17.47
N VAL C 76 7.60 -31.51 18.72
CA VAL C 76 8.39 -30.97 19.81
C VAL C 76 8.57 -32.07 20.85
N ASN C 77 9.81 -32.60 20.95
CA ASN C 77 10.18 -33.53 22.01
C ASN C 77 11.42 -33.03 22.76
N GLU C 78 11.75 -31.74 22.61
CA GLU C 78 12.95 -31.17 23.20
C GLU C 78 12.62 -29.81 23.81
N PRO C 79 13.53 -29.22 24.59
CA PRO C 79 13.21 -27.97 25.30
C PRO C 79 13.65 -26.72 24.57
N LEU C 80 13.00 -25.60 24.89
CA LEU C 80 13.41 -24.28 24.42
C LEU C 80 13.40 -24.20 22.88
N ILE C 81 12.23 -24.43 22.31
CA ILE C 81 12.02 -24.29 20.88
C ILE C 81 11.46 -22.90 20.62
N LYS C 82 12.17 -22.11 19.83
CA LYS C 82 11.67 -20.80 19.42
C LYS C 82 10.69 -21.00 18.27
N VAL C 83 9.43 -20.65 18.49
CA VAL C 83 8.37 -20.89 17.52
C VAL C 83 8.13 -19.62 16.72
N LYS C 84 8.15 -19.75 15.40
CA LYS C 84 7.93 -18.65 14.47
C LYS C 84 6.86 -19.10 13.49
N ILE C 85 5.78 -18.31 13.37
CA ILE C 85 4.67 -18.59 12.48
C ILE C 85 4.39 -17.33 11.67
N ILE C 86 4.13 -17.50 10.38
CA ILE C 86 3.92 -16.39 9.46
C ILE C 86 2.54 -16.51 8.83
N CYS C 87 1.88 -15.36 8.68
CA CYS C 87 0.56 -15.30 8.06
C CYS C 87 0.51 -13.97 7.31
N PRO C 88 0.73 -13.98 5.99
CA PRO C 88 0.93 -12.72 5.26
C PRO C 88 -0.17 -11.71 5.52
N LEU C 89 0.19 -10.44 5.35
CA LEU C 89 -0.68 -9.32 5.65
C LEU C 89 -1.56 -8.99 4.46
N LYS C 90 -2.72 -8.41 4.75
CA LYS C 90 -3.56 -7.82 3.71
C LYS C 90 -2.74 -6.78 2.96
N GLY C 91 -2.44 -7.06 1.70
CA GLY C 91 -1.65 -6.15 0.89
C GLY C 91 -0.18 -6.47 0.81
N SER C 92 0.28 -7.55 1.46
CA SER C 92 1.66 -7.99 1.28
C SER C 92 1.99 -8.07 -0.20
N VAL C 93 1.11 -8.70 -0.97
CA VAL C 93 1.06 -8.52 -2.42
C VAL C 93 -0.20 -7.70 -2.70
N GLU C 94 -0.16 -6.91 -3.77
CA GLU C 94 -1.14 -5.86 -3.94
C GLU C 94 -2.57 -6.36 -3.78
N LYS C 95 -2.91 -7.49 -4.41
CA LYS C 95 -4.28 -7.94 -4.47
C LYS C 95 -4.51 -9.37 -4.02
N LEU C 96 -3.46 -10.17 -3.82
CA LEU C 96 -3.61 -11.62 -3.67
C LEU C 96 -4.11 -12.06 -2.30
N TYR C 97 -4.03 -11.23 -1.28
CA TYR C 97 -4.44 -11.60 0.08
C TYR C 97 -5.36 -10.56 0.69
N ASP C 98 -6.25 -9.99 -0.11
CA ASP C 98 -7.06 -8.87 0.35
C ASP C 98 -8.13 -9.29 1.35
N ASN C 99 -8.51 -10.57 1.40
CA ASN C 99 -9.56 -11.04 2.28
C ASN C 99 -9.08 -12.18 3.18
N ILE C 100 -7.87 -12.05 3.69
CA ILE C 100 -7.31 -13.07 4.58
C ILE C 100 -7.88 -12.89 5.99
N GLU C 101 -7.88 -13.98 6.75
CA GLU C 101 -8.26 -13.97 8.15
C GLU C 101 -7.35 -14.91 8.92
N TYR C 102 -6.84 -14.44 10.06
CA TYR C 102 -6.05 -15.25 10.97
C TYR C 102 -6.83 -15.44 12.27
N VAL C 103 -6.71 -16.63 12.85
CA VAL C 103 -7.45 -16.97 14.06
C VAL C 103 -6.58 -17.85 14.96
N PRO C 104 -6.61 -17.65 16.29
CA PRO C 104 -7.34 -16.59 17.00
C PRO C 104 -6.72 -15.21 16.82
N LYS C 105 -7.56 -14.17 16.76
CA LYS C 105 -7.05 -12.81 16.61
C LYS C 105 -6.04 -12.48 17.70
N LYS C 106 -6.40 -12.74 18.95
CA LYS C 106 -5.56 -12.38 20.10
C LYS C 106 -4.53 -13.46 20.40
N SER C 107 -3.80 -13.87 19.35
CA SER C 107 -2.73 -14.85 19.40
C SER C 107 -1.38 -14.16 19.64
N PRO C 108 -0.38 -14.89 20.15
CA PRO C 108 -0.42 -16.29 20.60
C PRO C 108 -0.88 -16.46 22.05
N TYR C 109 -1.30 -15.39 22.69
CA TYR C 109 -1.82 -15.50 24.05
C TYR C 109 -2.92 -16.55 24.11
N VAL C 110 -3.84 -16.50 23.16
CA VAL C 110 -4.93 -17.47 23.04
C VAL C 110 -4.58 -18.41 21.90
N VAL C 111 -4.98 -19.68 22.04
CA VAL C 111 -4.74 -20.68 21.01
C VAL C 111 -6.00 -21.51 20.85
N LEU C 112 -5.90 -22.63 20.13
CA LEU C 112 -7.04 -23.49 19.85
C LEU C 112 -6.70 -24.93 20.19
N THR C 113 -7.65 -25.62 20.83
CA THR C 113 -7.49 -27.02 21.18
C THR C 113 -8.67 -27.81 20.66
N LYS C 114 -8.44 -29.10 20.41
CA LYS C 114 -9.43 -29.98 19.80
C LYS C 114 -10.34 -30.55 20.87
N GLU C 115 -11.49 -29.91 21.07
CA GLU C 115 -12.55 -30.45 21.92
C GLU C 115 -13.47 -31.28 21.03
N GLU C 116 -13.49 -32.59 21.24
CA GLU C 116 -14.18 -33.52 20.33
C GLU C 116 -13.42 -33.42 18.99
N THR C 117 -14.10 -33.16 17.88
CA THR C 117 -13.46 -32.88 16.60
C THR C 117 -13.37 -31.39 16.31
N LYS C 118 -14.14 -30.57 17.02
CA LYS C 118 -14.17 -29.13 16.81
C LYS C 118 -13.03 -28.46 17.57
N LEU C 119 -12.90 -27.15 17.39
CA LEU C 119 -11.88 -26.34 18.04
C LEU C 119 -12.54 -25.22 18.84
N LYS C 120 -11.95 -24.89 19.99
CA LYS C 120 -12.45 -23.81 20.83
C LYS C 120 -11.27 -23.04 21.41
N GLU C 121 -11.56 -21.85 21.93
CA GLU C 121 -10.51 -20.95 22.42
C GLU C 121 -10.03 -21.39 23.79
N LYS C 122 -8.72 -21.29 24.01
CA LYS C 122 -8.12 -21.65 25.29
C LYS C 122 -6.83 -20.85 25.48
N LEU C 123 -6.52 -20.55 26.74
CA LEU C 123 -5.29 -19.82 27.05
C LEU C 123 -4.11 -20.78 27.14
N LEU C 124 -3.01 -20.43 26.48
CA LEU C 124 -1.85 -21.31 26.46
C LEU C 124 -1.11 -21.27 27.80
N SER C 125 -1.00 -20.09 28.40
CA SER C 125 -0.32 -20.00 29.69
C SER C 125 -1.00 -20.89 30.73
N LYS C 126 -2.33 -20.95 30.72
CA LYS C 126 -3.06 -21.85 31.62
C LYS C 126 -2.89 -23.31 31.23
N LEU C 127 -2.34 -23.60 30.05
CA LEU C 127 -2.15 -24.95 29.57
C LEU C 127 -0.72 -25.44 29.69
N ILE C 128 0.26 -24.57 29.46
CA ILE C 128 1.68 -24.91 29.57
C ILE C 128 2.34 -23.89 30.49
N TYR C 129 2.83 -24.34 31.63
CA TYR C 129 3.45 -23.46 32.61
C TYR C 129 4.88 -23.14 32.21
N GLY C 130 5.27 -21.89 32.44
CA GLY C 130 6.64 -21.46 32.22
C GLY C 130 6.98 -21.10 30.80
N LEU C 131 6.00 -20.72 29.99
CA LEU C 131 6.23 -20.37 28.61
C LEU C 131 6.40 -18.86 28.44
N LEU C 132 7.32 -18.47 27.57
CA LEU C 132 7.66 -17.08 27.34
C LEU C 132 6.98 -16.59 26.07
N ILE C 133 6.28 -15.46 26.16
CA ILE C 133 5.61 -14.84 25.01
C ILE C 133 6.06 -13.39 24.98
N SER C 134 7.17 -13.12 24.32
CA SER C 134 7.64 -11.76 24.14
C SER C 134 6.59 -10.95 23.37
N PRO C 135 6.05 -9.88 23.93
CA PRO C 135 5.01 -9.11 23.21
C PRO C 135 5.50 -8.40 21.96
N THR C 136 6.79 -8.50 21.63
CA THR C 136 7.33 -7.79 20.47
C THR C 136 8.36 -8.65 19.77
N VAL C 137 8.26 -8.72 18.45
CA VAL C 137 9.21 -9.42 17.60
C VAL C 137 9.89 -8.40 16.69
N ASN C 138 11.22 -8.39 16.72
CA ASN C 138 12.00 -7.46 15.91
C ASN C 138 11.51 -6.03 16.11
N GLU C 139 11.29 -5.67 17.37
CA GLU C 139 10.87 -4.35 17.81
C GLU C 139 9.40 -4.08 17.51
N LYS C 140 8.68 -5.02 16.87
CA LYS C 140 7.31 -4.82 16.48
C LYS C 140 6.40 -5.74 17.28
N GLU C 141 5.13 -5.33 17.39
CA GLU C 141 4.17 -6.05 18.24
C GLU C 141 4.10 -7.52 17.86
N ASN C 142 3.69 -8.36 18.83
CA ASN C 142 3.58 -9.80 18.62
C ASN C 142 2.13 -10.16 18.34
N ASN C 143 1.72 -9.93 17.09
CA ASN C 143 0.38 -10.29 16.65
C ASN C 143 0.37 -10.37 15.14
N PHE C 144 -0.52 -11.20 14.61
CA PHE C 144 -0.63 -11.36 13.17
C PHE C 144 -0.95 -10.05 12.47
N LYS C 145 -1.54 -9.08 13.16
CA LYS C 145 -1.79 -7.78 12.54
C LYS C 145 -0.50 -7.19 11.99
N GLU C 146 0.61 -7.37 12.71
CA GLU C 146 1.91 -6.94 12.23
C GLU C 146 2.60 -7.99 11.38
N GLY C 147 1.98 -9.16 11.20
CA GLY C 147 2.39 -10.13 10.22
C GLY C 147 3.03 -11.38 10.78
N VAL C 148 3.46 -11.37 12.04
CA VAL C 148 4.21 -12.49 12.60
C VAL C 148 4.02 -12.52 14.10
N ILE C 149 4.16 -13.72 14.67
CA ILE C 149 4.07 -13.92 16.11
C ILE C 149 5.14 -14.92 16.52
N GLU C 150 5.69 -14.72 17.72
CA GLU C 150 6.72 -15.58 18.27
C GLU C 150 6.37 -15.95 19.70
N PHE C 151 7.01 -17.02 20.18
CA PHE C 151 6.94 -17.41 21.58
C PHE C 151 7.94 -18.52 21.83
N THR C 152 8.58 -18.50 23.00
CA THR C 152 9.59 -19.47 23.37
C THR C 152 9.04 -20.43 24.40
N LEU C 153 9.32 -21.72 24.22
CA LEU C 153 8.77 -22.76 25.06
C LEU C 153 9.51 -22.83 26.39
N PRO C 154 8.97 -23.58 27.36
CA PRO C 154 9.70 -23.79 28.61
C PRO C 154 10.75 -24.88 28.43
N PRO C 155 11.60 -25.09 29.44
CA PRO C 155 12.63 -26.13 29.32
C PRO C 155 12.11 -27.53 29.67
N VAL C 156 10.89 -27.66 30.16
CA VAL C 156 10.33 -28.95 30.52
C VAL C 156 8.82 -28.89 30.34
N VAL C 157 8.22 -30.03 30.00
CA VAL C 157 6.78 -30.17 29.85
C VAL C 157 6.39 -31.55 30.34
N HIS C 158 5.35 -31.61 31.18
CA HIS C 158 4.94 -32.87 31.81
C HIS C 158 3.97 -33.66 30.93
N LYS C 159 2.96 -32.99 30.36
CA LYS C 159 1.90 -33.66 29.63
C LYS C 159 1.90 -33.23 28.17
N ALA C 160 1.63 -34.19 27.29
CA ALA C 160 1.52 -33.89 25.86
C ALA C 160 0.42 -32.86 25.65
N THR C 161 0.72 -31.83 24.86
CA THR C 161 -0.20 -30.73 24.60
C THR C 161 -0.26 -30.47 23.11
N VAL C 162 -1.48 -30.43 22.57
CA VAL C 162 -1.70 -30.23 21.15
C VAL C 162 -2.64 -29.04 20.98
N PHE C 163 -2.20 -28.04 20.22
CA PHE C 163 -3.03 -26.88 19.91
C PHE C 163 -2.76 -26.47 18.47
N TYR C 164 -3.63 -25.62 17.94
CA TYR C 164 -3.61 -25.27 16.53
C TYR C 164 -3.71 -23.77 16.33
N PHE C 165 -3.24 -23.33 15.17
CA PHE C 165 -3.39 -21.97 14.70
C PHE C 165 -4.04 -22.00 13.31
N ILE C 166 -4.56 -20.85 12.88
CA ILE C 166 -5.29 -20.75 11.63
C ILE C 166 -4.77 -19.54 10.85
N CYS C 167 -4.68 -19.69 9.52
CA CYS C 167 -4.27 -18.61 8.63
C CYS C 167 -4.93 -18.89 7.28
N ASP C 168 -6.12 -18.34 7.09
CA ASP C 168 -6.99 -18.70 5.99
C ASP C 168 -7.05 -17.58 4.98
N ASN C 169 -6.72 -17.89 3.73
CA ASN C 169 -6.84 -16.97 2.60
C ASN C 169 -7.90 -17.42 1.60
N SER C 170 -8.74 -18.40 1.97
CA SER C 170 -9.73 -18.92 1.03
C SER C 170 -10.72 -17.85 0.60
N LYS C 171 -11.10 -16.96 1.52
CA LYS C 171 -12.04 -15.90 1.17
C LYS C 171 -11.51 -14.98 0.08
N THR C 172 -10.22 -15.04 -0.24
CA THR C 172 -9.67 -14.25 -1.34
C THR C 172 -9.76 -15.03 -2.63
N GLU C 173 -10.07 -14.32 -3.72
CA GLU C 173 -10.21 -14.96 -5.02
C GLU C 173 -9.52 -14.13 -6.09
N ASP C 174 -8.79 -14.82 -6.97
CA ASP C 174 -8.12 -14.23 -8.13
C ASP C 174 -8.73 -14.92 -9.36
N ASP C 175 -9.77 -14.31 -9.93
CA ASP C 175 -10.54 -14.87 -11.04
C ASP C 175 -10.97 -16.29 -10.66
N ASN C 176 -10.65 -17.31 -11.45
CA ASN C 176 -11.05 -18.68 -11.10
C ASN C 176 -10.20 -19.25 -9.96
N LYS C 177 -9.04 -18.65 -9.67
CA LYS C 177 -8.16 -19.16 -8.62
C LYS C 177 -8.72 -18.81 -7.24
N LYS C 178 -8.23 -19.52 -6.22
CA LYS C 178 -8.69 -19.29 -4.85
C LYS C 178 -7.58 -19.62 -3.87
N GLY C 179 -7.49 -18.84 -2.80
CA GLY C 179 -6.51 -19.06 -1.76
C GLY C 179 -6.76 -20.33 -0.97
N ASN C 180 -5.91 -20.54 0.03
CA ASN C 180 -5.91 -21.77 0.81
C ASN C 180 -6.10 -21.46 2.29
N ARG C 181 -6.37 -22.52 3.05
CA ARG C 181 -6.56 -22.46 4.49
C ARG C 181 -5.32 -23.03 5.16
N GLY C 182 -4.60 -22.19 5.88
CA GLY C 182 -3.38 -22.62 6.56
C GLY C 182 -3.64 -23.04 8.00
N ILE C 183 -2.99 -24.13 8.40
CA ILE C 183 -3.14 -24.69 9.74
C ILE C 183 -1.77 -25.10 10.25
N VAL C 184 -1.57 -24.94 11.56
CA VAL C 184 -0.32 -25.29 12.24
C VAL C 184 -0.65 -26.24 13.37
N GLU C 185 -0.13 -27.45 13.30
CA GLU C 185 -0.30 -28.44 14.35
C GLU C 185 0.96 -28.51 15.21
N VAL C 186 0.77 -28.51 16.53
CA VAL C 186 1.87 -28.55 17.48
C VAL C 186 1.64 -29.78 18.34
N TYR C 187 2.38 -30.85 18.06
CA TYR C 187 2.26 -32.12 18.80
C TYR C 187 3.45 -32.20 19.75
N VAL C 188 3.25 -31.75 20.98
CA VAL C 188 4.30 -31.77 22.00
C VAL C 188 4.34 -33.13 22.66
N GLU C 189 5.56 -33.69 22.81
CA GLU C 189 5.78 -34.95 23.50
C GLU C 189 6.38 -34.68 24.88
N PRO C 190 6.07 -35.49 25.89
CA PRO C 190 6.69 -35.27 27.21
C PRO C 190 8.21 -35.33 27.09
N TYR C 191 8.86 -34.24 27.45
CA TYR C 191 10.32 -34.14 27.37
C TYR C 191 10.85 -33.47 28.63
N GLY C 192 12.04 -33.88 29.04
CA GLY C 192 12.65 -33.34 30.24
C GLY C 192 11.97 -33.86 31.49
N ASN C 193 12.43 -33.36 32.63
CA ASN C 193 11.88 -33.77 33.92
C ASN C 193 11.57 -32.58 34.80
N LYS C 194 12.59 -31.81 35.17
CA LYS C 194 12.40 -30.64 36.03
C LYS C 194 13.56 -29.67 35.76
N ILE C 195 13.59 -28.59 36.52
CA ILE C 195 14.58 -27.53 36.34
C ILE C 195 15.66 -27.65 37.41
N ASN C 196 16.92 -27.60 36.99
CA ASN C 196 18.05 -27.45 37.91
C ASN C 196 18.11 -25.99 38.31
N GLY C 197 17.24 -25.61 39.23
CA GLY C 197 17.11 -24.22 39.63
C GLY C 197 16.44 -24.07 40.97
N CYS C 198 15.76 -22.95 41.15
CA CYS C 198 15.13 -22.62 42.42
C CYS C 198 13.77 -22.00 42.16
N ALA C 199 12.91 -22.07 43.17
CA ALA C 199 11.54 -21.54 43.10
C ALA C 199 11.32 -20.61 44.29
N PHE C 200 11.32 -19.31 44.03
CA PHE C 200 11.09 -18.31 45.07
C PHE C 200 9.60 -18.05 45.21
N LEU C 201 9.07 -18.28 46.41
CA LEU C 201 7.64 -18.16 46.67
C LEU C 201 7.35 -17.00 47.63
N GLU C 221 -3.44 -24.70 39.69
CA GLU C 221 -3.14 -23.34 39.24
C GLU C 221 -1.74 -22.92 39.68
N LYS C 222 -1.54 -22.85 41.00
CA LYS C 222 -0.25 -22.49 41.57
C LYS C 222 0.62 -23.70 41.88
N ILE C 223 0.10 -24.91 41.70
CA ILE C 223 0.84 -26.12 42.04
C ILE C 223 2.05 -26.28 41.12
N LYS C 224 1.86 -26.04 39.82
CA LYS C 224 2.92 -26.25 38.85
C LYS C 224 4.16 -25.42 39.14
N MET C 225 4.05 -24.40 40.00
CA MET C 225 5.23 -23.65 40.41
C MET C 225 6.15 -24.51 41.26
N LYS C 226 5.58 -25.37 42.12
CA LYS C 226 6.40 -26.15 43.04
C LYS C 226 6.94 -27.41 42.41
N THR C 227 6.26 -27.96 41.39
CA THR C 227 6.60 -29.25 40.81
C THR C 227 7.49 -29.13 39.57
N PHE C 228 8.12 -27.98 39.36
CA PHE C 228 8.98 -27.79 38.20
C PHE C 228 10.42 -27.44 38.53
N PHE C 229 10.74 -27.19 39.80
CA PHE C 229 12.09 -26.84 40.21
C PHE C 229 12.61 -27.85 41.21
N THR C 230 13.94 -27.99 41.26
CA THR C 230 14.56 -28.93 42.18
C THR C 230 14.63 -28.40 43.59
N GLN C 231 14.71 -27.07 43.74
CA GLN C 231 14.81 -26.43 45.04
C GLN C 231 13.75 -25.35 45.14
N ASN C 232 13.09 -25.29 46.28
CA ASN C 232 12.08 -24.28 46.56
C ASN C 232 12.57 -23.39 47.71
N ILE C 233 12.35 -22.08 47.56
CA ILE C 233 12.82 -21.10 48.52
C ILE C 233 11.57 -20.38 49.04
N TYR C 234 11.28 -20.57 50.32
CA TYR C 234 10.11 -19.97 50.94
C TYR C 234 10.49 -18.65 51.60
N LYS C 235 9.53 -17.73 51.62
CA LYS C 235 9.84 -16.36 52.01
C LYS C 235 9.99 -16.21 53.52
N LYS C 236 9.05 -16.77 54.29
CA LYS C 236 9.04 -16.53 55.72
C LYS C 236 10.26 -17.12 56.41
N ASN C 237 10.53 -18.41 56.18
CA ASN C 237 11.63 -19.11 56.85
C ASN C 237 12.42 -19.91 55.81
N ASN C 238 13.55 -19.36 55.38
CA ASN C 238 14.46 -20.03 54.46
C ASN C 238 15.74 -20.42 55.21
N ILE C 239 16.23 -21.63 54.93
CA ILE C 239 17.49 -22.10 55.49
C ILE C 239 18.57 -22.00 54.42
N TYR C 240 18.45 -22.83 53.38
CA TYR C 240 19.46 -22.89 52.32
C TYR C 240 19.15 -21.88 51.24
N PRO C 241 20.12 -21.06 50.80
CA PRO C 241 19.86 -20.16 49.67
C PRO C 241 19.81 -20.91 48.35
N CYS C 242 19.55 -20.20 47.26
CA CYS C 242 19.50 -20.85 45.95
C CYS C 242 20.88 -21.38 45.56
N TYR C 243 20.88 -22.49 44.82
CA TYR C 243 22.13 -23.15 44.44
C TYR C 243 21.79 -24.14 43.32
N MET C 244 22.09 -23.74 42.08
CA MET C 244 21.77 -24.55 40.91
C MET C 244 23.04 -25.13 40.33
N LYS C 245 23.05 -26.45 40.14
CA LYS C 245 24.20 -27.20 39.66
C LYS C 245 23.97 -27.61 38.22
N LEU C 246 25.04 -27.57 37.41
CA LEU C 246 24.94 -27.80 35.97
C LEU C 246 26.16 -28.58 35.47
N TYR C 247 26.06 -29.04 34.23
CA TYR C 247 27.16 -29.70 33.54
C TYR C 247 27.20 -29.18 32.11
N SER C 248 27.97 -29.84 31.24
CA SER C 248 28.06 -29.47 29.83
C SER C 248 26.85 -30.01 29.09
N GLY C 249 25.99 -29.11 28.61
CA GLY C 249 24.80 -29.49 27.87
C GLY C 249 23.53 -29.56 28.67
N ASP C 250 23.56 -29.16 29.95
CA ASP C 250 22.38 -29.14 30.79
C ASP C 250 21.78 -27.74 30.84
N ILE C 251 20.57 -27.65 31.38
CA ILE C 251 19.83 -26.40 31.41
C ILE C 251 19.29 -26.16 32.81
N GLY C 252 19.25 -24.88 33.19
CA GLY C 252 18.69 -24.48 34.46
C GLY C 252 17.84 -23.24 34.29
N GLY C 253 17.19 -22.85 35.38
CA GLY C 253 16.31 -21.69 35.36
C GLY C 253 16.00 -21.24 36.76
N ILE C 254 15.31 -20.11 36.86
CA ILE C 254 14.94 -19.53 38.14
C ILE C 254 13.54 -18.93 38.03
N LEU C 255 12.77 -19.07 39.10
CA LEU C 255 11.44 -18.45 39.20
C LEU C 255 11.55 -17.32 40.23
N PHE C 256 11.76 -16.10 39.73
CA PHE C 256 11.95 -14.97 40.62
C PHE C 256 10.66 -14.71 41.40
N PRO C 257 10.76 -14.01 42.54
CA PRO C 257 9.57 -13.87 43.40
C PRO C 257 8.50 -13.00 42.78
N LYS C 258 7.39 -12.84 43.49
CA LYS C 258 6.26 -12.08 42.96
C LYS C 258 6.43 -10.57 43.15
N ASN C 259 7.29 -10.15 44.07
CA ASN C 259 7.50 -8.74 44.35
C ASN C 259 8.96 -8.37 44.14
N ILE C 260 9.50 -8.65 42.96
CA ILE C 260 10.92 -8.44 42.70
C ILE C 260 11.17 -6.98 42.33
N LYS C 261 12.25 -6.42 42.87
CA LYS C 261 12.69 -5.06 42.58
C LYS C 261 13.76 -5.00 41.50
N SER C 262 14.84 -5.75 41.67
CA SER C 262 15.91 -5.81 40.68
C SER C 262 16.66 -7.12 40.84
N THR C 263 17.52 -7.42 39.88
CA THR C 263 18.28 -8.66 39.90
C THR C 263 19.61 -8.46 39.21
N THR C 264 20.63 -9.16 39.71
CA THR C 264 22.00 -9.08 39.20
C THR C 264 22.51 -10.46 38.80
N CYS C 265 21.61 -11.39 38.48
CA CYS C 265 21.96 -12.80 38.43
C CYS C 265 22.37 -13.31 37.05
N PHE C 266 22.35 -12.49 36.00
CA PHE C 266 22.96 -12.92 34.75
C PHE C 266 23.63 -11.79 33.98
N GLU C 267 23.45 -10.55 34.46
CA GLU C 267 24.17 -9.41 33.89
C GLU C 267 25.37 -8.99 34.73
N GLU C 268 25.40 -9.34 36.02
CA GLU C 268 26.44 -8.88 36.93
C GLU C 268 26.76 -10.05 37.88
N MET C 269 27.74 -10.85 37.49
CA MET C 269 28.16 -12.02 38.26
C MET C 269 29.47 -11.76 38.99
N ILE C 270 29.65 -12.44 40.11
CA ILE C 270 30.87 -12.30 40.91
C ILE C 270 31.40 -13.72 41.17
N PRO C 271 32.68 -14.00 40.88
CA PRO C 271 33.20 -15.36 41.13
C PRO C 271 33.96 -15.54 42.43
N TYR C 272 34.25 -16.79 42.76
CA TYR C 272 35.16 -17.14 43.85
C TYR C 272 35.86 -18.43 43.45
N ASN C 273 37.02 -18.68 44.07
CA ASN C 273 37.82 -19.86 43.75
C ASN C 273 38.12 -19.89 42.24
N LYS C 274 38.56 -18.76 41.73
CA LYS C 274 38.66 -18.58 40.28
C LYS C 274 39.69 -19.50 39.65
N GLU C 275 39.48 -19.80 38.37
CA GLU C 275 40.47 -20.46 37.54
C GLU C 275 41.51 -19.48 37.04
N ILE C 276 41.08 -18.23 36.77
CA ILE C 276 41.93 -17.19 36.23
C ILE C 276 41.47 -15.87 36.84
N LYS C 277 42.38 -14.90 36.91
CA LYS C 277 42.03 -13.58 37.43
C LYS C 277 40.84 -13.02 36.67
N TRP C 278 39.94 -12.37 37.41
CA TRP C 278 38.62 -11.99 36.92
C TRP C 278 38.62 -10.55 36.44
N ASN C 279 37.90 -10.31 35.34
CA ASN C 279 37.67 -8.97 34.81
C ASN C 279 36.32 -8.48 35.30
N LYS C 280 36.34 -7.37 36.05
CA LYS C 280 35.14 -6.85 36.69
C LYS C 280 34.11 -6.31 35.69
N GLU C 281 34.40 -6.30 34.40
CA GLU C 281 33.46 -5.82 33.40
C GLU C 281 32.91 -6.94 32.50
N ASN C 282 33.68 -7.99 32.26
CA ASN C 282 33.17 -9.16 31.53
C ASN C 282 32.40 -10.07 32.48
N LYS C 283 31.28 -9.53 33.00
CA LYS C 283 30.52 -10.19 34.05
C LYS C 283 29.14 -10.68 33.61
N SER C 284 28.67 -10.30 32.42
CA SER C 284 27.41 -10.84 31.93
C SER C 284 27.60 -12.31 31.53
N LEU C 285 26.60 -13.13 31.83
CA LEU C 285 26.72 -14.56 31.55
C LEU C 285 27.02 -14.82 30.09
N GLY C 286 26.50 -13.97 29.18
CA GLY C 286 26.85 -14.11 27.78
C GLY C 286 28.28 -13.72 27.50
N ASN C 287 28.79 -12.72 28.23
CA ASN C 287 30.19 -12.30 28.13
C ASN C 287 31.11 -13.18 28.95
N LEU C 288 30.58 -14.06 29.79
CA LEU C 288 31.40 -14.93 30.63
C LEU C 288 31.70 -16.26 29.94
N VAL C 289 30.74 -16.81 29.20
CA VAL C 289 30.90 -18.06 28.47
C VAL C 289 30.52 -17.80 27.02
N ASN C 290 31.45 -18.04 26.12
CA ASN C 290 31.18 -17.83 24.70
C ASN C 290 30.13 -18.81 24.21
N ASN C 291 29.17 -18.31 23.45
CA ASN C 291 28.08 -19.09 22.87
C ASN C 291 27.11 -19.61 23.92
N SER C 292 27.01 -18.95 25.07
CA SER C 292 26.02 -19.29 26.07
C SER C 292 24.69 -18.64 25.72
N VAL C 293 23.65 -18.93 26.49
CA VAL C 293 22.30 -18.46 26.19
C VAL C 293 21.58 -18.08 27.48
N VAL C 294 20.73 -17.05 27.37
CA VAL C 294 19.83 -16.64 28.45
C VAL C 294 18.48 -16.32 27.81
N TYR C 295 17.41 -16.61 28.53
CA TYR C 295 16.05 -16.41 28.05
C TYR C 295 15.28 -15.53 29.01
N ASN C 296 14.52 -14.59 28.45
CA ASN C 296 13.75 -13.63 29.25
C ASN C 296 14.68 -12.75 30.08
N LYS C 297 15.78 -12.29 29.47
CA LYS C 297 16.73 -11.46 30.19
C LYS C 297 16.06 -10.22 30.76
N GLU C 298 15.07 -9.68 30.06
CA GLU C 298 14.37 -8.48 30.47
C GLU C 298 13.13 -8.75 31.31
N MET C 299 12.79 -10.02 31.54
CA MET C 299 11.57 -10.35 32.28
C MET C 299 10.34 -9.78 31.56
N ASN C 300 10.34 -9.88 30.23
CA ASN C 300 9.29 -9.26 29.43
C ASN C 300 8.04 -10.12 29.29
N ALA C 301 8.13 -11.43 29.53
CA ALA C 301 6.91 -12.25 29.52
C ALA C 301 5.97 -11.76 30.61
N LYS C 302 4.68 -11.78 30.31
CA LYS C 302 3.70 -11.22 31.24
C LYS C 302 3.20 -12.25 32.25
N TYR C 303 3.06 -13.51 31.83
CA TYR C 303 2.36 -14.48 32.66
C TYR C 303 3.22 -14.96 33.83
N PHE C 304 4.49 -15.25 33.58
CA PHE C 304 5.38 -15.78 34.61
C PHE C 304 6.63 -14.91 34.68
N ASN C 305 7.16 -14.76 35.90
CA ASN C 305 8.41 -14.05 36.15
C ASN C 305 9.51 -15.11 36.24
N VAL C 306 10.11 -15.44 35.09
CA VAL C 306 11.01 -16.57 34.98
C VAL C 306 12.18 -16.21 34.07
N GLN C 307 13.30 -16.92 34.27
CA GLN C 307 14.47 -16.81 33.42
C GLN C 307 15.11 -18.18 33.30
N TYR C 308 15.71 -18.43 32.14
CA TYR C 308 16.36 -19.70 31.85
C TYR C 308 17.76 -19.46 31.32
N VAL C 309 18.51 -20.56 31.17
CA VAL C 309 19.88 -20.51 30.67
C VAL C 309 20.20 -21.84 29.99
N HIS C 310 21.24 -21.83 29.17
CA HIS C 310 21.72 -23.04 28.52
C HIS C 310 23.25 -23.02 28.48
N ILE C 311 23.83 -24.21 28.60
CA ILE C 311 25.28 -24.40 28.59
C ILE C 311 25.66 -25.06 27.27
N PRO C 312 26.48 -24.44 26.42
CA PRO C 312 26.87 -25.10 25.17
C PRO C 312 27.67 -26.36 25.44
N THR C 313 27.52 -27.33 24.55
CA THR C 313 28.23 -28.60 24.67
C THR C 313 29.73 -28.46 24.43
N SER C 314 30.21 -27.30 23.99
CA SER C 314 31.64 -27.10 23.74
C SER C 314 32.37 -26.52 24.94
N TYR C 315 31.66 -26.04 25.95
CA TYR C 315 32.26 -25.46 27.14
C TYR C 315 32.65 -26.57 28.09
N LYS C 316 33.93 -26.92 28.13
CA LYS C 316 34.45 -27.99 28.97
C LYS C 316 35.29 -27.48 30.14
N ASP C 317 35.25 -26.19 30.43
CA ASP C 317 36.01 -25.61 31.52
C ASP C 317 35.16 -25.51 32.78
N THR C 318 35.80 -25.70 33.94
CA THR C 318 35.11 -25.62 35.22
C THR C 318 35.11 -24.19 35.74
N LEU C 319 34.01 -23.81 36.39
CA LEU C 319 33.89 -22.47 36.96
C LEU C 319 32.70 -22.47 37.92
N ASN C 320 32.83 -21.73 39.02
CA ASN C 320 31.79 -21.65 40.04
C ASN C 320 31.55 -20.19 40.40
N LEU C 321 30.30 -19.76 40.31
CA LEU C 321 29.92 -18.37 40.47
C LEU C 321 28.70 -18.27 41.39
N PHE C 322 28.38 -17.02 41.77
CA PHE C 322 27.22 -16.73 42.60
C PHE C 322 26.58 -15.44 42.12
N CYS C 323 25.36 -15.19 42.60
CA CYS C 323 24.68 -13.93 42.34
C CYS C 323 23.61 -13.70 43.40
N SER C 324 23.05 -12.49 43.39
CA SER C 324 22.11 -12.05 44.41
C SER C 324 20.86 -11.46 43.76
N ILE C 325 19.86 -11.21 44.61
CA ILE C 325 18.57 -10.66 44.17
C ILE C 325 18.12 -9.62 45.20
N ILE C 326 17.30 -8.69 44.75
CA ILE C 326 16.71 -7.66 45.60
C ILE C 326 15.20 -7.77 45.53
N LEU C 327 14.53 -7.20 46.53
CA LEU C 327 13.08 -7.18 46.59
C LEU C 327 12.62 -5.78 47.01
N LYS C 328 11.38 -5.46 46.63
CA LYS C 328 10.80 -4.16 46.96
C LYS C 328 10.47 -4.10 48.45
N GLU C 329 9.98 -2.94 48.88
CA GLU C 329 9.59 -2.75 50.28
C GLU C 329 10.80 -2.92 51.21
N SER C 336 13.96 -4.18 53.64
CA SER C 336 13.93 -4.88 52.36
C SER C 336 14.70 -6.20 52.43
N THR C 337 14.05 -7.28 51.99
CA THR C 337 14.65 -8.60 51.95
C THR C 337 15.45 -8.80 50.67
N SER C 338 16.40 -9.74 50.74
CA SER C 338 17.25 -10.04 49.59
C SER C 338 17.69 -11.50 49.70
N TYR C 339 17.69 -12.19 48.57
CA TYR C 339 18.18 -13.56 48.46
C TYR C 339 19.50 -13.60 47.72
N LEU C 340 20.16 -14.76 47.82
CA LEU C 340 21.41 -15.03 47.12
C LEU C 340 21.24 -16.29 46.29
N VAL C 341 22.15 -16.48 45.33
CA VAL C 341 22.13 -17.65 44.46
C VAL C 341 23.56 -18.15 44.27
N TYR C 342 23.71 -19.47 44.26
CA TYR C 342 25.00 -20.11 44.00
C TYR C 342 24.95 -20.86 42.67
N VAL C 343 26.11 -20.94 42.02
CA VAL C 343 26.22 -21.58 40.72
C VAL C 343 27.48 -22.45 40.71
N SER C 344 27.38 -23.62 40.08
CA SER C 344 28.50 -24.53 39.89
C SER C 344 28.40 -25.08 38.48
N ILE C 345 29.49 -25.02 37.72
CA ILE C 345 29.49 -25.39 36.32
C ILE C 345 30.66 -26.34 36.07
N ASN C 346 30.35 -27.53 35.56
CA ASN C 346 31.35 -28.53 35.18
C ASN C 346 32.26 -28.94 36.33
N GLU C 347 31.82 -28.75 37.57
CA GLU C 347 32.62 -29.11 38.74
C GLU C 347 32.58 -30.63 38.88
N GLY C 348 33.46 -31.29 38.14
CA GLY C 348 33.54 -32.74 38.16
C GLY C 348 34.96 -33.26 38.02
N GLN D 3 -21.27 7.93 -6.41
CA GLN D 3 -22.31 7.14 -7.14
C GLN D 3 -21.65 6.30 -8.21
N VAL D 4 -21.95 5.00 -8.20
CA VAL D 4 -21.40 4.04 -9.16
C VAL D 4 -22.42 3.79 -10.25
N GLN D 5 -21.97 3.76 -11.50
CA GLN D 5 -22.84 3.53 -12.64
C GLN D 5 -22.14 2.66 -13.67
N LEU D 6 -22.82 1.60 -14.11
CA LEU D 6 -22.41 0.82 -15.27
C LEU D 6 -23.46 1.03 -16.36
N VAL D 7 -23.02 1.34 -17.57
CA VAL D 7 -23.93 1.74 -18.64
C VAL D 7 -23.55 0.96 -19.89
N GLU D 8 -24.51 0.20 -20.41
CA GLU D 8 -24.32 -0.55 -21.63
C GLU D 8 -24.75 0.26 -22.84
N SER D 9 -24.31 -0.17 -24.01
CA SER D 9 -24.71 0.47 -25.25
C SER D 9 -24.39 -0.47 -26.41
N GLY D 10 -24.91 -0.13 -27.58
CA GLY D 10 -24.63 -0.84 -28.80
C GLY D 10 -25.66 -1.89 -29.17
N GLY D 11 -26.59 -2.20 -28.28
CA GLY D 11 -27.58 -3.22 -28.57
C GLY D 11 -28.55 -2.76 -29.64
N GLY D 12 -29.43 -3.68 -30.01
CA GLY D 12 -30.41 -3.37 -31.03
C GLY D 12 -30.92 -4.64 -31.69
N VAL D 13 -31.33 -4.49 -32.94
CA VAL D 13 -31.88 -5.57 -33.75
C VAL D 13 -30.85 -5.98 -34.79
N VAL D 14 -30.70 -7.29 -34.99
CA VAL D 14 -29.80 -7.85 -36.00
C VAL D 14 -30.46 -9.10 -36.57
N GLN D 15 -30.05 -9.46 -37.78
CA GLN D 15 -30.60 -10.64 -38.43
C GLN D 15 -29.73 -11.85 -38.14
N PRO D 16 -30.30 -13.06 -38.24
CA PRO D 16 -29.54 -14.25 -37.88
C PRO D 16 -28.18 -14.28 -38.57
N GLY D 17 -27.17 -14.75 -37.85
CA GLY D 17 -25.82 -14.75 -38.35
C GLY D 17 -25.10 -13.42 -38.24
N GLY D 18 -25.82 -12.35 -37.90
CA GLY D 18 -25.22 -11.04 -37.85
C GLY D 18 -24.24 -10.89 -36.70
N SER D 19 -23.55 -9.76 -36.71
CA SER D 19 -22.57 -9.41 -35.70
C SER D 19 -23.00 -8.12 -35.00
N LEU D 20 -22.41 -7.87 -33.83
CA LEU D 20 -22.74 -6.68 -33.07
C LEU D 20 -21.76 -6.52 -31.92
N ARG D 21 -21.32 -5.27 -31.69
CA ARG D 21 -20.36 -4.94 -30.65
C ARG D 21 -21.06 -4.15 -29.55
N LEU D 22 -20.90 -4.61 -28.32
CA LEU D 22 -21.51 -3.98 -27.15
C LEU D 22 -20.45 -3.28 -26.32
N SER D 23 -20.83 -2.15 -25.71
CA SER D 23 -19.95 -1.33 -24.91
C SER D 23 -20.53 -1.19 -23.51
N CYS D 24 -19.76 -1.61 -22.50
CA CYS D 24 -20.10 -1.40 -21.10
C CYS D 24 -19.16 -0.33 -20.57
N THR D 25 -19.74 0.78 -20.12
CA THR D 25 -18.97 1.94 -19.69
C THR D 25 -19.21 2.16 -18.21
N ALA D 26 -18.12 2.26 -17.44
CA ALA D 26 -18.20 2.40 -16.00
C ALA D 26 -17.77 3.80 -15.58
N SER D 27 -18.41 4.29 -14.52
CA SER D 27 -18.08 5.58 -13.96
C SER D 27 -18.35 5.54 -12.46
N GLY D 28 -17.57 6.34 -11.72
CA GLY D 28 -17.76 6.42 -10.30
C GLY D 28 -16.90 5.49 -9.48
N LEU D 29 -15.90 4.85 -10.09
CA LEU D 29 -15.07 3.90 -9.35
C LEU D 29 -13.70 3.83 -10.01
N ILE D 30 -12.75 3.25 -9.27
CA ILE D 30 -11.42 2.98 -9.82
C ILE D 30 -11.52 1.71 -10.64
N PHE D 31 -11.50 1.85 -11.97
CA PHE D 31 -11.90 0.75 -12.84
C PHE D 31 -10.86 -0.35 -12.89
N ASN D 32 -9.58 -0.02 -12.78
CA ASN D 32 -8.51 -1.01 -12.93
C ASN D 32 -8.35 -1.91 -11.71
N LYS D 33 -9.39 -2.05 -10.86
CA LYS D 33 -9.31 -2.91 -9.69
C LYS D 33 -10.52 -3.84 -9.59
N TYR D 34 -11.38 -3.87 -10.61
CA TYR D 34 -12.60 -4.67 -10.58
C TYR D 34 -12.72 -5.45 -11.88
N GLY D 35 -13.08 -6.72 -11.76
CA GLY D 35 -13.40 -7.51 -12.93
C GLY D 35 -14.79 -7.19 -13.49
N ILE D 36 -15.00 -7.54 -14.75
CA ILE D 36 -16.24 -7.24 -15.46
C ILE D 36 -16.83 -8.53 -16.00
N TYR D 37 -18.15 -8.64 -15.93
CA TYR D 37 -18.87 -9.83 -16.33
C TYR D 37 -20.07 -9.44 -17.17
N TRP D 38 -20.36 -10.24 -18.19
CA TRP D 38 -21.54 -10.07 -19.03
C TRP D 38 -22.52 -11.19 -18.73
N VAL D 39 -23.77 -10.83 -18.45
CA VAL D 39 -24.82 -11.78 -18.14
C VAL D 39 -26.05 -11.43 -18.97
N ARG D 40 -26.66 -12.45 -19.56
CA ARG D 40 -27.81 -12.27 -20.42
C ARG D 40 -29.05 -12.90 -19.78
N GLN D 41 -30.20 -12.38 -20.19
CA GLN D 41 -31.49 -12.79 -19.63
C GLN D 41 -32.48 -12.90 -20.79
N ALA D 42 -32.81 -14.12 -21.17
CA ALA D 42 -33.80 -14.31 -22.22
C ALA D 42 -35.15 -13.81 -21.72
N PRO D 43 -35.89 -13.04 -22.52
CA PRO D 43 -37.13 -12.43 -22.00
C PRO D 43 -38.07 -13.48 -21.45
N GLY D 44 -38.55 -13.24 -20.22
CA GLY D 44 -39.38 -14.19 -19.51
C GLY D 44 -38.63 -15.34 -18.88
N LYS D 45 -37.30 -15.37 -18.99
CA LYS D 45 -36.47 -16.44 -18.46
C LYS D 45 -35.46 -15.88 -17.47
N GLY D 46 -34.64 -16.78 -16.92
CA GLY D 46 -33.70 -16.43 -15.88
C GLY D 46 -32.40 -15.83 -16.39
N LEU D 47 -31.39 -15.84 -15.54
CA LEU D 47 -30.08 -15.28 -15.84
C LEU D 47 -29.10 -16.37 -16.24
N GLU D 48 -28.17 -16.00 -17.13
CA GLU D 48 -27.16 -16.91 -17.65
C GLU D 48 -25.86 -16.14 -17.88
N TRP D 49 -24.76 -16.66 -17.34
CA TRP D 49 -23.46 -16.02 -17.53
C TRP D 49 -22.99 -16.20 -18.97
N VAL D 50 -22.29 -15.18 -19.47
CA VAL D 50 -21.85 -15.16 -20.87
C VAL D 50 -20.33 -15.12 -20.94
N ALA D 51 -19.74 -14.01 -20.50
CA ALA D 51 -18.31 -13.78 -20.65
C ALA D 51 -17.79 -13.10 -19.39
N PHE D 52 -16.49 -12.80 -19.41
CA PHE D 52 -15.81 -12.18 -18.28
C PHE D 52 -14.43 -11.76 -18.73
N ILE D 53 -13.91 -10.71 -18.10
CA ILE D 53 -12.58 -10.19 -18.40
C ILE D 53 -11.97 -9.68 -17.10
N ARG D 54 -10.67 -9.87 -16.96
CA ARG D 54 -9.99 -9.50 -15.73
C ARG D 54 -9.92 -7.98 -15.61
N TYR D 55 -9.48 -7.52 -14.43
CA TYR D 55 -9.38 -6.08 -14.19
C TYR D 55 -8.42 -5.42 -15.16
N ASP D 56 -7.39 -6.14 -15.61
CA ASP D 56 -6.39 -5.62 -16.52
C ASP D 56 -6.60 -6.04 -17.97
N GLY D 57 -7.57 -6.92 -18.22
CA GLY D 57 -7.79 -7.42 -19.56
C GLY D 57 -6.89 -8.57 -19.97
N THR D 58 -6.09 -9.10 -19.04
CA THR D 58 -5.13 -10.13 -19.40
C THR D 58 -5.81 -11.46 -19.69
N ASN D 59 -6.76 -11.87 -18.84
CA ASN D 59 -7.42 -13.15 -18.95
C ASN D 59 -8.88 -12.95 -19.31
N GLN D 60 -9.41 -13.85 -20.13
CA GLN D 60 -10.79 -13.79 -20.58
C GLN D 60 -11.41 -15.19 -20.54
N PHE D 61 -12.63 -15.27 -20.03
CA PHE D 61 -13.37 -16.53 -19.96
C PHE D 61 -14.73 -16.39 -20.63
N TYR D 62 -15.09 -17.36 -21.47
CA TYR D 62 -16.37 -17.39 -22.15
C TYR D 62 -17.14 -18.65 -21.79
N ALA D 63 -18.45 -18.61 -22.03
CA ALA D 63 -19.32 -19.77 -21.87
C ALA D 63 -19.35 -20.59 -23.14
N ASP D 64 -19.47 -21.92 -22.98
CA ASP D 64 -19.38 -22.80 -24.13
C ASP D 64 -20.34 -22.41 -25.23
N SER D 65 -21.54 -21.93 -24.86
CA SER D 65 -22.53 -21.61 -25.87
C SER D 65 -22.12 -20.43 -26.74
N VAL D 66 -21.08 -19.69 -26.35
CA VAL D 66 -20.65 -18.51 -27.08
C VAL D 66 -19.18 -18.55 -27.44
N LYS D 67 -18.45 -19.58 -27.02
CA LYS D 67 -17.04 -19.65 -27.37
C LYS D 67 -16.88 -19.66 -28.89
N GLY D 68 -15.84 -18.98 -29.35
CA GLY D 68 -15.58 -18.86 -30.77
C GLY D 68 -16.35 -17.77 -31.48
N ARG D 69 -17.46 -17.32 -30.92
CA ARG D 69 -18.25 -16.25 -31.53
C ARG D 69 -18.17 -14.94 -30.76
N PHE D 70 -17.86 -14.97 -29.46
CA PHE D 70 -17.76 -13.77 -28.65
C PHE D 70 -16.30 -13.45 -28.33
N THR D 71 -15.97 -12.17 -28.39
CA THR D 71 -14.61 -11.70 -28.12
C THR D 71 -14.70 -10.49 -27.21
N ILE D 72 -14.14 -10.62 -26.01
CA ILE D 72 -14.22 -9.58 -24.99
C ILE D 72 -12.86 -8.91 -24.85
N SER D 73 -12.89 -7.59 -24.74
CA SER D 73 -11.68 -6.79 -24.55
C SER D 73 -12.07 -5.56 -23.76
N ARG D 74 -11.06 -4.86 -23.23
CA ARG D 74 -11.33 -3.63 -22.50
C ARG D 74 -10.19 -2.65 -22.69
N ASP D 75 -10.52 -1.36 -22.50
CA ASP D 75 -9.56 -0.26 -22.55
C ASP D 75 -9.79 0.53 -21.27
N ASN D 76 -9.04 0.18 -20.22
CA ASN D 76 -9.21 0.85 -18.94
C ASN D 76 -8.95 2.34 -19.06
N SER D 77 -8.15 2.75 -20.04
CA SER D 77 -7.89 4.17 -20.22
C SER D 77 -9.19 4.94 -20.35
N LYS D 78 -10.17 4.38 -21.07
CA LYS D 78 -11.46 5.02 -21.31
C LYS D 78 -12.56 4.45 -20.43
N ASN D 79 -12.23 3.57 -19.49
CA ASN D 79 -13.21 2.98 -18.57
C ASN D 79 -14.31 2.22 -19.30
N LYS D 80 -13.97 1.62 -20.44
CA LYS D 80 -14.93 0.83 -21.21
C LYS D 80 -14.46 -0.62 -21.29
N VAL D 81 -15.41 -1.50 -21.56
CA VAL D 81 -15.14 -2.91 -21.86
C VAL D 81 -16.11 -3.33 -22.95
N TYR D 82 -15.57 -3.86 -24.04
CA TYR D 82 -16.32 -4.21 -25.22
C TYR D 82 -16.53 -5.72 -25.31
N LEU D 83 -17.66 -6.11 -25.90
CA LEU D 83 -17.96 -7.52 -26.17
C LEU D 83 -18.44 -7.65 -27.61
N GLN D 84 -17.58 -8.19 -28.47
CA GLN D 84 -17.92 -8.40 -29.87
C GLN D 84 -18.67 -9.72 -30.01
N MET D 85 -19.88 -9.66 -30.54
CA MET D 85 -20.72 -10.84 -30.70
C MET D 85 -20.93 -11.08 -32.19
N ASN D 86 -20.35 -12.16 -32.70
CA ASN D 86 -20.48 -12.53 -34.09
C ASN D 86 -21.36 -13.78 -34.19
N SER D 87 -21.76 -14.08 -35.43
CA SER D 87 -22.56 -15.26 -35.74
C SER D 87 -23.73 -15.39 -34.75
N LEU D 88 -24.42 -14.28 -34.53
CA LEU D 88 -25.51 -14.27 -33.58
C LEU D 88 -26.64 -15.17 -34.07
N ARG D 89 -27.39 -15.73 -33.12
CA ARG D 89 -28.48 -16.64 -33.43
C ARG D 89 -29.77 -16.21 -32.77
N ALA D 90 -30.80 -17.05 -32.83
CA ALA D 90 -32.05 -16.74 -32.16
C ALA D 90 -31.99 -17.03 -30.68
N GLU D 91 -31.22 -18.04 -30.28
CA GLU D 91 -31.07 -18.36 -28.87
C GLU D 91 -30.33 -17.27 -28.11
N ASP D 92 -29.62 -16.39 -28.81
CA ASP D 92 -28.86 -15.31 -28.19
C ASP D 92 -29.70 -14.06 -27.92
N THR D 93 -31.00 -14.09 -28.17
CA THR D 93 -31.85 -12.93 -27.96
C THR D 93 -32.13 -12.79 -26.46
N ALA D 94 -31.81 -11.63 -25.91
CA ALA D 94 -31.95 -11.42 -24.48
C ALA D 94 -31.50 -10.00 -24.15
N LEU D 95 -31.74 -9.62 -22.89
CA LEU D 95 -31.20 -8.39 -22.33
C LEU D 95 -29.84 -8.70 -21.72
N TYR D 96 -28.83 -7.91 -22.10
CA TYR D 96 -27.44 -8.16 -21.73
C TYR D 96 -27.01 -7.14 -20.68
N TYR D 97 -26.71 -7.62 -19.48
CA TYR D 97 -26.15 -6.79 -18.42
C TYR D 97 -24.64 -6.92 -18.41
N CYS D 98 -23.97 -5.89 -17.92
CA CYS D 98 -22.58 -5.99 -17.51
C CYS D 98 -22.52 -5.67 -16.03
N ALA D 99 -21.66 -6.36 -15.31
CA ALA D 99 -21.63 -6.27 -13.86
C ALA D 99 -20.19 -6.12 -13.39
N LYS D 100 -20.06 -5.74 -12.12
CA LYS D 100 -18.78 -5.50 -11.47
C LYS D 100 -18.64 -6.47 -10.31
N ASP D 101 -17.54 -7.21 -10.28
CA ASP D 101 -17.27 -8.08 -9.14
C ASP D 101 -17.00 -7.23 -7.90
N ARG D 102 -17.21 -7.85 -6.72
CA ARG D 102 -16.97 -7.11 -5.48
C ARG D 102 -15.50 -6.81 -5.26
N GLY D 103 -14.64 -7.23 -6.21
CA GLY D 103 -13.20 -7.06 -6.11
C GLY D 103 -12.47 -8.32 -5.71
N SER D 104 -12.57 -8.72 -4.44
CA SER D 104 -11.89 -9.93 -3.98
C SER D 104 -12.83 -11.12 -3.92
N ILE D 105 -14.13 -10.87 -3.81
CA ILE D 105 -15.17 -11.90 -3.85
C ILE D 105 -15.90 -11.78 -5.17
N ILE D 106 -16.11 -12.92 -5.84
CA ILE D 106 -16.74 -12.92 -7.16
C ILE D 106 -18.26 -12.91 -7.04
N VAL D 107 -18.80 -11.75 -6.68
CA VAL D 107 -20.24 -11.50 -6.68
C VAL D 107 -20.42 -10.16 -7.37
N PHE D 108 -21.65 -9.89 -7.80
CA PHE D 108 -21.94 -8.72 -8.62
C PHE D 108 -22.73 -7.72 -7.79
N ASP D 109 -22.00 -6.75 -7.22
CA ASP D 109 -22.62 -5.77 -6.33
C ASP D 109 -23.37 -4.71 -7.12
N HIS D 110 -22.75 -4.15 -8.15
CA HIS D 110 -23.37 -3.15 -9.01
C HIS D 110 -23.64 -3.77 -10.37
N TRP D 111 -24.82 -3.52 -10.90
CA TRP D 111 -25.23 -4.05 -12.18
C TRP D 111 -25.57 -2.91 -13.13
N GLY D 112 -25.50 -3.21 -14.42
CA GLY D 112 -25.99 -2.30 -15.43
C GLY D 112 -27.49 -2.36 -15.54
N GLN D 113 -28.02 -1.55 -16.47
CA GLN D 113 -29.45 -1.52 -16.69
C GLN D 113 -29.87 -2.39 -17.87
N GLY D 114 -28.93 -2.73 -18.74
CA GLY D 114 -29.20 -3.69 -19.79
C GLY D 114 -29.22 -3.03 -21.15
N THR D 115 -28.86 -3.81 -22.17
CA THR D 115 -28.99 -3.41 -23.57
C THR D 115 -29.60 -4.59 -24.31
N LEU D 116 -30.77 -4.38 -24.91
CA LEU D 116 -31.50 -5.47 -25.52
C LEU D 116 -30.88 -5.87 -26.85
N VAL D 117 -30.88 -7.17 -27.14
CA VAL D 117 -30.35 -7.70 -28.38
C VAL D 117 -31.44 -8.60 -28.96
N THR D 118 -32.09 -8.13 -30.03
CA THR D 118 -33.20 -8.82 -30.67
C THR D 118 -32.73 -9.44 -31.98
N VAL D 119 -33.11 -10.70 -32.19
CA VAL D 119 -32.75 -11.46 -33.40
C VAL D 119 -34.03 -12.05 -33.96
N SER D 120 -34.38 -11.67 -35.19
CA SER D 120 -35.63 -12.12 -35.81
C SER D 120 -35.38 -12.51 -37.25
N SER D 121 -36.05 -13.59 -37.67
CA SER D 121 -35.94 -14.10 -39.03
C SER D 121 -36.83 -13.30 -39.99
N GLU D 142 -19.00 -28.71 -14.38
CA GLU D 142 -19.99 -27.64 -14.31
C GLU D 142 -20.96 -27.87 -13.16
N ILE D 143 -21.10 -26.87 -12.31
CA ILE D 143 -21.95 -26.95 -11.13
C ILE D 143 -23.36 -26.51 -11.50
N VAL D 144 -24.35 -27.28 -11.06
CA VAL D 144 -25.75 -27.03 -11.39
C VAL D 144 -26.48 -26.61 -10.12
N LEU D 145 -27.31 -25.57 -10.25
CA LEU D 145 -28.12 -25.07 -9.15
C LEU D 145 -29.59 -25.28 -9.46
N THR D 146 -30.32 -25.81 -8.48
CA THR D 146 -31.74 -26.15 -8.64
C THR D 146 -32.52 -25.51 -7.51
N GLN D 147 -33.31 -24.50 -7.83
CA GLN D 147 -34.15 -23.81 -6.86
C GLN D 147 -35.56 -24.36 -6.91
N SER D 148 -36.10 -24.72 -5.75
CA SER D 148 -37.47 -25.20 -5.65
C SER D 148 -38.06 -24.66 -4.35
N PRO D 149 -39.28 -24.10 -4.38
CA PRO D 149 -40.15 -23.98 -5.55
C PRO D 149 -39.68 -22.91 -6.55
N ALA D 150 -40.19 -23.00 -7.78
CA ALA D 150 -39.87 -22.03 -8.84
C ALA D 150 -40.90 -20.92 -8.94
N THR D 151 -42.06 -21.08 -8.32
CA THR D 151 -43.07 -20.03 -8.29
C THR D 151 -43.92 -20.24 -7.04
N LEU D 152 -44.20 -19.14 -6.35
CA LEU D 152 -44.89 -19.20 -5.07
C LEU D 152 -45.69 -17.91 -4.89
N SER D 153 -46.93 -18.05 -4.44
CA SER D 153 -47.84 -16.92 -4.28
C SER D 153 -48.10 -16.71 -2.79
N LEU D 154 -47.86 -15.48 -2.31
CA LEU D 154 -47.99 -15.19 -0.89
C LEU D 154 -48.55 -13.80 -0.68
N SER D 155 -49.16 -13.61 0.49
CA SER D 155 -49.61 -12.31 0.95
C SER D 155 -48.54 -11.66 1.81
N PRO D 156 -48.59 -10.33 1.98
CA PRO D 156 -47.54 -9.65 2.77
C PRO D 156 -47.52 -10.13 4.20
N GLY D 157 -46.33 -10.07 4.80
CA GLY D 157 -46.14 -10.41 6.19
C GLY D 157 -45.84 -11.86 6.48
N GLU D 158 -45.87 -12.74 5.47
CA GLU D 158 -45.64 -14.16 5.69
C GLU D 158 -44.17 -14.50 5.51
N ARG D 159 -43.73 -15.51 6.26
CA ARG D 159 -42.35 -15.98 6.13
C ARG D 159 -42.18 -16.75 4.83
N VAL D 160 -40.96 -16.78 4.33
CA VAL D 160 -40.65 -17.45 3.07
C VAL D 160 -39.28 -18.09 3.17
N THR D 161 -39.18 -19.36 2.80
CA THR D 161 -37.93 -20.10 2.83
C THR D 161 -37.72 -20.68 1.43
N LEU D 162 -36.58 -20.37 0.83
CA LEU D 162 -36.25 -20.78 -0.53
C LEU D 162 -35.12 -21.80 -0.50
N SER D 163 -35.00 -22.54 -1.60
CA SER D 163 -33.99 -23.59 -1.72
C SER D 163 -33.09 -23.27 -2.90
N CYS D 164 -31.79 -23.45 -2.70
CA CYS D 164 -30.80 -23.42 -3.79
C CYS D 164 -29.98 -24.69 -3.63
N ARG D 165 -30.34 -25.71 -4.39
CA ARG D 165 -29.63 -26.98 -4.37
C ARG D 165 -28.35 -26.88 -5.21
N ALA D 166 -27.48 -27.88 -5.05
CA ALA D 166 -26.22 -27.90 -5.78
C ALA D 166 -25.95 -29.32 -6.26
N SER D 167 -25.26 -29.42 -7.40
CA SER D 167 -24.87 -30.72 -7.90
C SER D 167 -23.70 -31.28 -7.09
N GLN D 168 -22.66 -30.48 -6.89
CA GLN D 168 -21.53 -30.80 -6.04
C GLN D 168 -21.34 -29.67 -5.04
N ALA D 169 -20.34 -29.81 -4.17
CA ALA D 169 -20.15 -28.87 -3.09
C ALA D 169 -19.75 -27.51 -3.64
N VAL D 170 -20.40 -26.45 -3.14
CA VAL D 170 -19.99 -25.08 -3.41
C VAL D 170 -19.38 -24.41 -2.20
N GLY D 171 -19.45 -25.04 -1.03
CA GLY D 171 -18.83 -24.48 0.15
C GLY D 171 -19.48 -23.18 0.61
N ILE D 172 -18.69 -22.11 0.61
CA ILE D 172 -19.19 -20.78 0.94
C ILE D 172 -19.42 -19.93 -0.30
N TYR D 173 -18.99 -20.38 -1.48
CA TYR D 173 -19.00 -19.57 -2.69
C TYR D 173 -20.40 -19.61 -3.31
N LEU D 174 -21.34 -18.99 -2.60
CA LEU D 174 -22.72 -18.93 -3.02
C LEU D 174 -23.26 -17.54 -2.73
N ALA D 175 -24.28 -17.14 -3.49
CA ALA D 175 -24.82 -15.79 -3.37
C ALA D 175 -26.31 -15.81 -3.64
N TRP D 176 -26.96 -14.69 -3.35
CA TRP D 176 -28.38 -14.53 -3.62
C TRP D 176 -28.61 -13.15 -4.23
N TYR D 177 -29.34 -13.12 -5.34
CA TYR D 177 -29.64 -11.88 -6.04
C TYR D 177 -31.15 -11.66 -6.09
N GLN D 178 -31.54 -10.40 -6.02
CA GLN D 178 -32.94 -10.01 -6.12
C GLN D 178 -33.11 -9.20 -7.41
N GLN D 179 -34.13 -9.55 -8.18
CA GLN D 179 -34.47 -8.84 -9.41
C GLN D 179 -35.93 -8.41 -9.31
N LYS D 180 -36.15 -7.14 -9.00
CA LYS D 180 -37.52 -6.65 -8.95
C LYS D 180 -38.06 -6.50 -10.37
N PRO D 181 -39.36 -6.67 -10.56
CA PRO D 181 -39.93 -6.62 -11.91
C PRO D 181 -39.58 -5.32 -12.61
N GLY D 182 -38.97 -5.45 -13.78
CA GLY D 182 -38.59 -4.31 -14.59
C GLY D 182 -37.27 -3.67 -14.23
N GLN D 183 -36.58 -4.14 -13.20
CA GLN D 183 -35.32 -3.56 -12.76
C GLN D 183 -34.20 -4.59 -12.88
N ALA D 184 -32.97 -4.11 -12.72
CA ALA D 184 -31.80 -4.96 -12.85
C ALA D 184 -31.55 -5.74 -11.57
N PRO D 185 -30.80 -6.84 -11.66
CA PRO D 185 -30.54 -7.64 -10.46
C PRO D 185 -29.81 -6.86 -9.39
N ARG D 186 -30.18 -7.12 -8.14
CA ARG D 186 -29.52 -6.54 -6.98
C ARG D 186 -28.97 -7.65 -6.11
N LEU D 187 -27.80 -7.41 -5.53
CA LEU D 187 -27.16 -8.39 -4.66
C LEU D 187 -27.73 -8.29 -3.26
N LEU D 188 -28.06 -9.44 -2.67
CA LEU D 188 -28.60 -9.51 -1.31
C LEU D 188 -27.59 -10.10 -0.33
N ILE D 189 -27.08 -11.30 -0.61
CA ILE D 189 -26.26 -12.04 0.33
C ILE D 189 -25.07 -12.60 -0.44
N TYR D 190 -23.87 -12.06 -0.19
CA TYR D 190 -22.72 -12.36 -1.04
C TYR D 190 -21.96 -13.61 -0.61
N HIS D 191 -21.67 -13.77 0.68
CA HIS D 191 -21.29 -15.10 1.17
C HIS D 191 -22.55 -15.77 1.66
N VAL D 192 -22.45 -17.02 2.10
CA VAL D 192 -23.66 -17.80 2.40
C VAL D 192 -24.60 -17.03 3.31
N SER D 193 -24.06 -16.20 4.22
CA SER D 193 -24.86 -15.43 5.16
C SER D 193 -24.56 -13.93 5.19
N LYS D 194 -23.41 -13.48 4.70
CA LYS D 194 -23.09 -12.07 4.74
C LYS D 194 -23.99 -11.28 3.80
N ARG D 195 -24.43 -10.11 4.26
CA ARG D 195 -25.31 -9.25 3.51
C ARG D 195 -24.54 -8.03 3.00
N ASP D 196 -24.91 -7.57 1.81
CA ASP D 196 -24.26 -6.41 1.23
C ASP D 196 -24.86 -5.13 1.82
N THR D 197 -24.18 -4.01 1.60
CA THR D 197 -24.68 -2.73 2.09
C THR D 197 -26.06 -2.46 1.52
N GLY D 198 -26.87 -1.75 2.30
CA GLY D 198 -28.22 -1.44 1.84
C GLY D 198 -29.16 -2.61 1.74
N VAL D 199 -28.76 -3.77 2.24
CA VAL D 199 -29.60 -4.97 2.23
C VAL D 199 -30.30 -5.05 3.59
N PRO D 200 -31.63 -4.97 3.65
CA PRO D 200 -32.29 -4.96 4.96
C PRO D 200 -32.04 -6.25 5.74
N ASP D 201 -32.14 -6.15 7.06
CA ASP D 201 -32.05 -7.33 7.91
C ASP D 201 -33.22 -8.28 7.65
N ARG D 202 -34.28 -7.79 7.02
CA ARG D 202 -35.42 -8.63 6.67
C ARG D 202 -34.98 -9.87 5.92
N PHE D 203 -33.94 -9.78 5.09
CA PHE D 203 -33.39 -10.92 4.38
C PHE D 203 -32.27 -11.56 5.18
N SER D 204 -32.18 -12.89 5.11
CA SER D 204 -31.14 -13.61 5.83
C SER D 204 -30.91 -14.97 5.17
N GLY D 205 -29.68 -15.23 4.75
CA GLY D 205 -29.34 -16.49 4.12
C GLY D 205 -28.61 -17.44 5.06
N SER D 206 -28.65 -18.72 4.72
CA SER D 206 -28.00 -19.74 5.53
C SER D 206 -27.77 -20.97 4.67
N GLY D 207 -27.17 -21.99 5.26
CA GLY D 207 -26.84 -23.23 4.59
C GLY D 207 -25.37 -23.54 4.64
N SER D 208 -25.04 -24.73 4.14
CA SER D 208 -23.65 -25.18 4.09
C SER D 208 -23.56 -26.43 3.24
N GLY D 209 -22.41 -26.61 2.60
CA GLY D 209 -22.17 -27.76 1.76
C GLY D 209 -22.86 -27.68 0.41
N THR D 210 -23.92 -28.46 0.22
CA THR D 210 -24.62 -28.52 -1.06
C THR D 210 -26.03 -27.96 -1.02
N ASP D 211 -26.59 -27.74 0.17
CA ASP D 211 -27.97 -27.29 0.34
C ASP D 211 -27.99 -25.95 1.06
N PHE D 212 -28.65 -24.96 0.45
CA PHE D 212 -28.63 -23.60 0.95
C PHE D 212 -30.03 -23.03 0.97
N THR D 213 -30.19 -21.96 1.75
CA THR D 213 -31.50 -21.41 2.07
C THR D 213 -31.42 -19.89 2.08
N LEU D 214 -32.53 -19.27 1.69
CA LEU D 214 -32.73 -17.82 1.80
C LEU D 214 -34.06 -17.58 2.50
N THR D 215 -34.01 -16.87 3.63
CA THR D 215 -35.17 -16.72 4.50
C THR D 215 -35.59 -15.27 4.58
N ILE D 216 -36.88 -15.01 4.41
CA ILE D 216 -37.47 -13.68 4.59
C ILE D 216 -38.39 -13.77 5.79
N SER D 217 -38.03 -13.09 6.88
CA SER D 217 -38.82 -13.19 8.10
C SER D 217 -40.25 -12.68 7.86
N SER D 218 -40.38 -11.52 7.24
CA SER D 218 -41.67 -10.95 6.90
C SER D 218 -41.60 -10.36 5.51
N LEU D 219 -42.64 -10.57 4.71
CA LEU D 219 -42.69 -10.03 3.36
C LEU D 219 -43.37 -8.67 3.36
N GLU D 220 -42.83 -7.76 2.56
CA GLU D 220 -43.40 -6.43 2.36
C GLU D 220 -43.69 -6.23 0.87
N PRO D 221 -44.61 -5.32 0.53
CA PRO D 221 -45.00 -5.18 -0.88
C PRO D 221 -43.84 -5.01 -1.84
N GLU D 222 -42.78 -4.32 -1.43
CA GLU D 222 -41.66 -4.10 -2.35
C GLU D 222 -40.82 -5.35 -2.56
N ASP D 223 -40.92 -6.34 -1.66
CA ASP D 223 -40.04 -7.49 -1.74
C ASP D 223 -40.42 -8.45 -2.86
N PHE D 224 -41.67 -8.44 -3.31
CA PHE D 224 -42.13 -9.39 -4.32
C PHE D 224 -41.33 -9.24 -5.60
N ALA D 225 -40.63 -10.30 -5.99
CA ALA D 225 -39.71 -10.26 -7.13
C ALA D 225 -39.19 -11.67 -7.36
N VAL D 226 -38.20 -11.80 -8.24
CA VAL D 226 -37.52 -13.06 -8.52
C VAL D 226 -36.21 -13.09 -7.76
N TYR D 227 -35.85 -14.27 -7.26
CA TYR D 227 -34.62 -14.43 -6.48
C TYR D 227 -33.80 -15.56 -7.09
N TYR D 228 -32.61 -15.22 -7.55
CA TYR D 228 -31.69 -16.20 -8.12
C TYR D 228 -30.54 -16.43 -7.15
N CYS D 229 -29.87 -17.56 -7.31
CA CYS D 229 -28.64 -17.84 -6.58
C CYS D 229 -27.52 -18.04 -7.58
N GLN D 230 -26.29 -17.99 -7.07
CA GLN D 230 -25.10 -18.05 -7.90
C GLN D 230 -24.02 -18.82 -7.17
N GLN D 231 -23.15 -19.47 -7.94
CA GLN D 231 -21.99 -20.16 -7.41
C GLN D 231 -20.74 -19.66 -8.11
N HIS D 232 -19.65 -19.54 -7.37
CA HIS D 232 -18.34 -19.26 -7.94
C HIS D 232 -17.31 -20.23 -7.39
N ARG D 233 -17.72 -21.47 -7.11
CA ARG D 233 -16.81 -22.50 -6.64
C ARG D 233 -15.93 -23.00 -7.78
N ASN D 234 -16.54 -23.43 -8.89
CA ASN D 234 -15.82 -23.95 -10.04
C ASN D 234 -16.36 -23.19 -11.25
N TRP D 235 -15.66 -22.14 -11.64
CA TRP D 235 -15.99 -21.39 -12.85
C TRP D 235 -14.70 -21.09 -13.60
N PRO D 236 -14.76 -20.94 -14.94
CA PRO D 236 -15.98 -20.96 -15.75
C PRO D 236 -16.58 -22.35 -15.88
N PRO D 237 -17.91 -22.44 -16.01
CA PRO D 237 -18.87 -21.33 -16.12
C PRO D 237 -19.50 -20.92 -14.79
N ILE D 238 -19.70 -19.62 -14.60
CA ILE D 238 -20.51 -19.14 -13.49
C ILE D 238 -21.97 -19.46 -13.77
N THR D 239 -22.63 -20.13 -12.83
CA THR D 239 -23.97 -20.62 -13.04
C THR D 239 -24.95 -20.01 -12.05
N PHE D 240 -26.17 -19.77 -12.53
CA PHE D 240 -27.27 -19.28 -11.72
C PHE D 240 -28.32 -20.37 -11.59
N GLY D 241 -29.38 -20.06 -10.85
CA GLY D 241 -30.53 -20.94 -10.74
C GLY D 241 -31.64 -20.49 -11.65
N GLN D 242 -32.60 -21.41 -11.88
CA GLN D 242 -33.76 -21.07 -12.69
C GLN D 242 -34.55 -19.91 -12.10
N GLY D 243 -34.39 -19.65 -10.81
CA GLY D 243 -35.07 -18.53 -10.19
C GLY D 243 -36.34 -18.96 -9.51
N THR D 244 -36.74 -18.20 -8.50
CA THR D 244 -37.98 -18.40 -7.78
C THR D 244 -38.77 -17.10 -7.81
N ARG D 245 -40.00 -17.15 -8.30
CA ARG D 245 -40.83 -15.96 -8.44
C ARG D 245 -41.82 -15.91 -7.29
N LEU D 246 -41.78 -14.81 -6.53
CA LEU D 246 -42.71 -14.59 -5.43
C LEU D 246 -43.80 -13.63 -5.90
N GLU D 247 -45.05 -14.11 -5.87
CA GLU D 247 -46.19 -13.38 -6.39
C GLU D 247 -47.22 -13.14 -5.31
N ILE D 248 -47.99 -12.07 -5.46
CA ILE D 248 -49.10 -11.76 -4.57
C ILE D 248 -50.36 -12.47 -5.08
N LYS D 249 -51.11 -13.06 -4.15
CA LYS D 249 -52.33 -13.78 -4.53
C LYS D 249 -53.52 -12.84 -4.68
N ASP E 16 40.79 -5.46 4.14
CA ASP E 16 39.43 -5.99 4.10
C ASP E 16 38.89 -5.97 2.68
N GLU E 17 37.69 -6.52 2.49
CA GLU E 17 37.06 -6.56 1.19
C GLU E 17 35.80 -5.71 1.11
N LEU E 18 35.31 -5.17 2.23
CA LEU E 18 34.14 -4.31 2.17
C LEU E 18 34.45 -2.93 1.61
N ASP E 19 35.73 -2.60 1.43
CA ASP E 19 36.12 -1.33 0.84
C ASP E 19 37.15 -1.53 -0.27
N LYS E 20 37.43 -2.78 -0.66
CA LYS E 20 38.36 -3.04 -1.74
C LYS E 20 37.71 -2.57 -3.04
N ILE E 21 38.36 -1.63 -3.73
CA ILE E 21 37.77 -0.97 -4.88
C ILE E 21 38.52 -1.39 -6.13
N ASP E 22 37.78 -1.56 -7.22
CA ASP E 22 38.35 -1.83 -8.53
C ASP E 22 38.56 -0.49 -9.21
N LEU E 23 39.82 -0.07 -9.34
CA LEU E 23 40.12 1.24 -9.91
C LEU E 23 39.83 1.29 -11.40
N SER E 24 39.65 0.14 -12.05
CA SER E 24 39.42 0.09 -13.49
C SER E 24 37.95 0.12 -13.86
N TYR E 25 37.04 0.14 -12.88
CA TYR E 25 35.62 0.13 -13.18
C TYR E 25 35.20 1.46 -13.79
N GLU E 26 34.26 1.40 -14.73
CA GLU E 26 33.77 2.59 -15.41
C GLU E 26 32.28 2.46 -15.69
N THR E 27 31.62 3.60 -15.75
CA THR E 27 30.19 3.68 -16.09
C THR E 27 29.86 5.15 -16.30
N THR E 28 28.61 5.41 -16.68
CA THR E 28 28.14 6.76 -16.94
C THR E 28 26.77 6.95 -16.30
N GLU E 29 26.30 8.20 -16.31
CA GLU E 29 24.96 8.50 -15.82
C GLU E 29 23.91 7.79 -16.68
N SER E 30 23.93 8.06 -17.99
CA SER E 30 22.97 7.42 -18.89
C SER E 30 23.19 5.92 -19.00
N GLY E 31 24.34 5.41 -18.55
CA GLY E 31 24.60 3.98 -18.63
C GLY E 31 24.48 3.49 -20.05
N ASP E 32 23.71 2.41 -20.21
CA ASP E 32 23.47 1.79 -21.52
C ASP E 32 22.04 2.03 -21.98
N THR E 33 21.49 3.21 -21.71
CA THR E 33 20.13 3.53 -22.10
C THR E 33 20.05 4.52 -23.26
N ALA E 34 21.18 5.10 -23.66
CA ALA E 34 21.24 6.06 -24.76
C ALA E 34 20.39 7.29 -24.51
N VAL E 35 19.94 7.51 -23.28
CA VAL E 35 19.11 8.67 -22.96
C VAL E 35 20.01 9.87 -22.68
N SER E 36 19.52 11.05 -23.02
CA SER E 36 20.24 12.28 -22.75
C SER E 36 19.81 12.86 -21.40
N GLU E 37 20.69 13.65 -20.80
CA GLU E 37 20.43 14.19 -19.47
C GLU E 37 19.14 15.01 -19.43
N ASP E 38 18.73 15.58 -20.56
CA ASP E 38 17.54 16.42 -20.56
C ASP E 38 16.28 15.60 -20.32
N SER E 39 16.20 14.42 -20.92
CA SER E 39 15.04 13.54 -20.75
C SER E 39 15.03 12.84 -19.40
N TYR E 40 16.00 13.09 -18.52
CA TYR E 40 15.99 12.47 -17.21
C TYR E 40 14.76 12.89 -16.42
N ASP E 41 14.20 11.95 -15.65
CA ASP E 41 13.08 12.23 -14.77
C ASP E 41 13.62 12.53 -13.38
N LYS E 42 14.04 13.77 -13.18
CA LYS E 42 14.62 14.21 -11.92
C LYS E 42 13.50 14.54 -10.94
N TYR E 43 13.60 14.00 -9.72
CA TYR E 43 12.61 14.25 -8.69
C TYR E 43 13.34 14.47 -7.37
N ALA E 44 12.58 14.91 -6.37
CA ALA E 44 13.10 15.22 -5.04
C ALA E 44 12.91 14.05 -4.09
N SER E 45 13.70 14.06 -3.02
CA SER E 45 13.64 13.02 -2.01
C SER E 45 12.58 13.30 -0.96
N ASN E 46 11.89 12.26 -0.51
CA ASN E 46 10.90 12.37 0.56
C ASN E 46 11.63 12.37 1.89
N ASN E 47 11.90 13.56 2.42
CA ASN E 47 12.68 13.74 3.63
C ASN E 47 11.77 13.81 4.84
N THR E 48 12.16 13.11 5.90
CA THR E 48 11.34 12.97 7.11
C THR E 48 12.26 13.14 8.31
N ASN E 49 12.25 14.33 8.91
CA ASN E 49 13.01 14.63 10.12
C ASN E 49 14.50 14.37 9.93
N LYS E 50 15.09 15.09 8.97
CA LYS E 50 16.51 15.03 8.67
C LYS E 50 16.95 13.64 8.18
N GLU E 51 16.01 12.81 7.74
CA GLU E 51 16.29 11.50 7.17
C GLU E 51 15.92 11.58 5.70
N TYR E 52 16.92 11.73 4.84
CA TYR E 52 16.70 11.89 3.41
C TYR E 52 16.63 10.52 2.73
N VAL E 53 15.54 10.28 2.01
CA VAL E 53 15.20 8.97 1.47
C VAL E 53 15.14 9.04 -0.05
N CYS E 54 15.62 7.99 -0.70
CA CYS E 54 15.50 7.81 -2.15
C CYS E 54 15.03 6.36 -2.36
N ASP E 55 13.72 6.19 -2.51
CA ASP E 55 13.10 4.88 -2.66
C ASP E 55 12.80 4.63 -4.13
N PHE E 56 13.28 3.50 -4.65
CA PHE E 56 13.05 3.09 -6.04
C PHE E 56 12.10 1.91 -6.14
N THR E 57 11.40 1.56 -5.07
CA THR E 57 10.56 0.36 -5.07
C THR E 57 9.51 0.41 -6.17
N ASP E 58 8.74 1.50 -6.22
CA ASP E 58 7.61 1.62 -7.11
C ASP E 58 7.89 2.50 -8.34
N GLN E 59 9.15 2.78 -8.63
CA GLN E 59 9.50 3.65 -9.74
C GLN E 59 10.13 2.94 -10.93
N LEU E 60 10.79 1.80 -10.71
CA LEU E 60 11.52 1.12 -11.78
C LEU E 60 10.72 0.01 -12.44
N LYS E 61 9.43 -0.08 -12.17
CA LYS E 61 8.60 -1.10 -12.78
C LYS E 61 8.58 -0.93 -14.29
N PRO E 62 8.71 -2.01 -15.07
CA PRO E 62 8.78 -1.87 -16.53
C PRO E 62 7.55 -1.24 -17.15
N THR E 63 7.79 -0.47 -18.22
CA THR E 63 6.74 0.14 -19.02
C THR E 63 7.16 0.08 -20.48
N GLU E 64 6.16 0.08 -21.38
CA GLU E 64 6.47 0.07 -22.80
C GLU E 64 7.35 1.25 -23.19
N SER E 65 7.20 2.39 -22.52
CA SER E 65 7.94 3.60 -22.84
C SER E 65 9.37 3.58 -22.32
N GLY E 66 9.83 2.45 -21.80
CA GLY E 66 11.16 2.36 -21.24
C GLY E 66 12.21 2.14 -22.32
N PRO E 67 13.48 2.16 -21.90
CA PRO E 67 13.95 2.37 -20.53
C PRO E 67 14.07 3.85 -20.15
N LYS E 68 13.29 4.29 -19.18
CA LYS E 68 13.37 5.66 -18.68
C LYS E 68 14.46 5.74 -17.61
N VAL E 69 14.76 6.97 -17.19
CA VAL E 69 15.83 7.24 -16.24
C VAL E 69 15.26 8.07 -15.10
N LYS E 70 15.31 7.53 -13.88
CA LYS E 70 14.87 8.23 -12.68
C LYS E 70 16.09 8.70 -11.90
N LYS E 71 16.14 9.99 -11.58
CA LYS E 71 17.26 10.61 -10.90
C LYS E 71 16.78 11.22 -9.59
N CYS E 72 17.41 10.81 -8.48
CA CYS E 72 17.06 11.29 -7.15
C CYS E 72 18.06 12.37 -6.77
N GLU E 73 17.61 13.62 -6.72
CA GLU E 73 18.46 14.74 -6.33
C GLU E 73 18.47 14.88 -4.81
N VAL E 74 19.66 14.98 -4.23
CA VAL E 74 19.84 15.09 -2.79
C VAL E 74 20.75 16.30 -2.52
N LYS E 75 20.16 17.38 -2.05
CA LYS E 75 20.89 18.61 -1.73
C LYS E 75 21.02 18.71 -0.21
N VAL E 76 22.25 18.71 0.28
CA VAL E 76 22.53 18.69 1.71
C VAL E 76 23.18 20.02 2.10
N ASN E 77 22.44 20.83 2.85
CA ASN E 77 22.96 22.05 3.45
C ASN E 77 22.77 22.07 4.96
N GLU E 78 22.54 20.92 5.57
CA GLU E 78 22.26 20.79 6.99
C GLU E 78 23.08 19.65 7.57
N PRO E 79 23.17 19.56 8.90
CA PRO E 79 24.06 18.57 9.51
C PRO E 79 23.40 17.27 9.93
N LEU E 80 24.19 16.20 9.96
CA LEU E 80 23.78 14.92 10.55
C LEU E 80 22.46 14.42 9.94
N ILE E 81 22.50 14.23 8.63
CA ILE E 81 21.37 13.70 7.88
C ILE E 81 21.57 12.19 7.72
N LYS E 82 20.60 11.42 8.21
CA LYS E 82 20.59 9.98 8.02
C LYS E 82 20.04 9.67 6.64
N VAL E 83 20.87 9.07 5.78
CA VAL E 83 20.50 8.78 4.40
C VAL E 83 20.03 7.33 4.33
N LYS E 84 18.86 7.12 3.70
CA LYS E 84 18.28 5.80 3.55
C LYS E 84 17.96 5.61 2.08
N ILE E 85 18.45 4.52 1.50
CA ILE E 85 18.27 4.21 0.09
C ILE E 85 17.74 2.79 -0.03
N ILE E 86 16.77 2.60 -0.92
CA ILE E 86 16.15 1.31 -1.14
C ILE E 86 16.32 0.93 -2.61
N CYS E 87 16.60 -0.33 -2.85
CA CYS E 87 16.76 -0.86 -4.21
C CYS E 87 16.24 -2.30 -4.17
N PRO E 88 14.99 -2.53 -4.62
CA PRO E 88 14.36 -3.84 -4.38
C PRO E 88 15.24 -5.01 -4.77
N LEU E 89 15.00 -6.16 -4.15
CA LEU E 89 15.87 -7.31 -4.33
C LEU E 89 15.49 -8.08 -5.58
N LYS E 90 16.48 -8.77 -6.15
CA LYS E 90 16.21 -9.71 -7.22
C LYS E 90 15.19 -10.72 -6.70
N GLY E 91 13.97 -10.68 -7.25
CA GLY E 91 12.92 -11.58 -6.82
C GLY E 91 11.94 -11.02 -5.81
N SER E 92 12.10 -9.75 -5.41
CA SER E 92 11.11 -9.12 -4.54
C SER E 92 9.70 -9.33 -5.08
N VAL E 93 9.52 -9.09 -6.38
CA VAL E 93 8.38 -9.59 -7.12
C VAL E 93 8.87 -10.68 -8.06
N GLU E 94 7.99 -11.64 -8.35
CA GLU E 94 8.44 -12.89 -8.97
C GLU E 94 9.29 -12.66 -10.21
N LYS E 95 8.84 -11.76 -11.09
CA LYS E 95 9.46 -11.62 -12.41
C LYS E 95 9.92 -10.22 -12.74
N LEU E 96 9.53 -9.20 -11.97
CA LEU E 96 9.73 -7.83 -12.40
C LEU E 96 11.16 -7.34 -12.23
N TYR E 97 11.95 -7.97 -11.37
CA TYR E 97 13.31 -7.53 -11.12
C TYR E 97 14.28 -8.69 -11.16
N ASP E 98 14.06 -9.65 -12.07
CA ASP E 98 14.86 -10.86 -12.06
C ASP E 98 16.29 -10.61 -12.53
N ASN E 99 16.54 -9.56 -13.29
CA ASN E 99 17.85 -9.26 -13.85
C ASN E 99 18.29 -7.85 -13.48
N ILE E 100 18.05 -7.46 -12.23
CA ILE E 100 18.42 -6.14 -11.76
C ILE E 100 19.90 -6.10 -11.37
N GLU E 101 20.47 -4.90 -11.37
CA GLU E 101 21.85 -4.67 -10.95
C GLU E 101 21.88 -3.42 -10.10
N TYR E 102 22.55 -3.50 -8.95
CA TYR E 102 22.82 -2.35 -8.11
C TYR E 102 24.33 -2.11 -8.09
N VAL E 103 24.72 -0.85 -8.15
CA VAL E 103 26.14 -0.49 -8.23
C VAL E 103 26.37 0.78 -7.43
N PRO E 104 27.48 0.89 -6.67
CA PRO E 104 28.51 -0.14 -6.47
C PRO E 104 28.03 -1.30 -5.63
N LYS E 105 28.50 -2.51 -5.96
CA LYS E 105 28.11 -3.69 -5.20
C LYS E 105 28.39 -3.50 -3.72
N LYS E 106 29.60 -3.10 -3.39
CA LYS E 106 30.03 -2.94 -1.99
C LYS E 106 29.68 -1.54 -1.47
N SER E 107 28.41 -1.17 -1.63
CA SER E 107 27.88 0.10 -1.17
C SER E 107 27.33 -0.04 0.24
N PRO E 108 27.21 1.08 0.99
CA PRO E 108 27.61 2.44 0.63
C PRO E 108 29.06 2.77 0.94
N TYR E 109 29.84 1.76 1.35
CA TYR E 109 31.26 1.98 1.60
C TYR E 109 31.93 2.60 0.37
N VAL E 110 31.63 2.04 -0.81
CA VAL E 110 32.16 2.52 -2.07
C VAL E 110 31.07 3.30 -2.80
N VAL E 111 31.47 4.37 -3.50
CA VAL E 111 30.55 5.19 -4.27
C VAL E 111 31.22 5.51 -5.60
N LEU E 112 30.64 6.44 -6.35
CA LEU E 112 31.16 6.82 -7.66
C LEU E 112 31.22 8.34 -7.77
N THR E 113 32.31 8.82 -8.37
CA THR E 113 32.52 10.25 -8.59
C THR E 113 32.84 10.46 -10.06
N LYS E 114 32.58 11.67 -10.54
CA LYS E 114 32.75 11.97 -11.97
C LYS E 114 34.21 12.30 -12.21
N GLU E 115 34.99 11.27 -12.52
CA GLU E 115 36.37 11.42 -12.94
C GLU E 115 36.42 11.46 -14.46
N GLU E 116 36.85 12.59 -15.01
CA GLU E 116 36.80 12.83 -16.45
C GLU E 116 35.33 12.90 -16.87
N THR E 117 34.92 12.11 -17.87
CA THR E 117 33.51 12.03 -18.23
C THR E 117 32.81 10.79 -17.67
N LYS E 118 33.56 9.74 -17.36
CA LYS E 118 33.01 8.51 -16.81
C LYS E 118 33.01 8.59 -15.29
N LEU E 119 32.53 7.53 -14.65
CA LEU E 119 32.50 7.41 -13.20
C LEU E 119 33.36 6.23 -12.80
N LYS E 120 34.05 6.35 -11.68
CA LYS E 120 34.92 5.30 -11.19
C LYS E 120 34.75 5.16 -9.69
N GLU E 121 35.27 4.06 -9.15
CA GLU E 121 35.02 3.71 -7.76
C GLU E 121 35.86 4.56 -6.82
N LYS E 122 35.26 4.91 -5.68
CA LYS E 122 35.91 5.75 -4.68
C LYS E 122 35.36 5.39 -3.30
N LEU E 123 36.22 5.49 -2.30
CA LEU E 123 35.82 5.22 -0.92
C LEU E 123 35.22 6.49 -0.31
N LEU E 124 34.07 6.34 0.35
CA LEU E 124 33.37 7.51 0.88
C LEU E 124 34.08 8.08 2.11
N SER E 125 34.58 7.22 3.00
CA SER E 125 35.28 7.70 4.18
C SER E 125 36.49 8.55 3.79
N LYS E 126 37.20 8.15 2.73
CA LYS E 126 38.34 8.92 2.26
C LYS E 126 37.92 10.24 1.61
N LEU E 127 36.64 10.43 1.32
CA LEU E 127 36.12 11.66 0.72
C LEU E 127 35.43 12.55 1.73
N ILE E 128 34.69 11.98 2.67
CA ILE E 128 34.01 12.72 3.72
C ILE E 128 34.43 12.11 5.05
N TYR E 129 35.16 12.87 5.85
CA TYR E 129 35.63 12.39 7.14
C TYR E 129 34.52 12.56 8.17
N GLY E 130 34.41 11.57 9.06
CA GLY E 130 33.44 11.67 10.13
C GLY E 130 32.03 11.24 9.75
N LEU E 131 31.89 10.41 8.73
CA LEU E 131 30.59 9.93 8.29
C LEU E 131 30.31 8.58 8.92
N LEU E 132 29.05 8.35 9.26
CA LEU E 132 28.66 7.14 9.99
C LEU E 132 28.10 6.12 9.01
N ILE E 133 28.67 4.91 9.05
CA ILE E 133 28.22 3.80 8.19
C ILE E 133 27.98 2.62 9.13
N SER E 134 26.77 2.52 9.66
CA SER E 134 26.40 1.37 10.47
C SER E 134 26.49 0.11 9.63
N PRO E 135 27.33 -0.87 9.98
CA PRO E 135 27.42 -2.09 9.17
C PRO E 135 26.15 -2.92 9.17
N THR E 136 25.12 -2.50 9.90
CA THR E 136 23.87 -3.23 10.02
C THR E 136 22.74 -2.22 10.00
N VAL E 137 21.71 -2.49 9.19
CA VAL E 137 20.52 -1.65 9.13
C VAL E 137 19.34 -2.48 9.64
N ASN E 138 18.69 -1.99 10.68
CA ASN E 138 17.52 -2.65 11.25
C ASN E 138 17.77 -4.14 11.44
N GLU E 139 18.89 -4.46 12.07
CA GLU E 139 19.36 -5.79 12.45
C GLU E 139 19.98 -6.57 11.29
N LYS E 140 19.90 -6.09 10.06
CA LYS E 140 20.44 -6.81 8.91
C LYS E 140 21.52 -5.99 8.21
N GLU E 141 22.35 -6.69 7.43
CA GLU E 141 23.53 -6.07 6.82
C GLU E 141 23.17 -4.80 6.06
N ASN E 142 24.17 -3.92 5.92
CA ASN E 142 24.00 -2.64 5.22
C ASN E 142 24.54 -2.80 3.80
N ASN E 143 23.72 -3.41 2.95
CA ASN E 143 24.05 -3.58 1.55
C ASN E 143 22.76 -3.85 0.78
N PHE E 144 22.77 -3.51 -0.51
CA PHE E 144 21.59 -3.74 -1.33
C PHE E 144 21.17 -5.21 -1.35
N LYS E 145 22.10 -6.13 -1.08
CA LYS E 145 21.74 -7.55 -1.04
C LYS E 145 20.63 -7.81 -0.03
N GLU E 146 20.66 -7.12 1.11
CA GLU E 146 19.59 -7.22 2.10
C GLU E 146 18.47 -6.22 1.85
N GLY E 147 18.58 -5.39 0.81
CA GLY E 147 17.48 -4.59 0.32
C GLY E 147 17.56 -3.11 0.64
N VAL E 148 18.40 -2.71 1.57
CA VAL E 148 18.44 -1.32 2.03
C VAL E 148 19.82 -1.00 2.56
N ILE E 149 20.18 0.28 2.51
CA ILE E 149 21.45 0.77 3.02
C ILE E 149 21.22 2.10 3.73
N GLU E 150 21.99 2.32 4.81
CA GLU E 150 21.90 3.53 5.58
C GLU E 150 23.29 4.11 5.82
N PHE E 151 23.32 5.41 6.11
CA PHE E 151 24.53 6.09 6.57
C PHE E 151 24.15 7.50 6.97
N THR E 152 24.73 8.00 8.05
CA THR E 152 24.45 9.34 8.56
C THR E 152 25.65 10.25 8.32
N LEU E 153 25.36 11.48 7.89
CA LEU E 153 26.39 12.43 7.51
C LEU E 153 27.05 13.05 8.74
N PRO E 154 28.16 13.75 8.56
CA PRO E 154 28.79 14.45 9.69
C PRO E 154 28.07 15.76 9.97
N PRO E 155 28.45 16.47 11.05
CA PRO E 155 27.77 17.73 11.40
C PRO E 155 28.30 18.94 10.65
N VAL E 156 29.38 18.81 9.88
CA VAL E 156 29.95 19.94 9.14
C VAL E 156 30.61 19.40 7.88
N VAL E 157 30.66 20.25 6.85
CA VAL E 157 31.31 19.92 5.59
C VAL E 157 32.01 21.17 5.08
N HIS E 158 33.26 21.01 4.65
CA HIS E 158 34.05 22.17 4.22
C HIS E 158 33.83 22.49 2.75
N LYS E 159 33.95 21.50 1.86
CA LYS E 159 33.78 21.70 0.44
C LYS E 159 32.69 20.79 -0.08
N ALA E 160 31.94 21.27 -1.07
CA ALA E 160 30.90 20.47 -1.69
C ALA E 160 31.50 19.18 -2.26
N THR E 161 30.83 18.07 -1.97
CA THR E 161 31.27 16.74 -2.37
C THR E 161 30.10 16.04 -3.03
N VAL E 162 30.35 15.49 -4.23
CA VAL E 162 29.31 14.86 -5.03
C VAL E 162 29.71 13.44 -5.37
N PHE E 163 28.82 12.50 -5.06
CA PHE E 163 29.02 11.09 -5.38
C PHE E 163 27.67 10.50 -5.80
N TYR E 164 27.72 9.32 -6.41
CA TYR E 164 26.54 8.73 -7.04
C TYR E 164 26.35 7.28 -6.61
N PHE E 165 25.10 6.84 -6.67
CA PHE E 165 24.74 5.44 -6.50
C PHE E 165 23.91 5.01 -7.70
N ILE E 166 23.76 3.70 -7.88
CA ILE E 166 23.07 3.15 -9.04
C ILE E 166 22.11 2.04 -8.62
N CYS E 167 20.96 1.99 -9.28
CA CYS E 167 19.96 0.95 -9.04
C CYS E 167 19.21 0.78 -10.36
N ASP E 168 19.73 -0.12 -11.21
CA ASP E 168 19.33 -0.22 -12.61
C ASP E 168 18.54 -1.51 -12.83
N ASN E 169 17.32 -1.38 -13.34
CA ASN E 169 16.49 -2.51 -13.74
C ASN E 169 16.26 -2.54 -15.25
N SER E 170 17.02 -1.75 -16.02
CA SER E 170 16.80 -1.68 -17.45
C SER E 170 17.04 -3.03 -18.13
N LYS E 171 18.07 -3.76 -17.68
CA LYS E 171 18.37 -5.06 -18.28
C LYS E 171 17.23 -6.05 -18.10
N THR E 172 16.24 -5.75 -17.26
CA THR E 172 15.08 -6.62 -17.07
C THR E 172 14.00 -6.31 -18.10
N GLU E 173 13.32 -7.35 -18.57
CA GLU E 173 12.26 -7.18 -19.55
C GLU E 173 11.04 -8.00 -19.16
N ASP E 174 9.87 -7.37 -19.27
CA ASP E 174 8.58 -8.02 -19.06
C ASP E 174 7.82 -7.86 -20.38
N ASP E 175 7.92 -8.88 -21.23
CA ASP E 175 7.38 -8.87 -22.59
C ASP E 175 7.91 -7.63 -23.32
N ASN E 176 7.05 -6.77 -23.88
CA ASN E 176 7.50 -5.59 -24.60
C ASN E 176 7.98 -4.48 -23.65
N LYS E 177 7.59 -4.53 -22.38
CA LYS E 177 7.97 -3.50 -21.42
C LYS E 177 9.42 -3.67 -20.96
N LYS E 178 9.96 -2.61 -20.35
CA LYS E 178 11.33 -2.60 -19.86
C LYS E 178 11.45 -1.74 -18.62
N GLY E 179 12.27 -2.19 -17.67
CA GLY E 179 12.52 -1.43 -16.46
C GLY E 179 13.34 -0.18 -16.76
N ASN E 180 13.60 0.57 -15.70
CA ASN E 180 14.26 1.87 -15.80
C ASN E 180 15.55 1.85 -14.99
N ARG E 181 16.39 2.86 -15.23
CA ARG E 181 17.68 3.01 -14.58
C ARG E 181 17.58 4.11 -13.53
N GLY E 182 17.70 3.72 -12.26
CA GLY E 182 17.63 4.67 -11.16
C GLY E 182 19.00 5.18 -10.78
N ILE E 183 19.08 6.48 -10.51
CA ILE E 183 20.34 7.14 -10.18
C ILE E 183 20.10 8.10 -9.02
N VAL E 184 21.10 8.22 -8.15
CA VAL E 184 21.02 9.11 -6.99
C VAL E 184 22.22 10.05 -7.03
N GLU E 185 21.95 11.35 -7.17
CA GLU E 185 22.97 12.39 -7.11
C GLU E 185 22.91 13.06 -5.74
N VAL E 186 24.06 13.21 -5.10
CA VAL E 186 24.15 13.81 -3.77
C VAL E 186 25.06 15.03 -3.88
N TYR E 187 24.47 16.22 -3.92
CA TYR E 187 25.23 17.46 -4.01
C TYR E 187 25.22 18.10 -2.63
N VAL E 188 26.28 17.83 -1.86
CA VAL E 188 26.42 18.39 -0.52
C VAL E 188 27.01 19.79 -0.64
N GLU E 189 26.42 20.76 0.10
CA GLU E 189 26.94 22.11 0.09
C GLU E 189 27.69 22.39 1.39
N PRO E 190 28.75 23.21 1.35
CA PRO E 190 29.47 23.53 2.60
C PRO E 190 28.57 24.20 3.62
N TYR E 191 28.46 23.56 4.78
CA TYR E 191 27.64 24.06 5.89
C TYR E 191 28.44 23.92 7.17
N GLY E 192 28.24 24.88 8.08
CA GLY E 192 28.93 24.85 9.35
C GLY E 192 30.41 25.17 9.21
N ASN E 193 31.10 25.10 10.34
CA ASN E 193 32.53 25.39 10.39
C ASN E 193 33.27 24.30 11.18
N LYS E 194 32.87 24.10 12.43
CA LYS E 194 33.50 23.11 13.29
C LYS E 194 32.46 22.61 14.29
N ILE E 195 32.89 21.72 15.18
CA ILE E 195 32.02 21.09 16.17
C ILE E 195 32.28 21.70 17.53
N ASN E 196 31.21 22.04 18.25
CA ASN E 196 31.31 22.43 19.66
C ASN E 196 31.56 21.16 20.46
N GLY E 197 32.79 20.71 20.44
CA GLY E 197 33.17 19.46 21.06
C GLY E 197 34.66 19.41 21.30
N CYS E 198 35.20 18.19 21.31
CA CYS E 198 36.61 17.99 21.62
C CYS E 198 37.18 16.91 20.70
N ALA E 199 38.50 16.93 20.56
CA ALA E 199 39.21 15.97 19.71
C ALA E 199 40.33 15.33 20.51
N PHE E 200 40.15 14.06 20.88
CA PHE E 200 41.16 13.31 21.60
C PHE E 200 42.10 12.64 20.59
N LEU E 201 43.37 12.97 20.65
CA LEU E 201 44.35 12.47 19.68
C LEU E 201 45.35 11.53 20.35
N GLU E 221 45.39 13.61 5.42
CA GLU E 221 44.97 12.39 6.10
C GLU E 221 44.50 12.66 7.53
N LYS E 222 45.42 13.10 8.38
CA LYS E 222 45.12 13.40 9.76
C LYS E 222 44.82 14.88 10.01
N ILE E 223 44.96 15.74 8.99
CA ILE E 223 44.76 17.16 9.21
C ILE E 223 43.30 17.44 9.56
N LYS E 224 42.38 16.80 8.84
CA LYS E 224 40.94 17.02 9.02
C LYS E 224 40.47 16.69 10.43
N MET E 225 41.28 16.01 11.24
CA MET E 225 40.90 15.78 12.63
C MET E 225 40.96 17.08 13.44
N LYS E 226 41.97 17.92 13.19
CA LYS E 226 42.15 19.11 14.01
C LYS E 226 41.28 20.27 13.55
N THR E 227 40.92 20.32 12.28
CA THR E 227 40.16 21.44 11.72
C THR E 227 38.67 21.20 11.72
N PHE E 228 38.19 20.23 12.51
CA PHE E 228 36.77 19.90 12.59
C PHE E 228 36.19 20.05 13.99
N PHE E 229 37.03 20.21 15.01
CA PHE E 229 36.59 20.35 16.39
C PHE E 229 37.13 21.65 16.97
N THR E 230 36.45 22.13 18.01
CA THR E 230 36.88 23.37 18.66
C THR E 230 38.04 23.14 19.61
N GLN E 231 38.13 21.96 20.22
CA GLN E 231 39.17 21.66 21.18
C GLN E 231 39.87 20.35 20.82
N ASN E 232 41.19 20.34 20.94
CA ASN E 232 42.00 19.15 20.71
C ASN E 232 42.67 18.74 22.02
N ILE E 233 42.69 17.44 22.27
CA ILE E 233 43.21 16.87 23.52
C ILE E 233 44.35 15.93 23.15
N TYR E 234 45.57 16.27 23.55
CA TYR E 234 46.74 15.46 23.25
C TYR E 234 47.03 14.49 24.39
N LYS E 235 47.60 13.34 24.02
CA LYS E 235 47.71 12.22 24.96
C LYS E 235 48.87 12.40 25.94
N LYS E 236 50.06 12.75 25.43
CA LYS E 236 51.24 12.74 26.29
C LYS E 236 51.14 13.77 27.40
N ASN E 237 50.87 15.02 27.06
CA ASN E 237 50.79 16.13 28.02
C ASN E 237 49.52 16.92 27.70
N ASN E 238 48.47 16.70 28.48
CA ASN E 238 47.20 17.37 28.30
C ASN E 238 47.00 18.43 29.36
N ILE E 239 46.42 19.56 28.96
CA ILE E 239 46.14 20.66 29.88
C ILE E 239 44.67 20.67 30.26
N TYR E 240 43.81 21.08 29.33
CA TYR E 240 42.39 21.22 29.59
C TYR E 240 41.65 19.95 29.19
N PRO E 241 40.78 19.39 30.04
CA PRO E 241 39.96 18.26 29.60
C PRO E 241 38.89 18.74 28.64
N CYS E 242 38.05 17.83 28.15
CA CYS E 242 36.99 18.25 27.24
C CYS E 242 35.99 19.16 27.95
N TYR E 243 35.43 20.10 27.19
CA TYR E 243 34.49 21.08 27.73
C TYR E 243 33.76 21.68 26.53
N MET E 244 32.56 21.16 26.25
CA MET E 244 31.76 21.60 25.13
C MET E 244 30.54 22.35 25.66
N LYS E 245 30.34 23.56 25.17
CA LYS E 245 29.27 24.43 25.61
C LYS E 245 28.17 24.44 24.56
N LEU E 246 26.92 24.52 25.03
CA LEU E 246 25.77 24.39 24.14
C LEU E 246 24.69 25.38 24.56
N TYR E 247 23.72 25.54 23.67
CA TYR E 247 22.52 26.33 23.90
C TYR E 247 21.35 25.54 23.31
N SER E 248 20.21 26.20 23.16
CA SER E 248 19.06 25.56 22.53
C SER E 248 19.29 25.55 21.02
N GLY E 249 19.45 24.35 20.45
CA GLY E 249 19.70 24.22 19.04
C GLY E 249 21.15 24.01 18.63
N ASP E 250 22.04 23.76 19.58
CA ASP E 250 23.46 23.55 19.28
C ASP E 250 23.77 22.06 19.14
N ILE E 251 24.96 21.79 18.59
CA ILE E 251 25.41 20.43 18.28
C ILE E 251 26.82 20.24 18.80
N GLY E 252 27.13 19.04 19.29
CA GLY E 252 28.46 18.72 19.74
C GLY E 252 28.87 17.33 19.32
N GLY E 253 30.15 17.02 19.55
CA GLY E 253 30.69 15.73 19.21
C GLY E 253 32.05 15.53 19.87
N ILE E 254 32.56 14.31 19.75
CA ILE E 254 33.85 13.95 20.32
C ILE E 254 34.55 12.96 19.40
N LEU E 255 35.88 13.05 19.35
CA LEU E 255 36.72 12.11 18.60
C LEU E 255 37.43 11.23 19.62
N PHE E 256 36.85 10.06 19.90
CA PHE E 256 37.37 9.15 20.91
C PHE E 256 38.71 8.55 20.48
N PRO E 257 39.50 8.07 21.45
CA PRO E 257 40.86 7.59 21.13
C PRO E 257 40.85 6.27 20.36
N LYS E 258 42.04 5.78 19.99
CA LYS E 258 42.17 4.58 19.19
C LYS E 258 42.16 3.29 20.00
N ASN E 259 42.53 3.34 21.28
CA ASN E 259 42.59 2.14 22.11
C ASN E 259 41.69 2.26 23.33
N ILE E 260 40.42 2.57 23.12
CA ILE E 260 39.49 2.77 24.24
C ILE E 260 38.98 1.42 24.71
N LYS E 261 38.90 1.26 26.04
CA LYS E 261 38.38 0.04 26.66
C LYS E 261 36.90 0.19 26.99
N SER E 262 36.52 1.30 27.62
CA SER E 262 35.13 1.59 27.93
C SER E 262 34.97 3.09 28.01
N THR E 263 33.72 3.54 28.03
CA THR E 263 33.43 4.96 28.08
C THR E 263 32.11 5.17 28.81
N THR E 264 32.03 6.27 29.55
CA THR E 264 30.86 6.60 30.35
C THR E 264 30.32 7.98 30.00
N CYS E 265 30.64 8.50 28.83
CA CYS E 265 30.45 9.92 28.58
C CYS E 265 29.13 10.26 27.88
N PHE E 266 28.29 9.27 27.60
CA PHE E 266 26.92 9.56 27.21
C PHE E 266 25.93 8.54 27.75
N GLU E 267 26.40 7.45 28.35
CA GLU E 267 25.53 6.48 29.01
C GLU E 267 25.48 6.65 30.52
N GLU E 268 26.49 7.30 31.11
CA GLU E 268 26.61 7.41 32.57
C GLU E 268 27.16 8.81 32.87
N MET E 269 26.24 9.75 33.10
CA MET E 269 26.59 11.14 33.36
C MET E 269 26.42 11.49 34.84
N ILE E 270 27.22 12.46 35.30
CA ILE E 270 27.18 12.94 36.68
C ILE E 270 27.02 14.45 36.62
N PRO E 271 26.08 15.04 37.35
CA PRO E 271 25.88 16.48 37.31
C PRO E 271 26.63 17.24 38.40
N TYR E 272 26.55 18.57 38.29
CA TYR E 272 27.10 19.49 39.27
C TYR E 272 26.13 20.66 39.44
N ASN E 273 26.37 21.48 40.46
CA ASN E 273 25.48 22.56 40.83
C ASN E 273 24.12 22.05 41.29
N LYS E 274 23.32 22.93 41.89
CA LYS E 274 22.05 22.57 42.50
C LYS E 274 20.86 23.19 41.78
N GLU E 275 21.04 23.62 40.54
CA GLU E 275 19.95 24.11 39.70
C GLU E 275 18.69 23.25 39.83
N ILE E 276 18.85 21.92 39.86
CA ILE E 276 17.70 21.03 39.94
C ILE E 276 18.10 19.78 40.73
N LYS E 277 17.14 19.22 41.46
CA LYS E 277 17.36 17.95 42.15
C LYS E 277 17.61 16.85 41.12
N TRP E 278 18.62 16.02 41.37
CA TRP E 278 19.05 15.03 40.40
C TRP E 278 18.57 13.63 40.80
N ASN E 279 18.17 12.84 39.81
CA ASN E 279 17.87 11.43 40.00
C ASN E 279 19.10 10.65 39.55
N LYS E 280 19.72 9.94 40.49
CA LYS E 280 20.97 9.24 40.21
C LYS E 280 20.80 8.06 39.25
N GLU E 281 19.59 7.77 38.80
CA GLU E 281 19.35 6.70 37.83
C GLU E 281 18.98 7.25 36.45
N ASN E 282 18.35 8.41 36.39
CA ASN E 282 18.07 9.09 35.11
C ASN E 282 19.32 9.81 34.64
N LYS E 283 20.34 9.03 34.31
CA LYS E 283 21.67 9.55 33.97
C LYS E 283 22.01 9.41 32.50
N SER E 284 21.24 8.65 31.73
CA SER E 284 21.44 8.60 30.29
C SER E 284 21.03 9.93 29.66
N LEU E 285 21.76 10.35 28.64
CA LEU E 285 21.47 11.64 28.02
C LEU E 285 20.01 11.76 27.62
N GLY E 286 19.39 10.64 27.25
CA GLY E 286 17.97 10.66 26.94
C GLY E 286 17.10 10.91 28.16
N ASN E 287 17.53 10.43 29.33
CA ASN E 287 16.79 10.64 30.56
C ASN E 287 17.00 12.01 31.18
N LEU E 288 18.01 12.77 30.73
CA LEU E 288 18.26 14.10 31.28
C LEU E 288 17.57 15.20 30.47
N VAL E 289 17.56 15.07 29.15
CA VAL E 289 16.95 16.06 28.26
C VAL E 289 15.96 15.36 27.35
N ASN E 290 14.70 15.76 27.41
CA ASN E 290 13.68 15.19 26.55
C ASN E 290 13.95 15.55 25.09
N ASN E 291 13.81 14.56 24.21
CA ASN E 291 14.01 14.75 22.77
C ASN E 291 15.48 15.00 22.42
N SER E 292 16.40 14.51 23.25
CA SER E 292 17.81 14.60 22.95
C SER E 292 18.19 13.48 21.97
N VAL E 293 19.44 13.49 21.51
CA VAL E 293 19.89 12.56 20.47
C VAL E 293 21.32 12.11 20.75
N VAL E 294 21.60 10.87 20.36
CA VAL E 294 22.95 10.30 20.41
C VAL E 294 23.18 9.57 19.10
N TYR E 295 24.40 9.66 18.58
CA TYR E 295 24.77 9.05 17.32
C TYR E 295 25.97 8.14 17.53
N ASN E 296 25.92 6.96 16.93
CA ASN E 296 26.97 5.95 17.08
C ASN E 296 27.07 5.51 18.54
N LYS E 297 25.91 5.37 19.19
CA LYS E 297 25.88 4.98 20.60
C LYS E 297 26.60 3.65 20.81
N GLU E 298 26.56 2.76 19.82
CA GLU E 298 27.15 1.44 19.94
C GLU E 298 28.61 1.39 19.51
N MET E 299 29.15 2.48 18.97
CA MET E 299 30.53 2.53 18.48
C MET E 299 30.81 1.41 17.48
N ASN E 300 29.81 1.06 16.69
CA ASN E 300 29.93 0.00 15.69
C ASN E 300 30.43 0.50 14.35
N ALA E 301 30.46 1.82 14.14
CA ALA E 301 30.95 2.38 12.88
C ALA E 301 32.32 1.82 12.54
N LYS E 302 32.59 1.69 11.25
CA LYS E 302 33.77 0.97 10.78
C LYS E 302 35.01 1.85 10.77
N TYR E 303 34.89 3.06 10.24
CA TYR E 303 36.06 3.89 9.96
C TYR E 303 36.52 4.74 11.14
N PHE E 304 35.60 5.38 11.85
CA PHE E 304 35.95 6.34 12.89
C PHE E 304 35.31 6.00 14.22
N ASN E 305 36.02 6.32 15.30
CA ASN E 305 35.54 6.17 16.67
C ASN E 305 34.98 7.52 17.12
N VAL E 306 33.69 7.74 16.88
CA VAL E 306 33.08 9.05 17.06
C VAL E 306 31.69 8.90 17.64
N GLN E 307 31.23 9.96 18.33
CA GLN E 307 29.87 10.06 18.82
C GLN E 307 29.45 11.53 18.74
N TYR E 308 28.15 11.74 18.50
CA TYR E 308 27.60 13.07 18.36
C TYR E 308 26.36 13.21 19.25
N VAL E 309 25.85 14.45 19.33
CA VAL E 309 24.66 14.77 20.10
C VAL E 309 23.99 15.97 19.45
N HIS E 310 22.71 16.17 19.79
CA HIS E 310 21.95 17.31 19.30
C HIS E 310 21.08 17.86 20.42
N ILE E 311 20.93 19.18 20.44
CA ILE E 311 20.13 19.88 21.44
C ILE E 311 18.91 20.46 20.73
N PRO E 312 17.69 20.06 21.11
CA PRO E 312 16.52 20.67 20.48
C PRO E 312 16.41 22.15 20.81
N THR E 313 15.85 22.91 19.87
CA THR E 313 15.67 24.34 20.08
C THR E 313 14.65 24.66 21.15
N SER E 314 13.94 23.65 21.67
CA SER E 314 12.94 23.84 22.71
C SER E 314 13.49 23.70 24.11
N TYR E 315 14.72 23.21 24.26
CA TYR E 315 15.32 23.00 25.58
C TYR E 315 15.88 24.33 26.06
N LYS E 316 15.14 24.98 26.96
CA LYS E 316 15.53 26.27 27.52
C LYS E 316 15.97 26.17 28.98
N ASP E 317 16.24 24.96 29.46
CA ASP E 317 16.67 24.76 30.83
C ASP E 317 18.19 24.72 30.90
N THR E 318 18.75 25.29 31.97
CA THR E 318 20.18 25.31 32.17
C THR E 318 20.60 24.04 32.91
N LEU E 319 21.78 23.52 32.54
CA LEU E 319 22.29 22.33 33.21
C LEU E 319 23.77 22.17 32.86
N ASN E 320 24.55 21.73 33.83
CA ASN E 320 25.99 21.52 33.67
C ASN E 320 26.33 20.14 34.23
N LEU E 321 27.01 19.33 33.42
CA LEU E 321 27.25 17.93 33.75
C LEU E 321 28.72 17.57 33.51
N PHE E 322 29.08 16.35 33.93
CA PHE E 322 30.43 15.83 33.77
C PHE E 322 30.36 14.37 33.35
N CYS E 323 31.49 13.85 32.87
CA CYS E 323 31.60 12.43 32.55
C CYS E 323 33.07 12.04 32.54
N SER E 324 33.32 10.74 32.46
CA SER E 324 34.65 10.16 32.52
C SER E 324 34.85 9.21 31.35
N ILE E 325 36.11 8.79 31.16
CA ILE E 325 36.48 7.90 30.07
C ILE E 325 37.48 6.88 30.61
N ILE E 326 37.54 5.74 29.92
CA ILE E 326 38.49 4.69 30.24
C ILE E 326 39.36 4.44 29.00
N LEU E 327 40.53 3.85 29.22
CA LEU E 327 41.45 3.52 28.14
C LEU E 327 41.98 2.11 28.33
N LYS E 328 42.44 1.52 27.21
CA LYS E 328 43.01 0.17 27.28
C LYS E 328 44.35 0.19 28.00
N GLU E 329 45.23 1.10 27.62
CA GLU E 329 46.54 1.23 28.25
C GLU E 329 47.36 -0.03 28.05
N SER E 336 45.28 2.80 33.65
CA SER E 336 44.74 3.54 32.52
C SER E 336 44.46 5.00 32.90
N THR E 337 44.94 5.91 32.07
CA THR E 337 44.73 7.34 32.27
C THR E 337 43.35 7.73 31.76
N SER E 338 42.51 8.25 32.64
CA SER E 338 41.13 8.58 32.30
C SER E 338 40.98 10.08 32.14
N TYR E 339 40.23 10.48 31.11
CA TYR E 339 39.91 11.88 30.88
C TYR E 339 38.47 12.17 31.29
N LEU E 340 38.17 13.46 31.42
CA LEU E 340 36.85 13.93 31.81
C LEU E 340 36.34 14.92 30.78
N VAL E 341 35.04 15.20 30.87
CA VAL E 341 34.39 16.15 29.98
C VAL E 341 33.45 17.02 30.81
N TYR E 342 33.41 18.30 30.50
CA TYR E 342 32.48 19.23 31.14
C TYR E 342 31.48 19.69 30.09
N VAL E 343 30.26 20.00 30.54
CA VAL E 343 29.19 20.42 29.65
C VAL E 343 28.48 21.63 30.25
N SER E 344 28.10 22.56 29.39
CA SER E 344 27.33 23.73 29.80
C SER E 344 26.27 23.97 28.73
N ILE E 345 25.02 24.09 29.17
CA ILE E 345 23.87 24.24 28.29
C ILE E 345 23.07 25.43 28.78
N ASN E 346 22.88 26.41 27.90
CA ASN E 346 22.12 27.62 28.22
C ASN E 346 22.74 28.37 29.40
N GLU E 347 24.03 28.16 29.66
CA GLU E 347 24.73 28.82 30.77
C GLU E 347 25.00 30.28 30.39
N GLY E 348 24.00 31.11 30.62
CA GLY E 348 24.10 32.53 30.32
C GLY E 348 23.40 33.42 31.31
N GLN F 3 19.32 -30.92 -19.62
CA GLN F 3 19.27 -30.39 -21.01
C GLN F 3 17.84 -30.06 -21.43
N VAL F 4 17.69 -28.89 -22.01
CA VAL F 4 16.39 -28.39 -22.45
C VAL F 4 16.19 -28.78 -23.90
N GLN F 5 14.99 -29.25 -24.22
CA GLN F 5 14.65 -29.67 -25.57
C GLN F 5 13.25 -29.22 -25.91
N LEU F 6 13.10 -28.57 -27.07
CA LEU F 6 11.81 -28.19 -27.62
C LEU F 6 11.55 -29.04 -28.86
N VAL F 7 10.33 -29.56 -28.98
CA VAL F 7 9.97 -30.51 -30.02
C VAL F 7 8.68 -30.02 -30.66
N GLU F 8 8.73 -29.75 -31.96
CA GLU F 8 7.55 -29.33 -32.70
C GLU F 8 6.84 -30.53 -33.30
N SER F 9 5.59 -30.32 -33.69
CA SER F 9 4.80 -31.34 -34.35
C SER F 9 3.63 -30.67 -35.04
N GLY F 10 2.94 -31.44 -35.87
CA GLY F 10 1.75 -30.96 -36.54
C GLY F 10 1.98 -30.40 -37.93
N GLY F 11 3.24 -30.22 -38.34
CA GLY F 11 3.51 -29.68 -39.65
C GLY F 11 3.16 -30.67 -40.74
N GLY F 12 3.27 -30.22 -41.98
CA GLY F 12 2.96 -31.09 -43.11
C GLY F 12 2.58 -30.26 -44.33
N VAL F 13 1.75 -30.88 -45.18
CA VAL F 13 1.31 -30.30 -46.43
C VAL F 13 -0.14 -29.86 -46.29
N VAL F 14 -0.44 -28.66 -46.80
CA VAL F 14 -1.81 -28.14 -46.83
C VAL F 14 -1.96 -27.33 -48.11
N GLN F 15 -3.18 -27.24 -48.59
CA GLN F 15 -3.46 -26.47 -49.79
C GLN F 15 -4.01 -25.10 -49.44
N PRO F 16 -3.91 -24.14 -50.37
CA PRO F 16 -4.32 -22.77 -50.05
C PRO F 16 -5.70 -22.72 -49.40
N GLY F 17 -5.84 -21.82 -48.42
CA GLY F 17 -7.04 -21.76 -47.61
C GLY F 17 -7.10 -22.77 -46.50
N GLY F 18 -6.20 -23.75 -46.50
CA GLY F 18 -6.22 -24.78 -45.49
C GLY F 18 -5.80 -24.26 -44.12
N SER F 19 -5.95 -25.14 -43.13
CA SER F 19 -5.60 -24.88 -41.75
C SER F 19 -4.51 -25.86 -41.33
N LEU F 20 -3.89 -25.56 -40.19
CA LEU F 20 -2.81 -26.38 -39.67
C LEU F 20 -2.50 -25.96 -38.24
N ARG F 21 -2.37 -26.91 -37.33
CA ARG F 21 -2.08 -26.63 -35.92
C ARG F 21 -0.72 -27.21 -35.55
N LEU F 22 0.13 -26.37 -34.95
CA LEU F 22 1.47 -26.76 -34.53
C LEU F 22 1.54 -26.85 -33.01
N SER F 23 2.28 -27.83 -32.51
CA SER F 23 2.43 -28.09 -31.08
C SER F 23 3.92 -28.08 -30.75
N CYS F 24 4.33 -27.20 -29.83
CA CYS F 24 5.69 -27.13 -29.32
C CYS F 24 5.70 -27.64 -27.89
N THR F 25 6.43 -28.73 -27.66
CA THR F 25 6.47 -29.41 -26.37
C THR F 25 7.89 -29.32 -25.81
N ALA F 26 8.00 -28.83 -24.58
CA ALA F 26 9.27 -28.58 -23.91
C ALA F 26 9.50 -29.57 -22.79
N SER F 27 10.78 -29.85 -22.53
CA SER F 27 11.17 -30.73 -21.44
C SER F 27 12.50 -30.25 -20.89
N GLY F 28 12.72 -30.52 -19.61
CA GLY F 28 13.96 -30.15 -18.97
C GLY F 28 13.96 -28.81 -18.28
N LEU F 29 12.80 -28.19 -18.12
CA LEU F 29 12.73 -26.86 -17.52
C LEU F 29 11.38 -26.67 -16.84
N ILE F 30 11.31 -25.64 -16.00
CA ILE F 30 10.07 -25.20 -15.39
C ILE F 30 9.33 -24.36 -16.42
N PHE F 31 8.27 -24.91 -17.02
CA PHE F 31 7.71 -24.31 -18.22
C PHE F 31 6.94 -23.02 -17.93
N ASN F 32 6.30 -22.92 -16.76
CA ASN F 32 5.50 -21.76 -16.45
C ASN F 32 6.32 -20.53 -16.08
N LYS F 33 7.58 -20.46 -16.50
CA LYS F 33 8.45 -19.33 -16.19
C LYS F 33 9.15 -18.77 -17.43
N TYR F 34 8.80 -19.25 -18.62
CA TYR F 34 9.45 -18.83 -19.85
C TYR F 34 8.42 -18.47 -20.91
N GLY F 35 8.68 -17.37 -21.63
CA GLY F 35 7.87 -17.04 -22.78
C GLY F 35 8.21 -17.91 -23.96
N ILE F 36 7.28 -18.01 -24.91
CA ILE F 36 7.45 -18.89 -26.07
C ILE F 36 7.30 -18.08 -27.35
N TYR F 37 8.13 -18.42 -28.34
CA TYR F 37 8.17 -17.70 -29.61
C TYR F 37 8.15 -18.71 -30.75
N TRP F 38 7.48 -18.36 -31.83
CA TRP F 38 7.48 -19.15 -33.06
C TRP F 38 8.21 -18.37 -34.13
N VAL F 39 9.19 -19.00 -34.76
CA VAL F 39 9.97 -18.36 -35.81
C VAL F 39 10.02 -19.28 -37.01
N ARG F 40 9.81 -18.72 -38.20
CA ARG F 40 9.81 -19.46 -39.45
C ARG F 40 10.99 -19.01 -40.31
N GLN F 41 11.40 -19.89 -41.22
CA GLN F 41 12.53 -19.62 -42.11
C GLN F 41 12.16 -20.12 -43.49
N ALA F 42 11.89 -19.19 -44.41
CA ALA F 42 11.60 -19.55 -45.79
C ALA F 42 12.85 -20.12 -46.44
N PRO F 43 12.75 -21.23 -47.18
CA PRO F 43 13.97 -21.86 -47.71
C PRO F 43 14.79 -20.89 -48.53
N GLY F 44 16.09 -20.83 -48.23
CA GLY F 44 16.99 -19.91 -48.86
C GLY F 44 16.94 -18.49 -48.34
N LYS F 45 16.12 -18.21 -47.33
CA LYS F 45 15.99 -16.89 -46.75
C LYS F 45 16.30 -16.95 -45.26
N GLY F 46 16.23 -15.79 -44.63
CA GLY F 46 16.60 -15.64 -43.23
C GLY F 46 15.46 -16.03 -42.30
N LEU F 47 15.56 -15.53 -41.08
CA LEU F 47 14.58 -15.80 -40.04
C LEU F 47 13.58 -14.65 -39.95
N GLU F 48 12.33 -15.00 -39.60
CA GLU F 48 11.24 -14.04 -39.51
C GLU F 48 10.40 -14.38 -38.28
N TRP F 49 10.19 -13.41 -37.41
CA TRP F 49 9.36 -13.63 -36.23
C TRP F 49 7.89 -13.75 -36.62
N VAL F 50 7.18 -14.64 -35.93
CA VAL F 50 5.80 -14.96 -36.26
C VAL F 50 4.86 -14.62 -35.11
N ALA F 51 4.99 -15.33 -33.98
CA ALA F 51 4.08 -15.16 -32.86
C ALA F 51 4.86 -15.23 -31.56
N PHE F 52 4.14 -15.05 -30.44
CA PHE F 52 4.70 -15.06 -29.10
C PHE F 52 3.56 -15.10 -28.09
N ILE F 53 3.83 -15.69 -26.93
CA ILE F 53 2.86 -15.82 -25.85
C ILE F 53 3.59 -15.73 -24.52
N ARG F 54 2.96 -15.12 -23.52
CA ARG F 54 3.60 -14.94 -22.21
C ARG F 54 3.70 -16.28 -21.49
N TYR F 55 4.44 -16.26 -20.37
CA TYR F 55 4.64 -17.48 -19.61
C TYR F 55 3.33 -18.06 -19.09
N ASP F 56 2.36 -17.21 -18.79
CA ASP F 56 1.06 -17.67 -18.30
C ASP F 56 0.01 -17.69 -19.40
N GLY F 57 0.33 -17.20 -20.59
CA GLY F 57 -0.63 -17.19 -21.68
C GLY F 57 -1.58 -16.02 -21.68
N THR F 58 -1.38 -15.02 -20.82
CA THR F 58 -2.36 -13.94 -20.75
C THR F 58 -2.29 -13.07 -22.00
N ASN F 59 -1.09 -12.72 -22.42
CA ASN F 59 -0.89 -11.84 -23.56
C ASN F 59 -0.24 -12.61 -24.70
N GLN F 60 -0.62 -12.26 -25.92
CA GLN F 60 -0.12 -12.88 -27.14
C GLN F 60 0.20 -11.78 -28.13
N PHE F 61 1.32 -11.92 -28.83
CA PHE F 61 1.74 -10.98 -29.85
C PHE F 61 1.93 -11.70 -31.18
N TYR F 62 1.36 -11.15 -32.25
CA TYR F 62 1.48 -11.70 -33.59
C TYR F 62 2.13 -10.68 -34.52
N ALA F 63 2.64 -11.16 -35.65
CA ALA F 63 3.16 -10.30 -36.68
C ALA F 63 2.05 -9.91 -37.65
N ASP F 64 2.13 -8.68 -38.15
CA ASP F 64 1.06 -8.13 -38.98
C ASP F 64 0.72 -9.05 -40.14
N SER F 65 1.71 -9.74 -40.70
CA SER F 65 1.45 -10.61 -41.85
C SER F 65 0.62 -11.84 -41.49
N VAL F 66 0.42 -12.14 -40.21
CA VAL F 66 -0.34 -13.32 -39.80
C VAL F 66 -1.43 -13.01 -38.79
N LYS F 67 -1.57 -11.76 -38.34
CA LYS F 67 -2.63 -11.42 -37.42
C LYS F 67 -3.97 -11.74 -38.04
N GLY F 68 -4.92 -12.18 -37.19
CA GLY F 68 -6.26 -12.53 -37.62
C GLY F 68 -6.41 -13.92 -38.17
N ARG F 69 -5.34 -14.54 -38.63
CA ARG F 69 -5.39 -15.91 -39.12
C ARG F 69 -4.70 -16.89 -38.20
N PHE F 70 -3.77 -16.42 -37.36
CA PHE F 70 -3.05 -17.26 -36.41
C PHE F 70 -3.56 -17.01 -34.99
N THR F 71 -3.68 -18.08 -34.23
CA THR F 71 -4.15 -18.03 -32.85
C THR F 71 -3.26 -18.92 -32.01
N ILE F 72 -2.53 -18.32 -31.07
CA ILE F 72 -1.56 -19.03 -30.25
C ILE F 72 -2.12 -19.22 -28.85
N SER F 73 -1.92 -20.42 -28.30
CA SER F 73 -2.38 -20.73 -26.95
C SER F 73 -1.40 -21.72 -26.34
N ARG F 74 -1.49 -21.86 -25.00
CA ARG F 74 -0.61 -22.80 -24.33
C ARG F 74 -1.34 -23.42 -23.15
N ASP F 75 -0.84 -24.60 -22.75
CA ASP F 75 -1.34 -25.35 -21.61
C ASP F 75 -0.12 -25.70 -20.77
N ASN F 76 0.18 -24.86 -19.77
CA ASN F 76 1.34 -25.11 -18.94
C ASN F 76 1.21 -26.44 -18.21
N SER F 77 -0.01 -26.89 -17.96
CA SER F 77 -0.20 -28.19 -17.32
C SER F 77 0.48 -29.30 -18.12
N LYS F 78 0.39 -29.22 -19.45
CA LYS F 78 0.95 -30.22 -20.34
C LYS F 78 2.26 -29.79 -20.98
N ASN F 79 2.81 -28.65 -20.56
CA ASN F 79 4.07 -28.13 -21.08
C ASN F 79 4.01 -27.92 -22.60
N LYS F 80 2.82 -27.62 -23.11
CA LYS F 80 2.62 -27.44 -24.53
C LYS F 80 2.19 -26.01 -24.85
N VAL F 81 2.41 -25.64 -26.11
CA VAL F 81 1.92 -24.38 -26.68
C VAL F 81 1.46 -24.66 -28.09
N TYR F 82 0.23 -24.28 -28.41
CA TYR F 82 -0.38 -24.57 -29.69
C TYR F 82 -0.41 -23.31 -30.55
N LEU F 83 -0.26 -23.50 -31.86
CA LEU F 83 -0.38 -22.41 -32.83
C LEU F 83 -1.28 -22.86 -33.97
N GLN F 84 -2.51 -22.36 -33.99
CA GLN F 84 -3.48 -22.66 -35.04
C GLN F 84 -3.29 -21.67 -36.19
N MET F 85 -3.06 -22.22 -37.39
CA MET F 85 -2.85 -21.43 -38.60
C MET F 85 -4.01 -21.70 -39.55
N ASN F 86 -4.85 -20.69 -39.76
CA ASN F 86 -5.97 -20.75 -40.69
C ASN F 86 -5.71 -19.85 -41.90
N SER F 87 -6.54 -20.02 -42.92
CA SER F 87 -6.46 -19.21 -44.14
C SER F 87 -5.03 -19.13 -44.65
N LEU F 88 -4.39 -20.30 -44.75
CA LEU F 88 -3.00 -20.37 -45.17
C LEU F 88 -2.80 -19.89 -46.60
N ARG F 89 -1.61 -19.36 -46.86
CA ARG F 89 -1.27 -18.79 -48.17
C ARG F 89 0.01 -19.45 -48.69
N ALA F 90 0.54 -18.93 -49.79
CA ALA F 90 1.78 -19.47 -50.33
C ALA F 90 3.01 -18.90 -49.62
N GLU F 91 2.94 -17.66 -49.16
CA GLU F 91 4.06 -17.04 -48.46
C GLU F 91 4.32 -17.68 -47.09
N ASP F 92 3.39 -18.47 -46.55
CA ASP F 92 3.55 -19.08 -45.25
C ASP F 92 4.36 -20.38 -45.28
N THR F 93 4.88 -20.74 -46.45
CA THR F 93 5.66 -21.97 -46.58
C THR F 93 7.06 -21.75 -46.02
N ALA F 94 7.45 -22.57 -45.06
CA ALA F 94 8.74 -22.43 -44.40
C ALA F 94 8.87 -23.52 -43.35
N LEU F 95 10.06 -23.60 -42.75
CA LEU F 95 10.29 -24.42 -41.57
C LEU F 95 9.98 -23.59 -40.33
N TYR F 96 9.15 -24.14 -39.44
CA TYR F 96 8.64 -23.42 -38.28
C TYR F 96 9.35 -23.92 -37.02
N TYR F 97 10.13 -23.03 -36.40
CA TYR F 97 10.76 -23.30 -35.11
C TYR F 97 9.91 -22.70 -33.98
N CYS F 98 10.07 -23.28 -32.80
CA CYS F 98 9.61 -22.66 -31.56
C CYS F 98 10.82 -22.46 -30.68
N ALA F 99 10.82 -21.38 -29.91
CA ALA F 99 11.99 -20.99 -29.13
C ALA F 99 11.57 -20.66 -27.71
N LYS F 100 12.56 -20.54 -26.84
CA LYS F 100 12.35 -20.32 -25.42
C LYS F 100 12.95 -18.97 -25.05
N ASP F 101 12.15 -18.15 -24.40
CA ASP F 101 12.64 -16.88 -23.86
C ASP F 101 13.61 -17.17 -22.72
N ARG F 102 14.62 -16.31 -22.59
CA ARG F 102 15.67 -16.54 -21.59
C ARG F 102 15.23 -16.23 -20.17
N GLY F 103 13.99 -15.82 -19.95
CA GLY F 103 13.54 -15.56 -18.60
C GLY F 103 13.78 -14.11 -18.23
N SER F 104 12.91 -13.21 -18.68
CA SER F 104 13.04 -11.78 -18.40
C SER F 104 13.98 -11.07 -19.37
N ILE F 105 14.83 -11.81 -20.09
CA ILE F 105 15.60 -11.26 -21.21
C ILE F 105 15.04 -11.85 -22.51
N ILE F 106 14.70 -10.98 -23.46
CA ILE F 106 14.07 -11.44 -24.70
C ILE F 106 15.11 -11.91 -25.71
N VAL F 107 15.71 -13.05 -25.44
CA VAL F 107 16.58 -13.74 -26.38
C VAL F 107 16.20 -15.21 -26.38
N PHE F 108 16.63 -15.91 -27.41
CA PHE F 108 16.23 -17.29 -27.65
C PHE F 108 17.43 -18.20 -27.42
N ASP F 109 17.55 -18.73 -26.20
CA ASP F 109 18.71 -19.54 -25.86
C ASP F 109 18.58 -20.95 -26.41
N HIS F 110 17.42 -21.60 -26.23
CA HIS F 110 17.17 -22.93 -26.74
C HIS F 110 16.11 -22.88 -27.84
N TRP F 111 16.37 -23.60 -28.93
CA TRP F 111 15.49 -23.65 -30.08
C TRP F 111 15.02 -25.07 -30.34
N GLY F 112 13.90 -25.18 -31.05
CA GLY F 112 13.45 -26.45 -31.54
C GLY F 112 14.21 -26.87 -32.78
N GLN F 113 13.83 -28.03 -33.31
CA GLN F 113 14.45 -28.57 -34.51
C GLN F 113 13.65 -28.30 -35.78
N GLY F 114 12.39 -27.93 -35.65
CA GLY F 114 11.64 -27.47 -36.80
C GLY F 114 10.60 -28.49 -37.22
N THR F 115 9.51 -27.98 -37.80
CA THR F 115 8.45 -28.79 -38.37
C THR F 115 8.09 -28.17 -39.72
N LEU F 116 8.18 -28.96 -40.78
CA LEU F 116 8.04 -28.42 -42.12
C LEU F 116 6.59 -28.05 -42.40
N VAL F 117 6.40 -26.94 -43.11
CA VAL F 117 5.09 -26.48 -43.53
C VAL F 117 5.15 -26.15 -45.02
N THR F 118 4.57 -27.00 -45.84
CA THR F 118 4.52 -26.81 -47.29
C THR F 118 3.10 -26.42 -47.67
N VAL F 119 2.94 -25.36 -48.45
CA VAL F 119 1.62 -24.86 -48.84
C VAL F 119 1.62 -24.62 -50.35
N SER F 120 1.24 -25.63 -51.12
CA SER F 120 1.14 -25.48 -52.57
C SER F 120 0.02 -26.38 -53.07
N SER F 121 -0.70 -25.90 -54.08
CA SER F 121 -1.75 -26.70 -54.70
C SER F 121 -1.14 -27.69 -55.69
N GLU F 142 9.19 -2.36 -37.76
CA GLU F 142 9.57 -0.97 -37.50
C GLU F 142 11.09 -0.84 -37.51
N ILE F 143 11.77 -1.74 -36.79
CA ILE F 143 13.23 -1.73 -36.71
C ILE F 143 13.78 -2.61 -37.82
N VAL F 144 14.75 -2.08 -38.57
CA VAL F 144 15.34 -2.77 -39.71
C VAL F 144 16.80 -3.07 -39.38
N LEU F 145 17.22 -4.30 -39.65
CA LEU F 145 18.61 -4.72 -39.46
C LEU F 145 19.19 -5.07 -40.81
N THR F 146 20.39 -4.56 -41.08
CA THR F 146 21.06 -4.76 -42.37
C THR F 146 22.46 -5.29 -42.09
N GLN F 147 22.69 -6.55 -42.44
CA GLN F 147 23.98 -7.20 -42.27
C GLN F 147 24.77 -7.14 -43.57
N SER F 148 26.01 -6.69 -43.47
CA SER F 148 26.92 -6.62 -44.61
C SER F 148 28.32 -6.97 -44.11
N PRO F 149 29.07 -7.83 -44.82
CA PRO F 149 28.75 -8.48 -46.09
C PRO F 149 27.73 -9.60 -45.94
N ALA F 150 27.15 -10.02 -47.06
CA ALA F 150 26.17 -11.11 -47.05
C ALA F 150 26.81 -12.46 -47.31
N THR F 151 28.05 -12.49 -47.78
CA THR F 151 28.78 -13.74 -47.99
C THR F 151 30.26 -13.42 -47.92
N LEU F 152 31.01 -14.30 -47.25
CA LEU F 152 32.43 -14.09 -47.02
C LEU F 152 33.12 -15.44 -46.98
N SER F 153 34.22 -15.58 -47.71
CA SER F 153 34.95 -16.83 -47.82
C SER F 153 36.34 -16.70 -47.23
N LEU F 154 36.67 -17.57 -46.28
CA LEU F 154 37.98 -17.57 -45.65
C LEU F 154 38.44 -18.97 -45.31
N SER F 155 39.73 -19.11 -45.10
CA SER F 155 40.33 -20.31 -44.57
C SER F 155 40.40 -20.21 -43.05
N PRO F 156 40.53 -21.34 -42.35
CA PRO F 156 40.57 -21.30 -40.88
C PRO F 156 41.74 -20.51 -40.35
N GLY F 157 41.55 -19.95 -39.16
CA GLY F 157 42.58 -19.20 -38.46
C GLY F 157 42.61 -17.71 -38.73
N GLU F 158 41.78 -17.21 -39.63
CA GLU F 158 41.75 -15.79 -39.96
C GLU F 158 40.66 -15.08 -39.14
N ARG F 159 40.89 -13.79 -38.89
CA ARG F 159 39.91 -12.99 -38.17
C ARG F 159 38.70 -12.67 -39.05
N VAL F 160 37.58 -12.42 -38.40
CA VAL F 160 36.31 -12.15 -39.09
C VAL F 160 35.57 -11.08 -38.34
N THR F 161 35.11 -10.05 -39.07
CA THR F 161 34.34 -8.94 -38.50
C THR F 161 33.06 -8.78 -39.30
N LEU F 162 31.93 -8.85 -38.61
CA LEU F 162 30.60 -8.76 -39.21
C LEU F 162 29.91 -7.50 -38.73
N SER F 163 28.93 -7.03 -39.52
CA SER F 163 28.17 -5.83 -39.19
C SER F 163 26.69 -6.17 -39.13
N CYS F 164 26.01 -5.68 -38.10
CA CYS F 164 24.54 -5.70 -38.02
C CYS F 164 24.13 -4.30 -37.60
N ARG F 165 23.87 -3.45 -38.59
CA ARG F 165 23.42 -2.08 -38.31
C ARG F 165 21.90 -2.05 -38.11
N ALA F 166 21.42 -0.92 -37.62
CA ALA F 166 20.01 -0.77 -37.29
C ALA F 166 19.47 0.55 -37.82
N SER F 167 18.17 0.55 -38.12
CA SER F 167 17.52 1.75 -38.63
C SER F 167 17.37 2.80 -37.54
N GLN F 168 16.87 2.39 -36.39
CA GLN F 168 16.76 3.26 -35.22
C GLN F 168 17.53 2.62 -34.07
N ALA F 169 17.53 3.31 -32.93
CA ALA F 169 18.34 2.87 -31.79
C ALA F 169 17.83 1.54 -31.27
N VAL F 170 18.75 0.59 -31.06
CA VAL F 170 18.44 -0.65 -30.37
C VAL F 170 19.08 -0.73 -28.99
N GLY F 171 19.98 0.19 -28.65
CA GLY F 171 20.62 0.20 -27.35
C GLY F 171 21.50 -1.00 -27.13
N ILE F 172 21.20 -1.77 -26.08
CA ILE F 172 21.90 -3.02 -25.81
C ILE F 172 21.05 -4.23 -26.16
N TYR F 173 19.78 -4.03 -26.48
CA TYR F 173 18.83 -5.13 -26.67
C TYR F 173 19.04 -5.69 -28.07
N LEU F 174 20.17 -6.34 -28.24
CA LEU F 174 20.59 -6.91 -29.51
C LEU F 174 21.22 -8.27 -29.24
N ALA F 175 21.19 -9.13 -30.26
CA ALA F 175 21.65 -10.49 -30.09
C ALA F 175 22.29 -10.98 -31.39
N TRP F 176 22.96 -12.12 -31.30
CA TRP F 176 23.60 -12.77 -32.44
C TRP F 176 23.30 -14.25 -32.37
N TYR F 177 22.86 -14.83 -33.48
CA TYR F 177 22.57 -16.25 -33.56
C TYR F 177 23.39 -16.92 -34.65
N GLN F 178 23.72 -18.20 -34.42
CA GLN F 178 24.45 -19.01 -35.38
C GLN F 178 23.54 -20.14 -35.83
N GLN F 179 23.49 -20.39 -37.13
CA GLN F 179 22.74 -21.51 -37.70
C GLN F 179 23.67 -22.34 -38.59
N LYS F 180 24.10 -23.49 -38.08
CA LYS F 180 24.91 -24.39 -38.89
C LYS F 180 24.04 -25.11 -39.93
N PRO F 181 24.62 -25.49 -41.07
CA PRO F 181 23.82 -26.10 -42.14
C PRO F 181 23.09 -27.35 -41.68
N GLY F 182 21.77 -27.32 -41.84
CA GLY F 182 20.93 -28.43 -41.45
C GLY F 182 20.58 -28.47 -39.97
N GLN F 183 21.09 -27.54 -39.17
CA GLN F 183 20.92 -27.54 -37.74
C GLN F 183 20.10 -26.32 -37.31
N ALA F 184 19.67 -26.34 -36.06
CA ALA F 184 18.84 -25.27 -35.54
C ALA F 184 19.69 -24.09 -35.08
N PRO F 185 19.10 -22.91 -34.98
CA PRO F 185 19.85 -21.73 -34.53
C PRO F 185 20.35 -21.88 -33.11
N ARG F 186 21.55 -21.36 -32.86
CA ARG F 186 22.15 -21.33 -31.54
C ARG F 186 22.44 -19.89 -31.14
N LEU F 187 22.20 -19.58 -29.86
CA LEU F 187 22.45 -18.24 -29.34
C LEU F 187 23.92 -18.09 -28.96
N LEU F 188 24.53 -17.00 -29.39
CA LEU F 188 25.93 -16.72 -29.08
C LEU F 188 26.08 -15.58 -28.09
N ILE F 189 25.52 -14.41 -28.38
CA ILE F 189 25.73 -13.20 -27.59
C ILE F 189 24.37 -12.57 -27.37
N TYR F 190 23.90 -12.58 -26.12
CA TYR F 190 22.52 -12.19 -25.83
C TYR F 190 22.36 -10.69 -25.56
N HIS F 191 23.22 -10.11 -24.73
CA HIS F 191 23.34 -8.66 -24.68
C HIS F 191 24.46 -8.27 -25.66
N VAL F 192 24.74 -6.98 -25.79
CA VAL F 192 25.65 -6.53 -26.85
C VAL F 192 26.93 -7.35 -26.85
N SER F 193 27.43 -7.71 -25.66
CA SER F 193 28.69 -8.44 -25.54
C SER F 193 28.61 -9.69 -24.69
N LYS F 194 27.62 -9.85 -23.82
CA LYS F 194 27.54 -11.05 -22.99
C LYS F 194 27.24 -12.25 -23.88
N ARG F 195 27.97 -13.34 -23.66
CA ARG F 195 27.84 -14.57 -24.43
C ARG F 195 27.18 -15.65 -23.59
N ASP F 196 26.42 -16.51 -24.24
CA ASP F 196 25.73 -17.57 -23.54
C ASP F 196 26.68 -18.72 -23.24
N THR F 197 26.22 -19.63 -22.37
CA THR F 197 27.01 -20.80 -22.00
C THR F 197 27.39 -21.61 -23.23
N GLY F 198 28.53 -22.29 -23.14
CA GLY F 198 29.04 -23.08 -24.23
C GLY F 198 29.53 -22.28 -25.41
N VAL F 199 29.62 -20.97 -25.29
CA VAL F 199 30.13 -20.11 -26.34
C VAL F 199 31.60 -19.81 -26.02
N PRO F 200 32.54 -20.26 -26.84
CA PRO F 200 33.95 -20.00 -26.52
C PRO F 200 34.27 -18.51 -26.61
N ASP F 201 35.36 -18.14 -25.92
CA ASP F 201 35.86 -16.76 -26.00
C ASP F 201 36.24 -16.37 -27.42
N ARG F 202 36.37 -17.35 -28.32
CA ARG F 202 36.63 -17.06 -29.73
C ARG F 202 35.67 -16.02 -30.29
N PHE F 203 34.41 -16.03 -29.84
CA PHE F 203 33.41 -15.06 -30.27
C PHE F 203 33.37 -13.86 -29.32
N SER F 204 33.13 -12.68 -29.87
CA SER F 204 33.06 -11.48 -29.06
C SER F 204 32.21 -10.44 -29.77
N GLY F 205 31.15 -9.99 -29.11
CA GLY F 205 30.29 -8.96 -29.66
C GLY F 205 30.53 -7.60 -29.04
N SER F 206 30.12 -6.57 -29.77
CA SER F 206 30.30 -5.20 -29.33
C SER F 206 29.35 -4.31 -30.12
N GLY F 207 29.41 -3.01 -29.85
CA GLY F 207 28.59 -2.04 -30.54
C GLY F 207 27.74 -1.21 -29.59
N SER F 208 27.08 -0.23 -30.18
CA SER F 208 26.19 0.66 -29.44
C SER F 208 25.40 1.49 -30.42
N GLY F 209 24.18 1.85 -30.03
CA GLY F 209 23.34 2.69 -30.86
C GLY F 209 22.78 1.95 -32.06
N THR F 210 23.34 2.24 -33.24
CA THR F 210 22.85 1.66 -34.49
C THR F 210 23.83 0.70 -35.15
N ASP F 211 25.10 0.70 -34.74
CA ASP F 211 26.14 -0.09 -35.40
C ASP F 211 26.71 -1.10 -34.43
N PHE F 212 26.68 -2.38 -34.82
CA PHE F 212 27.12 -3.46 -33.96
C PHE F 212 27.99 -4.42 -34.75
N THR F 213 28.76 -5.22 -34.02
CA THR F 213 29.78 -6.09 -34.60
C THR F 213 29.82 -7.40 -33.85
N LEU F 214 30.15 -8.47 -34.58
CA LEU F 214 30.44 -9.79 -34.03
C LEU F 214 31.79 -10.22 -34.58
N THR F 215 32.74 -10.49 -33.70
CA THR F 215 34.11 -10.74 -34.09
C THR F 215 34.52 -12.16 -33.72
N ILE F 216 35.14 -12.85 -34.67
CA ILE F 216 35.72 -14.16 -34.44
C ILE F 216 37.23 -13.99 -34.59
N SER F 217 37.94 -14.12 -33.48
CA SER F 217 39.38 -13.90 -33.48
C SER F 217 40.09 -14.89 -34.40
N SER F 218 39.75 -16.17 -34.27
CA SER F 218 40.30 -17.23 -35.11
C SER F 218 39.16 -18.16 -35.50
N LEU F 219 39.15 -18.58 -36.75
CA LEU F 219 38.11 -19.48 -37.24
C LEU F 219 38.53 -20.93 -37.10
N GLU F 220 37.58 -21.77 -36.73
CA GLU F 220 37.75 -23.21 -36.63
C GLU F 220 36.81 -23.88 -37.60
N PRO F 221 37.10 -25.11 -38.02
CA PRO F 221 36.25 -25.76 -39.05
C PRO F 221 34.77 -25.74 -38.70
N GLU F 222 34.42 -25.87 -37.42
CA GLU F 222 33.01 -25.91 -37.03
C GLU F 222 32.33 -24.55 -37.13
N ASP F 223 33.09 -23.46 -37.18
CA ASP F 223 32.50 -22.13 -37.09
C ASP F 223 31.78 -21.73 -38.37
N PHE F 224 32.16 -22.28 -39.52
CA PHE F 224 31.56 -21.87 -40.78
C PHE F 224 30.08 -22.20 -40.78
N ALA F 225 29.25 -21.16 -40.88
CA ALA F 225 27.80 -21.29 -40.78
C ALA F 225 27.18 -19.93 -41.07
N VAL F 226 25.88 -19.81 -40.83
CA VAL F 226 25.15 -18.55 -41.02
C VAL F 226 25.03 -17.85 -39.68
N TYR F 227 25.09 -16.52 -39.68
CA TYR F 227 25.00 -15.72 -38.48
C TYR F 227 23.92 -14.65 -38.64
N TYR F 228 22.91 -14.69 -37.79
CA TYR F 228 21.85 -13.70 -37.76
C TYR F 228 21.93 -12.86 -36.49
N CYS F 229 21.34 -11.67 -36.54
CA CYS F 229 21.21 -10.79 -35.39
C CYS F 229 19.73 -10.53 -35.12
N GLN F 230 19.45 -9.99 -33.94
CA GLN F 230 18.08 -9.78 -33.48
C GLN F 230 18.02 -8.49 -32.67
N GLN F 231 16.84 -7.86 -32.67
CA GLN F 231 16.54 -6.71 -31.82
C GLN F 231 15.32 -7.03 -30.98
N HIS F 232 15.35 -6.64 -29.71
CA HIS F 232 14.17 -6.71 -28.85
C HIS F 232 13.97 -5.41 -28.10
N ARG F 233 14.42 -4.29 -28.69
CA ARG F 233 14.20 -3.00 -28.06
C ARG F 233 12.76 -2.54 -28.25
N ASN F 234 12.26 -2.57 -29.48
CA ASN F 234 10.91 -2.14 -29.81
C ASN F 234 10.26 -3.28 -30.60
N TRP F 235 9.54 -4.14 -29.89
CA TRP F 235 8.79 -5.23 -30.50
C TRP F 235 7.42 -5.31 -29.85
N PRO F 236 6.41 -5.84 -30.55
CA PRO F 236 6.46 -6.41 -31.91
C PRO F 236 6.67 -5.35 -32.98
N PRO F 237 7.32 -5.71 -34.09
CA PRO F 237 7.80 -7.05 -34.44
C PRO F 237 9.26 -7.26 -34.05
N ILE F 238 9.60 -8.45 -33.57
CA ILE F 238 11.00 -8.82 -33.42
C ILE F 238 11.58 -9.04 -34.80
N THR F 239 12.69 -8.39 -35.08
CA THR F 239 13.27 -8.39 -36.41
C THR F 239 14.67 -8.98 -36.36
N PHE F 240 15.03 -9.69 -37.43
CA PHE F 240 16.36 -10.26 -37.61
C PHE F 240 17.06 -9.53 -38.76
N GLY F 241 18.29 -9.95 -39.03
CA GLY F 241 19.07 -9.43 -40.13
C GLY F 241 19.03 -10.35 -41.34
N GLN F 242 19.47 -9.80 -42.48
CA GLN F 242 19.55 -10.61 -43.69
C GLN F 242 20.46 -11.81 -43.52
N GLY F 243 21.38 -11.76 -42.58
CA GLY F 243 22.29 -12.85 -42.31
C GLY F 243 23.61 -12.66 -43.04
N THR F 244 24.66 -13.20 -42.45
CA THR F 244 25.99 -13.21 -43.05
C THR F 244 26.47 -14.66 -43.05
N ARG F 245 26.81 -15.17 -44.23
CA ARG F 245 27.20 -16.56 -44.40
C ARG F 245 28.71 -16.67 -44.52
N LEU F 246 29.30 -17.51 -43.68
CA LEU F 246 30.73 -17.80 -43.73
C LEU F 246 30.93 -19.12 -44.46
N GLU F 247 31.70 -19.10 -45.54
CA GLU F 247 31.91 -20.25 -46.40
C GLU F 247 33.40 -20.60 -46.45
N ILE F 248 33.68 -21.86 -46.78
CA ILE F 248 35.06 -22.32 -46.92
C ILE F 248 35.57 -21.93 -48.29
N LYS F 249 36.78 -21.38 -48.34
CA LYS F 249 37.38 -20.97 -49.60
C LYS F 249 38.14 -22.10 -50.30
N ASP G 16 32.20 46.80 -7.12
CA ASP G 16 33.23 47.25 -8.05
C ASP G 16 32.66 47.31 -9.46
N GLU G 17 33.48 47.78 -10.41
CA GLU G 17 33.07 47.91 -11.80
C GLU G 17 33.79 46.96 -12.74
N LEU G 18 34.97 46.47 -12.38
CA LEU G 18 35.67 45.49 -13.21
C LEU G 18 35.09 44.09 -13.10
N ASP G 19 34.15 43.85 -12.19
CA ASP G 19 33.55 42.53 -12.02
C ASP G 19 32.04 42.55 -11.90
N LYS G 20 31.38 43.68 -12.17
CA LYS G 20 29.92 43.73 -12.06
C LYS G 20 29.29 42.81 -13.11
N ILE G 21 28.41 41.92 -12.66
CA ILE G 21 27.87 40.83 -13.48
C ILE G 21 26.42 41.14 -13.84
N ASP G 22 26.03 40.78 -15.06
CA ASP G 22 24.66 40.91 -15.53
C ASP G 22 23.92 39.60 -15.26
N LEU G 23 22.97 39.63 -14.32
CA LEU G 23 22.27 38.41 -13.95
C LEU G 23 21.33 37.92 -15.03
N SER G 24 20.93 38.79 -15.95
CA SER G 24 19.97 38.45 -17.01
C SER G 24 20.63 38.01 -18.31
N TYR G 25 21.95 38.07 -18.40
CA TYR G 25 22.62 37.75 -19.66
C TYR G 25 22.52 36.26 -19.96
N GLU G 26 22.33 35.93 -21.24
CA GLU G 26 22.27 34.55 -21.68
C GLU G 26 22.89 34.45 -23.07
N THR G 27 23.43 33.27 -23.38
CA THR G 27 24.01 32.98 -24.68
C THR G 27 24.32 31.49 -24.72
N THR G 28 24.81 31.02 -25.87
CA THR G 28 25.15 29.62 -26.07
C THR G 28 26.50 29.54 -26.76
N GLU G 29 27.02 28.31 -26.85
CA GLU G 29 28.27 28.09 -27.57
C GLU G 29 28.10 28.46 -29.03
N SER G 30 27.11 27.87 -29.70
CA SER G 30 26.87 28.18 -31.09
C SER G 30 26.40 29.62 -31.28
N GLY G 31 25.96 30.28 -30.22
CA GLY G 31 25.47 31.64 -30.34
C GLY G 31 24.33 31.73 -31.34
N ASP G 32 24.43 32.67 -32.27
CA ASP G 32 23.44 32.90 -33.32
C ASP G 32 23.98 32.49 -34.69
N THR G 33 24.75 31.41 -34.74
CA THR G 33 25.34 30.91 -35.98
C THR G 33 24.62 29.69 -36.53
N ALA G 34 23.62 29.18 -35.80
CA ALA G 34 22.85 28.02 -36.20
C ALA G 34 23.72 26.77 -36.34
N VAL G 35 24.93 26.81 -35.80
CA VAL G 35 25.83 25.66 -35.84
C VAL G 35 25.50 24.72 -34.68
N SER G 36 25.69 23.44 -34.90
CA SER G 36 25.50 22.45 -33.85
C SER G 36 26.84 22.17 -33.17
N GLU G 37 26.75 21.70 -31.92
CA GLU G 37 27.97 21.48 -31.15
C GLU G 37 28.91 20.50 -31.86
N ASP G 38 28.36 19.63 -32.69
CA ASP G 38 29.19 18.63 -33.36
C ASP G 38 30.09 19.25 -34.42
N SER G 39 29.57 20.21 -35.19
CA SER G 39 30.32 20.82 -36.28
C SER G 39 31.40 21.78 -35.84
N TYR G 40 31.63 21.93 -34.54
CA TYR G 40 32.69 22.79 -34.06
C TYR G 40 34.04 22.26 -34.52
N ASP G 41 34.95 23.19 -34.87
CA ASP G 41 36.32 22.84 -35.27
C ASP G 41 37.20 22.94 -34.02
N LYS G 42 37.18 21.85 -33.23
CA LYS G 42 37.92 21.81 -31.98
C LYS G 42 39.39 21.49 -32.21
N TYR G 43 40.26 22.30 -31.62
CA TYR G 43 41.70 22.10 -31.73
C TYR G 43 42.34 22.35 -30.38
N ALA G 44 43.62 22.04 -30.27
CA ALA G 44 44.37 22.14 -29.03
C ALA G 44 45.09 23.47 -28.92
N SER G 45 45.46 23.81 -27.70
CA SER G 45 46.16 25.06 -27.40
C SER G 45 47.65 24.92 -27.58
N ASN G 46 48.29 25.99 -28.05
CA ASN G 46 49.75 26.01 -28.20
C ASN G 46 50.33 26.29 -26.81
N ASN G 47 50.65 25.21 -26.11
CA ASN G 47 51.12 25.29 -24.73
C ASN G 47 52.64 25.32 -24.68
N THR G 48 53.18 26.19 -23.83
CA THR G 48 54.62 26.39 -23.75
C THR G 48 55.01 26.45 -22.27
N ASN G 49 55.39 25.30 -21.71
CA ASN G 49 55.98 25.24 -20.37
C ASN G 49 55.11 25.99 -19.36
N LYS G 50 53.91 25.47 -19.17
CA LYS G 50 52.90 26.03 -18.27
C LYS G 50 52.34 27.37 -18.76
N GLU G 51 52.55 27.70 -20.04
CA GLU G 51 51.93 28.87 -20.66
C GLU G 51 50.99 28.34 -21.73
N TYR G 52 49.71 28.20 -21.40
CA TYR G 52 48.72 27.70 -22.35
C TYR G 52 48.11 28.86 -23.11
N VAL G 53 48.15 28.79 -24.44
CA VAL G 53 47.79 29.90 -25.30
C VAL G 53 46.61 29.51 -26.17
N CYS G 54 45.71 30.47 -26.39
CA CYS G 54 44.60 30.33 -27.33
C CYS G 54 44.58 31.60 -28.17
N ASP G 55 45.22 31.54 -29.33
CA ASP G 55 45.37 32.69 -30.21
C ASP G 55 44.35 32.60 -31.35
N PHE G 56 43.54 33.64 -31.49
CA PHE G 56 42.54 33.75 -32.54
C PHE G 56 42.92 34.80 -33.58
N THR G 57 44.17 35.27 -33.56
CA THR G 57 44.57 36.34 -34.46
C THR G 57 44.39 35.92 -35.92
N ASP G 58 44.93 34.75 -36.29
CA ASP G 58 44.97 34.30 -37.66
C ASP G 58 43.92 33.24 -37.98
N GLN G 59 42.91 33.06 -37.12
CA GLN G 59 41.89 32.05 -37.32
C GLN G 59 40.50 32.58 -37.67
N LEU G 60 40.18 33.81 -37.29
CA LEU G 60 38.84 34.35 -37.47
C LEU G 60 38.69 35.23 -38.71
N LYS G 61 39.69 35.26 -39.59
CA LYS G 61 39.58 36.07 -40.79
C LYS G 61 38.42 35.56 -41.66
N PRO G 62 37.60 36.45 -42.21
CA PRO G 62 36.41 36.00 -42.95
C PRO G 62 36.76 35.06 -44.10
N THR G 63 35.88 34.09 -44.32
CA THR G 63 36.04 33.14 -45.41
C THR G 63 34.68 32.90 -46.04
N GLU G 64 34.70 32.53 -47.33
CA GLU G 64 33.47 32.22 -48.04
C GLU G 64 32.72 31.08 -47.37
N SER G 65 33.44 30.14 -46.76
CA SER G 65 32.84 28.97 -46.13
C SER G 65 32.24 29.26 -44.77
N GLY G 66 32.15 30.52 -44.36
CA GLY G 66 31.67 30.87 -43.04
C GLY G 66 30.17 30.89 -42.94
N PRO G 67 29.66 31.09 -41.71
CA PRO G 67 30.45 31.29 -40.48
C PRO G 67 30.88 29.99 -39.82
N LYS G 68 32.18 29.74 -39.77
CA LYS G 68 32.71 28.56 -39.11
C LYS G 68 32.88 28.83 -37.62
N VAL G 69 33.18 27.78 -36.86
CA VAL G 69 33.32 27.86 -35.41
C VAL G 69 34.66 27.26 -35.01
N LYS G 70 35.53 28.09 -34.45
CA LYS G 70 36.83 27.65 -33.96
C LYS G 70 36.75 27.56 -32.45
N LYS G 71 37.09 26.39 -31.90
CA LYS G 71 36.99 26.15 -30.46
C LYS G 71 38.37 25.77 -29.93
N CYS G 72 38.83 26.52 -28.92
CA CYS G 72 40.12 26.27 -28.30
C CYS G 72 39.88 25.49 -27.01
N GLU G 73 40.24 24.22 -27.02
CA GLU G 73 40.10 23.36 -25.85
C GLU G 73 41.33 23.50 -24.97
N VAL G 74 41.10 23.69 -23.67
CA VAL G 74 42.17 23.87 -22.69
C VAL G 74 41.91 22.89 -21.55
N LYS G 75 42.69 21.81 -21.50
CA LYS G 75 42.56 20.79 -20.47
C LYS G 75 43.71 20.95 -19.48
N VAL G 76 43.38 21.20 -18.22
CA VAL G 76 44.36 21.50 -17.19
C VAL G 76 44.37 20.35 -16.19
N ASN G 77 45.48 19.60 -16.16
CA ASN G 77 45.71 18.57 -15.16
C ASN G 77 46.98 18.83 -14.37
N GLU G 78 47.51 20.06 -14.42
CA GLU G 78 48.75 20.42 -13.76
C GLU G 78 48.57 21.77 -13.05
N PRO G 79 49.49 22.16 -12.18
CA PRO G 79 49.27 23.38 -11.39
C PRO G 79 49.94 24.62 -11.97
N LEU G 80 49.40 25.79 -11.63
CA LEU G 80 50.02 27.08 -11.94
C LEU G 80 50.27 27.22 -13.45
N ILE G 81 49.18 27.14 -14.20
CA ILE G 81 49.21 27.30 -15.64
C ILE G 81 48.85 28.75 -15.98
N LYS G 82 49.74 29.43 -16.69
CA LYS G 82 49.47 30.77 -17.19
C LYS G 82 48.66 30.68 -18.48
N VAL G 83 47.43 31.21 -18.44
CA VAL G 83 46.50 31.15 -19.57
C VAL G 83 46.59 32.46 -20.34
N LYS G 84 46.72 32.36 -21.66
CA LYS G 84 46.82 33.53 -22.52
C LYS G 84 45.81 33.39 -23.65
N ILE G 85 44.96 34.40 -23.83
CA ILE G 85 43.94 34.41 -24.86
C ILE G 85 44.05 35.70 -25.66
N ILE G 86 43.93 35.59 -26.98
CA ILE G 86 44.07 36.72 -27.89
C ILE G 86 42.80 36.87 -28.70
N CYS G 87 42.37 38.11 -28.90
CA CYS G 87 41.16 38.41 -29.67
C CYS G 87 41.35 39.74 -30.37
N PRO G 88 41.72 39.72 -31.65
CA PRO G 88 42.09 40.98 -32.33
C PRO G 88 41.02 42.05 -32.14
N LEU G 89 41.45 43.30 -32.23
CA LEU G 89 40.63 44.47 -31.95
C LEU G 89 39.85 44.94 -33.18
N LYS G 90 38.73 45.60 -32.90
CA LYS G 90 38.02 46.33 -33.95
C LYS G 90 38.99 47.31 -34.60
N GLY G 91 39.38 47.05 -35.83
CA GLY G 91 40.31 47.91 -36.54
C GLY G 91 41.75 47.48 -36.46
N SER G 92 42.05 46.40 -35.73
CA SER G 92 43.41 45.86 -35.74
C SER G 92 43.89 45.64 -37.18
N VAL G 93 43.04 45.06 -38.00
CA VAL G 93 43.16 45.12 -39.46
C VAL G 93 42.04 45.98 -39.98
N GLU G 94 42.28 46.65 -41.12
CA GLU G 94 41.46 47.77 -41.53
C GLU G 94 39.96 47.44 -41.50
N LYS G 95 39.57 46.33 -42.12
CA LYS G 95 38.14 46.04 -42.27
C LYS G 95 37.75 44.63 -41.85
N LEU G 96 38.71 43.74 -41.60
CA LEU G 96 38.38 42.33 -41.44
C LEU G 96 37.71 42.01 -40.12
N TYR G 97 37.85 42.87 -39.11
CA TYR G 97 37.30 42.63 -37.80
C TYR G 97 36.53 43.86 -37.31
N ASP G 98 35.85 44.54 -38.23
CA ASP G 98 35.20 45.80 -37.87
C ASP G 98 33.98 45.61 -36.98
N ASN G 99 33.37 44.42 -36.97
CA ASN G 99 32.17 44.15 -36.19
C ASN G 99 32.39 42.95 -35.27
N ILE G 100 33.57 42.87 -34.67
CA ILE G 100 33.88 41.77 -33.77
C ILE G 100 33.26 42.04 -32.40
N GLU G 101 33.03 40.96 -31.66
CA GLU G 101 32.53 41.04 -30.30
C GLU G 101 33.25 39.99 -29.47
N TYR G 102 33.75 40.39 -28.31
CA TYR G 102 34.35 39.48 -27.35
C TYR G 102 33.48 39.43 -26.10
N VAL G 103 33.35 38.24 -25.52
CA VAL G 103 32.50 38.05 -24.35
C VAL G 103 33.17 37.03 -23.44
N PRO G 104 33.15 37.23 -22.10
CA PRO G 104 32.59 38.38 -21.37
C PRO G 104 33.40 39.66 -21.54
N LYS G 105 32.70 40.80 -21.58
CA LYS G 105 33.37 42.09 -21.72
C LYS G 105 34.45 42.27 -20.66
N LYS G 106 34.10 42.06 -19.39
CA LYS G 106 35.02 42.25 -18.28
C LYS G 106 35.83 40.98 -17.98
N SER G 107 36.46 40.44 -18.99
CA SER G 107 37.27 39.24 -18.81
C SER G 107 38.70 39.61 -18.45
N PRO G 108 39.43 38.70 -17.78
CA PRO G 108 38.98 37.39 -17.29
C PRO G 108 38.32 37.44 -15.91
N TYR G 109 38.06 38.65 -15.40
CA TYR G 109 37.35 38.78 -14.13
C TYR G 109 36.03 38.02 -14.16
N VAL G 110 35.28 38.19 -15.24
CA VAL G 110 34.01 37.51 -15.45
C VAL G 110 34.22 36.39 -16.46
N VAL G 111 33.52 35.28 -16.27
CA VAL G 111 33.62 34.14 -17.17
C VAL G 111 32.22 33.62 -17.47
N LEU G 112 32.14 32.45 -18.11
CA LEU G 112 30.87 31.87 -18.51
C LEU G 112 30.85 30.40 -18.09
N THR G 113 29.71 29.97 -17.55
CA THR G 113 29.51 28.60 -17.12
C THR G 113 28.18 28.09 -17.67
N LYS G 114 28.07 26.76 -17.77
CA LYS G 114 26.89 26.12 -18.36
C LYS G 114 25.83 25.97 -17.27
N GLU G 115 24.94 26.95 -17.19
CA GLU G 115 23.77 26.88 -16.34
C GLU G 115 22.61 26.35 -17.19
N GLU G 116 22.13 25.14 -16.88
CA GLU G 116 21.16 24.44 -17.70
C GLU G 116 21.84 24.11 -19.04
N THR G 117 21.27 24.50 -20.18
CA THR G 117 21.95 24.34 -21.46
C THR G 117 22.60 25.63 -21.96
N LYS G 118 22.15 26.78 -21.47
CA LYS G 118 22.68 28.07 -21.88
C LYS G 118 23.85 28.46 -20.98
N LEU G 119 24.45 29.62 -21.27
CA LEU G 119 25.55 30.16 -20.49
C LEU G 119 25.15 31.49 -19.90
N LYS G 120 25.59 31.72 -18.66
CA LYS G 120 25.34 32.97 -17.96
C LYS G 120 26.63 33.35 -17.23
N GLU G 121 26.67 34.58 -16.74
CA GLU G 121 27.91 35.12 -16.19
C GLU G 121 28.17 34.55 -14.80
N LYS G 122 29.45 34.36 -14.51
CA LYS G 122 29.93 33.81 -13.24
C LYS G 122 31.28 34.43 -12.94
N LEU G 123 31.56 34.63 -11.65
CA LEU G 123 32.84 35.19 -11.23
C LEU G 123 33.87 34.09 -11.13
N LEU G 124 35.05 34.31 -11.73
CA LEU G 124 36.07 33.28 -11.70
C LEU G 124 36.74 33.22 -10.34
N SER G 125 37.03 34.38 -9.75
CA SER G 125 37.63 34.39 -8.42
C SER G 125 36.71 33.71 -7.40
N LYS G 126 35.41 33.95 -7.51
CA LYS G 126 34.44 33.31 -6.61
C LYS G 126 34.27 31.83 -6.91
N LEU G 127 34.84 31.34 -8.01
CA LEU G 127 34.72 29.94 -8.41
C LEU G 127 35.97 29.13 -8.09
N ILE G 128 37.16 29.72 -8.26
CA ILE G 128 38.42 29.05 -7.97
C ILE G 128 39.22 29.94 -7.03
N TYR G 129 39.49 29.45 -5.83
CA TYR G 129 40.24 30.23 -4.84
C TYR G 129 41.72 30.17 -5.17
N GLY G 130 42.40 31.30 -4.98
CA GLY G 130 43.82 31.37 -5.22
C GLY G 130 44.20 31.60 -6.65
N LEU G 131 43.32 32.20 -7.45
CA LEU G 131 43.60 32.48 -8.86
C LEU G 131 44.11 33.90 -9.02
N LEU G 132 45.11 34.06 -9.89
CA LEU G 132 45.80 35.33 -10.08
C LEU G 132 45.32 36.04 -11.34
N ILE G 133 44.90 37.30 -11.20
CA ILE G 133 44.47 38.13 -12.32
C ILE G 133 45.24 39.44 -12.20
N SER G 134 46.44 39.49 -12.75
CA SER G 134 47.21 40.72 -12.79
C SER G 134 46.45 41.79 -13.56
N PRO G 135 46.14 42.94 -12.98
CA PRO G 135 45.36 43.96 -13.72
C PRO G 135 46.09 44.54 -14.92
N THR G 136 47.32 44.13 -15.20
CA THR G 136 48.07 44.68 -16.31
C THR G 136 48.86 43.58 -17.02
N VAL G 137 48.76 43.55 -18.34
CA VAL G 137 49.51 42.62 -19.18
C VAL G 137 50.44 43.42 -20.09
N ASN G 138 51.73 43.12 -20.03
CA ASN G 138 52.72 43.79 -20.87
C ASN G 138 52.57 45.31 -20.78
N GLU G 139 52.43 45.81 -19.55
CA GLU G 139 52.31 47.23 -19.25
C GLU G 139 50.92 47.76 -19.62
N LYS G 140 50.07 46.94 -20.22
CA LYS G 140 48.76 47.35 -20.72
C LYS G 140 47.66 46.64 -19.94
N GLU G 141 46.47 47.25 -19.98
CA GLU G 141 45.33 46.75 -19.22
C GLU G 141 45.07 45.28 -19.55
N ASN G 142 44.42 44.55 -18.64
CA ASN G 142 44.11 43.14 -18.83
C ASN G 142 42.66 43.01 -19.29
N ASN G 143 42.45 43.28 -20.57
CA ASN G 143 41.12 43.15 -21.16
C ASN G 143 41.28 43.04 -22.67
N PHE G 144 40.29 42.41 -23.31
CA PHE G 144 40.31 42.30 -24.76
C PHE G 144 40.40 43.66 -25.44
N LYS G 145 39.99 44.73 -24.75
CA LYS G 145 40.12 46.06 -25.32
C LYS G 145 41.55 46.36 -25.71
N GLU G 146 42.51 45.93 -24.89
CA GLU G 146 43.92 46.07 -25.23
C GLU G 146 44.45 44.90 -26.04
N GLY G 147 43.63 43.91 -26.35
CA GLY G 147 43.95 42.88 -27.31
C GLY G 147 44.25 41.52 -26.72
N VAL G 148 44.50 41.43 -25.41
CA VAL G 148 44.93 40.19 -24.79
C VAL G 148 44.52 40.18 -23.32
N ILE G 149 44.37 38.98 -22.78
CA ILE G 149 44.05 38.78 -21.37
C ILE G 149 44.87 37.61 -20.84
N GLU G 150 45.30 37.70 -19.58
CA GLU G 150 46.07 36.66 -18.94
C GLU G 150 45.53 36.40 -17.55
N PHE G 151 45.86 35.21 -17.02
CA PHE G 151 45.58 34.87 -15.64
C PHE G 151 46.27 33.56 -15.32
N THR G 152 46.80 33.46 -14.10
CA THR G 152 47.54 32.29 -13.64
C THR G 152 46.70 31.50 -12.65
N LEU G 153 46.72 30.18 -12.80
CA LEU G 153 45.88 29.29 -12.01
C LEU G 153 46.45 29.14 -10.60
N PRO G 154 45.69 28.55 -9.68
CA PRO G 154 46.21 28.29 -8.33
C PRO G 154 47.08 27.05 -8.31
N PRO G 155 47.76 26.78 -7.19
CA PRO G 155 48.62 25.58 -7.13
C PRO G 155 47.88 24.30 -6.80
N VAL G 156 46.59 24.39 -6.45
CA VAL G 156 45.80 23.21 -6.12
C VAL G 156 44.36 23.51 -6.48
N VAL G 157 43.64 22.47 -6.89
CA VAL G 157 42.22 22.58 -7.22
C VAL G 157 41.53 21.30 -6.75
N HIS G 158 40.43 21.47 -6.03
CA HIS G 158 39.71 20.34 -5.44
C HIS G 158 38.67 19.77 -6.40
N LYS G 159 37.88 20.63 -7.05
CA LYS G 159 36.80 20.20 -7.91
C LYS G 159 37.05 20.65 -9.35
N ALA G 160 36.68 19.80 -10.30
CA ALA G 160 36.79 20.15 -11.71
C ALA G 160 35.98 21.41 -12.00
N THR G 161 36.57 22.33 -12.75
CA THR G 161 35.96 23.62 -13.03
C THR G 161 35.99 23.87 -14.53
N VAL G 162 34.83 24.20 -15.10
CA VAL G 162 34.70 24.43 -16.53
C VAL G 162 34.05 25.78 -16.76
N PHE G 163 34.73 26.65 -17.51
CA PHE G 163 34.19 27.94 -17.90
C PHE G 163 34.67 28.26 -19.31
N TYR G 164 34.03 29.25 -19.93
CA TYR G 164 34.23 29.55 -21.34
C TYR G 164 34.51 31.02 -21.57
N PHE G 165 35.19 31.31 -22.68
CA PHE G 165 35.38 32.66 -23.19
C PHE G 165 34.88 32.72 -24.62
N ILE G 166 34.64 33.94 -25.11
CA ILE G 166 34.08 34.15 -26.44
C ILE G 166 34.86 35.24 -27.17
N CYS G 167 35.04 35.04 -28.48
CA CYS G 167 35.70 36.02 -29.35
C CYS G 167 35.11 35.81 -30.75
N ASP G 168 34.05 36.53 -31.05
CA ASP G 168 33.19 36.25 -32.19
C ASP G 168 33.39 37.34 -33.25
N ASN G 169 33.78 36.91 -34.45
CA ASN G 169 33.86 37.80 -35.61
C ASN G 169 32.86 37.43 -36.69
N SER G 170 31.91 36.55 -36.39
CA SER G 170 30.97 36.09 -37.40
C SER G 170 30.11 37.24 -37.90
N LYS G 171 29.71 38.16 -37.02
CA LYS G 171 28.89 39.29 -37.40
C LYS G 171 29.58 40.19 -38.41
N THR G 172 30.88 40.01 -38.63
CA THR G 172 31.62 40.76 -39.64
C THR G 172 31.54 40.08 -40.99
N GLU G 173 31.45 40.88 -42.05
CA GLU G 173 31.38 40.36 -43.41
C GLU G 173 32.35 41.14 -44.29
N ASP G 174 33.07 40.41 -45.13
CA ASP G 174 33.97 40.96 -46.14
C ASP G 174 33.39 40.51 -47.47
N ASP G 175 32.55 41.36 -48.06
CA ASP G 175 31.80 41.03 -49.26
C ASP G 175 31.14 39.66 -49.04
N ASN G 176 31.40 38.69 -49.92
CA ASN G 176 30.76 37.38 -49.77
C ASN G 176 31.33 36.59 -48.60
N LYS G 177 32.54 36.91 -48.14
CA LYS G 177 33.16 36.15 -47.06
C LYS G 177 32.56 36.55 -45.71
N LYS G 178 32.81 35.71 -44.71
CA LYS G 178 32.30 35.96 -43.37
C LYS G 178 33.24 35.40 -42.31
N GLY G 179 33.36 36.14 -41.21
CA GLY G 179 34.17 35.73 -40.08
C GLY G 179 33.58 34.55 -39.35
N ASN G 180 34.28 34.15 -38.28
CA ASN G 180 33.96 32.98 -37.50
C ASN G 180 33.74 33.38 -36.04
N ARG G 181 33.19 32.44 -35.27
CA ARG G 181 32.94 32.61 -33.84
C ARG G 181 33.98 31.80 -33.09
N GLY G 182 34.86 32.48 -32.35
CA GLY G 182 35.89 31.81 -31.58
C GLY G 182 35.44 31.56 -30.14
N ILE G 183 35.77 30.37 -29.64
CA ILE G 183 35.39 29.97 -28.29
C ILE G 183 36.56 29.27 -27.62
N VAL G 184 36.70 29.49 -26.32
CA VAL G 184 37.78 28.91 -25.52
C VAL G 184 37.15 28.16 -24.37
N GLU G 185 37.38 26.85 -24.32
CA GLU G 185 36.91 26.00 -23.23
C GLU G 185 38.06 25.76 -22.27
N VAL G 186 37.79 25.89 -20.97
CA VAL G 186 38.80 25.72 -19.93
C VAL G 186 38.31 24.59 -19.04
N TYR G 187 38.88 23.41 -19.21
CA TYR G 187 38.50 22.22 -18.45
C TYR G 187 39.57 21.98 -17.38
N VAL G 188 39.31 22.50 -16.18
CA VAL G 188 40.22 22.33 -15.05
C VAL G 188 39.94 21.00 -14.37
N GLU G 189 40.98 20.22 -14.13
CA GLU G 189 40.85 18.96 -13.43
C GLU G 189 41.42 19.09 -12.01
N PRO G 190 40.85 18.38 -11.03
CA PRO G 190 41.41 18.45 -9.67
C PRO G 190 42.87 18.04 -9.68
N TYR G 191 43.73 18.95 -9.22
CA TYR G 191 45.16 18.69 -9.17
C TYR G 191 45.70 19.17 -7.83
N GLY G 192 46.70 18.46 -7.33
CA GLY G 192 47.30 18.78 -6.05
C GLY G 192 46.39 18.41 -4.90
N ASN G 193 46.86 18.75 -3.69
CA ASN G 193 46.13 18.45 -2.47
C ASN G 193 46.08 19.68 -1.57
N LYS G 194 47.26 20.17 -1.17
CA LYS G 194 47.37 21.35 -0.33
C LYS G 194 48.70 22.00 -0.62
N ILE G 195 48.98 23.10 0.09
CA ILE G 195 50.18 23.89 -0.11
C ILE G 195 51.12 23.65 1.07
N ASN G 196 52.40 23.39 0.75
CA ASN G 196 53.45 23.39 1.76
C ASN G 196 53.74 24.84 2.10
N GLY G 197 52.88 25.41 2.92
CA GLY G 197 52.97 26.82 3.27
C GLY G 197 52.21 27.15 4.53
N CYS G 198 51.76 28.40 4.62
CA CYS G 198 51.10 28.89 5.82
C CYS G 198 49.95 29.81 5.42
N ALA G 199 48.99 29.96 6.34
CA ALA G 199 47.81 30.78 6.11
C ALA G 199 47.66 31.76 7.26
N PHE G 200 47.97 33.03 7.00
CA PHE G 200 47.81 34.09 7.99
C PHE G 200 46.39 34.65 7.89
N LEU G 201 45.65 34.58 8.99
CA LEU G 201 44.26 35.00 9.01
C LEU G 201 44.07 36.24 9.88
N GLU G 221 32.30 29.74 2.62
CA GLU G 221 32.56 31.11 2.21
C GLU G 221 34.04 31.44 2.46
N LYS G 222 34.42 31.47 3.74
CA LYS G 222 35.80 31.70 4.15
C LYS G 222 36.58 30.42 4.38
N ILE G 223 35.94 29.26 4.25
CA ILE G 223 36.57 27.99 4.62
C ILE G 223 37.75 27.68 3.71
N LYS G 224 37.62 27.95 2.41
CA LYS G 224 38.67 27.55 1.47
C LYS G 224 40.04 28.13 1.83
N MET G 225 40.10 29.13 2.71
CA MET G 225 41.40 29.64 3.15
C MET G 225 42.12 28.63 4.05
N LYS G 226 41.38 27.95 4.93
CA LYS G 226 42.00 27.08 5.91
C LYS G 226 42.28 25.70 5.34
N THR G 227 41.51 25.26 4.35
CA THR G 227 41.64 23.92 3.80
C THR G 227 42.54 23.86 2.58
N PHE G 228 43.37 24.89 2.39
CA PHE G 228 44.26 24.99 1.24
C PHE G 228 45.72 25.01 1.63
N PHE G 229 46.03 25.20 2.91
CA PHE G 229 47.39 25.26 3.41
C PHE G 229 47.59 24.22 4.50
N THR G 230 48.85 23.84 4.72
CA THR G 230 49.16 22.85 5.75
C THR G 230 49.15 23.46 7.14
N GLN G 231 49.49 24.75 7.26
CA GLN G 231 49.56 25.43 8.55
C GLN G 231 48.74 26.71 8.49
N ASN G 232 47.99 26.97 9.56
CA ASN G 232 47.19 28.18 9.71
C ASN G 232 47.75 29.00 10.86
N ILE G 233 47.80 30.32 10.65
CA ILE G 233 48.37 31.25 11.62
C ILE G 233 47.27 32.24 12.01
N TYR G 234 46.85 32.18 13.27
CA TYR G 234 45.79 33.05 13.76
C TYR G 234 46.39 34.30 14.39
N LYS G 235 45.64 35.40 14.31
CA LYS G 235 46.19 36.70 14.64
C LYS G 235 46.29 36.93 16.14
N LYS G 236 45.23 36.63 16.88
CA LYS G 236 45.19 37.02 18.29
C LYS G 236 46.27 36.30 19.10
N ASN G 237 46.29 34.97 19.05
CA ASN G 237 47.21 34.17 19.86
C ASN G 237 47.82 33.09 18.99
N ASN G 238 49.05 33.33 18.52
CA ASN G 238 49.79 32.37 17.71
C ASN G 238 50.92 31.76 18.52
N ILE G 239 51.12 30.46 18.36
CA ILE G 239 52.21 29.74 19.00
C ILE G 239 53.30 29.51 17.96
N TYR G 240 53.01 28.68 16.97
CA TYR G 240 54.02 28.30 15.98
C TYR G 240 54.04 29.29 14.84
N PRO G 241 55.21 29.79 14.44
CA PRO G 241 55.31 30.67 13.28
C PRO G 241 55.14 29.92 11.98
N CYS G 242 55.20 30.63 10.85
CA CYS G 242 55.13 29.95 9.57
C CYS G 242 56.36 29.04 9.41
N TYR G 243 56.17 27.95 8.67
CA TYR G 243 57.23 26.95 8.51
C TYR G 243 56.87 26.07 7.32
N MET G 244 57.42 26.39 6.15
CA MET G 244 57.16 25.67 4.92
C MET G 244 58.40 24.91 4.48
N LYS G 245 58.26 23.61 4.29
CA LYS G 245 59.35 22.72 3.91
C LYS G 245 59.17 22.30 2.45
N LEU G 246 60.28 22.18 1.74
CA LEU G 246 60.24 21.87 0.31
C LEU G 246 61.37 20.92 -0.04
N TYR G 247 61.28 20.37 -1.24
CA TYR G 247 62.31 19.52 -1.82
C TYR G 247 62.45 19.92 -3.30
N SER G 248 63.14 19.09 -4.07
CA SER G 248 63.28 19.31 -5.50
C SER G 248 61.98 18.88 -6.18
N GLY G 249 61.25 19.83 -6.75
CA GLY G 249 60.00 19.55 -7.41
C GLY G 249 58.76 19.81 -6.58
N ASP G 250 58.88 20.41 -5.42
CA ASP G 250 57.74 20.71 -4.55
C ASP G 250 57.29 22.15 -4.75
N ILE G 251 56.11 22.46 -4.22
CA ILE G 251 55.48 23.76 -4.40
C ILE G 251 55.01 24.28 -3.04
N GLY G 252 55.13 25.60 -2.84
CA GLY G 252 54.64 26.23 -1.65
C GLY G 252 54.00 27.56 -1.96
N GLY G 253 53.34 28.12 -0.95
CA GLY G 253 52.69 29.40 -1.08
C GLY G 253 52.28 29.92 0.28
N ILE G 254 51.85 31.17 0.31
CA ILE G 254 51.39 31.80 1.55
C ILE G 254 50.25 32.74 1.22
N LEU G 255 49.29 32.83 2.14
CA LEU G 255 48.17 33.77 2.04
C LEU G 255 48.43 34.88 3.06
N PHE G 256 49.02 35.99 2.60
CA PHE G 256 49.39 37.07 3.49
C PHE G 256 48.14 37.71 4.10
N PRO G 257 48.30 38.40 5.25
CA PRO G 257 47.12 38.88 5.98
C PRO G 257 46.39 40.04 5.31
N LYS G 258 45.28 40.44 5.92
CA LYS G 258 44.44 41.51 5.39
C LYS G 258 44.91 42.89 5.79
N ASN G 259 45.72 43.00 6.84
CA ASN G 259 46.18 44.30 7.31
C ASN G 259 47.70 44.39 7.21
N ILE G 260 48.23 44.08 6.03
CA ILE G 260 49.66 44.07 5.80
C ILE G 260 50.12 45.47 5.44
N LYS G 261 51.24 45.89 6.02
CA LYS G 261 51.89 47.16 5.71
C LYS G 261 53.00 46.98 4.69
N SER G 262 53.88 46.01 4.92
CA SER G 262 54.98 45.70 4.01
C SER G 262 55.35 44.23 4.23
N THR G 263 56.19 43.72 3.33
CA THR G 263 56.59 42.32 3.42
C THR G 263 58.01 42.18 2.88
N THR G 264 58.76 41.26 3.47
CA THR G 264 60.15 41.03 3.12
C THR G 264 60.43 39.59 2.74
N CYS G 265 59.41 38.84 2.33
CA CYS G 265 59.55 37.39 2.27
C CYS G 265 59.95 36.84 0.90
N PHE G 266 60.13 37.70 -0.10
CA PHE G 266 60.77 37.24 -1.32
C PHE G 266 61.65 38.30 -1.96
N GLU G 267 61.64 39.53 -1.46
CA GLU G 267 62.57 40.56 -1.88
C GLU G 267 63.74 40.73 -0.92
N GLU G 268 63.59 40.30 0.33
CA GLU G 268 64.62 40.49 1.36
C GLU G 268 64.66 39.24 2.24
N MET G 269 65.48 38.28 1.87
CA MET G 269 65.62 37.02 2.59
C MET G 269 66.92 37.03 3.40
N ILE G 270 66.91 36.28 4.50
CA ILE G 270 68.07 36.21 5.38
C ILE G 270 68.42 34.74 5.65
N PRO G 271 69.71 34.35 5.49
CA PRO G 271 70.07 32.95 5.76
C PRO G 271 70.61 32.73 7.16
N TYR G 272 70.81 31.46 7.53
CA TYR G 272 71.47 31.08 8.77
C TYR G 272 72.29 29.83 8.50
N ASN G 273 73.09 29.44 9.49
CA ASN G 273 74.03 28.33 9.34
C ASN G 273 75.11 28.66 8.31
N LYS G 274 76.05 27.74 8.12
CA LYS G 274 77.25 27.97 7.32
C LYS G 274 77.25 27.09 6.07
N GLU G 275 76.60 27.56 5.02
CA GLU G 275 76.68 26.91 3.71
C GLU G 275 77.45 27.74 2.69
N ILE G 276 77.16 29.04 2.58
CA ILE G 276 77.83 29.91 1.63
C ILE G 276 77.78 31.34 2.16
N LYS G 277 78.78 32.13 1.78
CA LYS G 277 78.79 33.54 2.15
C LYS G 277 77.56 34.25 1.63
N TRP G 278 76.96 35.10 2.47
CA TRP G 278 75.68 35.72 2.16
C TRP G 278 75.90 37.15 1.70
N ASN G 279 75.16 37.54 0.67
CA ASN G 279 75.12 38.92 0.18
C ASN G 279 73.83 39.57 0.66
N LYS G 280 73.94 40.63 1.44
CA LYS G 280 72.75 41.28 1.96
C LYS G 280 71.95 41.99 0.88
N GLU G 281 72.44 42.02 -0.37
CA GLU G 281 71.74 42.64 -1.48
C GLU G 281 71.21 41.63 -2.50
N ASN G 282 71.87 40.48 -2.68
CA ASN G 282 71.35 39.40 -3.50
C ASN G 282 70.33 38.64 -2.64
N LYS G 283 69.26 39.34 -2.32
CA LYS G 283 68.28 38.89 -1.33
C LYS G 283 66.96 38.45 -1.93
N SER G 284 66.74 38.68 -3.22
CA SER G 284 65.55 38.15 -3.86
C SER G 284 65.66 36.63 -3.97
N LEU G 285 64.54 35.95 -3.73
CA LEU G 285 64.56 34.49 -3.75
C LEU G 285 65.05 33.95 -5.09
N GLY G 286 64.84 34.69 -6.18
CA GLY G 286 65.36 34.26 -7.46
C GLY G 286 66.87 34.31 -7.53
N ASN G 287 67.50 35.25 -6.83
CA ASN G 287 68.95 35.34 -6.80
C ASN G 287 69.58 34.31 -5.86
N LEU G 288 68.77 33.65 -5.03
CA LEU G 288 69.23 32.63 -4.10
C LEU G 288 69.16 31.23 -4.69
N VAL G 289 68.16 30.95 -5.51
CA VAL G 289 67.97 29.64 -6.13
C VAL G 289 67.91 29.83 -7.64
N ASN G 290 68.83 29.19 -8.36
CA ASN G 290 68.86 29.28 -9.81
C ASN G 290 67.65 28.58 -10.40
N ASN G 291 67.01 29.24 -11.37
CA ASN G 291 65.85 28.71 -12.09
C ASN G 291 64.61 28.56 -11.21
N SER G 292 64.53 29.31 -10.12
CA SER G 292 63.33 29.31 -9.30
C SER G 292 62.29 30.27 -9.88
N VAL G 293 61.09 30.26 -9.28
CA VAL G 293 59.97 31.05 -9.77
C VAL G 293 59.16 31.57 -8.59
N VAL G 294 58.58 32.75 -8.76
CA VAL G 294 57.67 33.35 -7.79
C VAL G 294 56.47 33.91 -8.56
N TYR G 295 55.30 33.86 -7.92
CA TYR G 295 54.04 34.27 -8.54
C TYR G 295 53.40 35.37 -7.72
N ASN G 296 52.89 36.38 -8.43
CA ASN G 296 52.29 37.56 -7.79
C ASN G 296 53.36 38.35 -7.02
N LYS G 297 54.55 38.48 -7.62
CA LYS G 297 55.64 39.19 -6.96
C LYS G 297 55.26 40.61 -6.58
N GLU G 298 54.38 41.24 -7.36
CA GLU G 298 54.01 42.62 -7.12
C GLU G 298 52.83 42.77 -6.17
N MET G 299 52.20 41.67 -5.78
CA MET G 299 50.98 41.71 -4.95
C MET G 299 49.92 42.57 -5.63
N ASN G 300 49.90 42.54 -6.96
CA ASN G 300 48.97 43.34 -7.75
C ASN G 300 47.66 42.61 -8.04
N ALA G 301 47.58 41.30 -7.79
CA ALA G 301 46.34 40.57 -8.00
C ALA G 301 45.22 41.26 -7.23
N LYS G 302 44.01 41.22 -7.81
CA LYS G 302 42.94 42.05 -7.30
C LYS G 302 42.22 41.40 -6.11
N TYR G 303 41.91 40.11 -6.22
CA TYR G 303 41.01 39.48 -5.26
C TYR G 303 41.73 39.00 -3.99
N PHE G 304 42.90 38.40 -4.12
CA PHE G 304 43.60 37.80 -2.99
C PHE G 304 44.99 38.40 -2.84
N ASN G 305 45.42 38.51 -1.59
CA ASN G 305 46.78 38.96 -1.25
C ASN G 305 47.59 37.68 -1.04
N VAL G 306 48.19 37.17 -2.12
CA VAL G 306 48.79 35.86 -2.13
C VAL G 306 50.08 35.87 -2.94
N GLN G 307 50.96 34.93 -2.63
CA GLN G 307 52.16 34.68 -3.41
C GLN G 307 52.44 33.19 -3.41
N TYR G 308 53.00 32.70 -4.50
CA TYR G 308 53.32 31.28 -4.67
C TYR G 308 54.76 31.14 -5.11
N VAL G 309 55.23 29.89 -5.11
CA VAL G 309 56.60 29.57 -5.53
C VAL G 309 56.63 28.14 -6.03
N HIS G 310 57.68 27.81 -6.79
CA HIS G 310 57.91 26.46 -7.28
C HIS G 310 59.40 26.16 -7.20
N ILE G 311 59.72 24.92 -6.88
CA ILE G 311 61.10 24.45 -6.75
C ILE G 311 61.40 23.53 -7.94
N PRO G 312 62.36 23.87 -8.80
CA PRO G 312 62.70 22.96 -9.90
C PRO G 312 63.25 21.65 -9.37
N THR G 313 63.00 20.58 -10.12
CA THR G 313 63.47 19.25 -9.74
C THR G 313 64.98 19.10 -9.84
N SER G 314 65.69 20.10 -10.37
CA SER G 314 67.13 20.00 -10.53
C SER G 314 67.92 20.55 -9.35
N TYR G 315 67.29 21.30 -8.45
CA TYR G 315 67.99 21.85 -7.28
C TYR G 315 67.98 20.79 -6.19
N LYS G 316 69.10 20.10 -6.03
CA LYS G 316 69.24 19.05 -5.03
C LYS G 316 70.15 19.44 -3.87
N ASP G 317 70.47 20.72 -3.73
CA ASP G 317 71.30 21.20 -2.62
C ASP G 317 70.40 21.67 -1.48
N THR G 318 70.90 21.49 -0.25
CA THR G 318 70.16 21.87 0.93
C THR G 318 70.41 23.34 1.27
N LEU G 319 69.36 24.00 1.76
CA LEU G 319 69.45 25.41 2.16
C LEU G 319 68.24 25.74 3.02
N ASN G 320 68.47 26.55 4.05
CA ASN G 320 67.41 26.96 4.98
C ASN G 320 67.49 28.46 5.22
N LEU G 321 66.35 29.15 5.01
CA LEU G 321 66.29 30.60 5.08
C LEU G 321 65.07 31.02 5.88
N PHE G 322 65.00 32.33 6.18
CA PHE G 322 63.88 32.90 6.91
C PHE G 322 63.55 34.27 6.32
N CYS G 323 62.40 34.81 6.71
CA CYS G 323 62.01 36.17 6.33
C CYS G 323 61.01 36.70 7.34
N SER G 324 60.72 37.99 7.22
CA SER G 324 59.86 38.72 8.15
C SER G 324 58.79 39.48 7.40
N ILE G 325 57.84 40.03 8.16
CA ILE G 325 56.67 40.73 7.63
C ILE G 325 56.43 41.98 8.47
N ILE G 326 55.67 42.91 7.89
CA ILE G 326 55.23 44.11 8.58
C ILE G 326 53.71 44.10 8.61
N LEU G 327 53.14 44.86 9.55
CA LEU G 327 51.69 44.94 9.70
C LEU G 327 51.26 46.39 9.87
N LYS G 328 49.98 46.64 9.58
CA LYS G 328 49.42 47.99 9.66
C LYS G 328 49.32 48.46 11.10
N GLU G 329 48.76 47.63 11.98
CA GLU G 329 48.57 47.99 13.39
C GLU G 329 47.61 49.17 13.49
N SER G 336 53.15 47.08 15.14
CA SER G 336 53.13 45.87 14.33
C SER G 336 53.63 44.66 15.12
N THR G 337 52.84 43.59 15.11
CA THR G 337 53.20 42.33 15.76
C THR G 337 53.36 41.28 14.66
N SER G 338 54.41 41.46 13.85
CA SER G 338 54.65 40.62 12.69
C SER G 338 55.16 39.24 13.08
N TYR G 339 54.74 38.26 12.30
CA TYR G 339 55.22 36.88 12.41
C TYR G 339 56.30 36.65 11.36
N LEU G 340 56.94 35.49 11.45
CA LEU G 340 58.06 35.12 10.59
C LEU G 340 57.75 33.87 9.79
N VAL G 341 58.63 33.58 8.83
CA VAL G 341 58.50 32.44 7.95
C VAL G 341 59.84 31.72 7.89
N TYR G 342 59.77 30.39 7.90
CA TYR G 342 60.91 29.49 7.84
C TYR G 342 60.90 28.76 6.51
N VAL G 343 62.08 28.41 6.02
CA VAL G 343 62.23 27.72 4.75
C VAL G 343 63.21 26.58 4.92
N SER G 344 62.89 25.43 4.33
CA SER G 344 63.76 24.27 4.32
C SER G 344 63.67 23.60 2.96
N ILE G 345 64.82 23.32 2.36
CA ILE G 345 64.90 22.77 1.02
C ILE G 345 65.83 21.56 1.07
N ASN G 346 65.31 20.40 0.69
CA ASN G 346 66.09 19.16 0.62
C ASN G 346 66.73 18.80 1.94
N GLU G 347 66.19 19.29 3.06
CA GLU G 347 66.76 19.01 4.39
C GLU G 347 66.42 17.58 4.77
N GLY G 348 67.26 16.65 4.30
CA GLY G 348 67.07 15.24 4.59
C GLY G 348 68.38 14.48 4.79
N GLN H 3 25.61 64.72 -43.66
CA GLN H 3 24.51 64.04 -44.41
C GLN H 3 25.05 63.33 -45.65
N VAL H 4 24.67 62.07 -45.81
CA VAL H 4 25.11 61.23 -46.93
C VAL H 4 24.05 61.26 -48.01
N GLN H 5 24.48 61.33 -49.27
CA GLN H 5 23.58 61.34 -50.41
C GLN H 5 24.16 60.49 -51.54
N LEU H 6 23.34 59.57 -52.06
CA LEU H 6 23.69 58.76 -53.22
C LEU H 6 22.84 59.22 -54.39
N VAL H 7 23.47 59.43 -55.54
CA VAL H 7 22.85 60.09 -56.67
C VAL H 7 23.07 59.26 -57.93
N GLU H 8 21.98 58.86 -58.58
CA GLU H 8 22.04 58.11 -59.82
C GLU H 8 21.96 59.06 -61.01
N SER H 9 22.33 58.54 -62.18
CA SER H 9 22.26 59.29 -63.43
C SER H 9 22.35 58.31 -64.59
N GLY H 10 22.06 58.84 -65.80
CA GLY H 10 22.20 58.11 -67.04
C GLY H 10 20.93 57.47 -67.56
N GLY H 11 19.86 57.45 -66.80
CA GLY H 11 18.64 56.82 -67.24
C GLY H 11 17.94 57.60 -68.34
N GLY H 12 16.88 56.99 -68.85
CA GLY H 12 16.09 57.59 -69.92
C GLY H 12 15.35 56.51 -70.70
N VAL H 13 15.05 56.82 -71.95
CA VAL H 13 14.33 55.92 -72.84
C VAL H 13 15.32 55.37 -73.87
N VAL H 14 15.24 54.07 -74.12
CA VAL H 14 16.10 53.40 -75.09
C VAL H 14 15.33 52.27 -75.74
N GLN H 15 15.77 51.90 -76.95
CA GLN H 15 15.13 50.81 -77.65
C GLN H 15 15.87 49.50 -77.38
N PRO H 16 15.20 48.36 -77.51
CA PRO H 16 15.84 47.08 -77.22
C PRO H 16 17.17 46.96 -77.97
N GLY H 17 18.14 46.35 -77.31
CA GLY H 17 19.49 46.26 -77.84
C GLY H 17 20.33 47.50 -77.61
N GLY H 18 19.74 48.60 -77.16
CA GLY H 18 20.49 49.82 -76.95
C GLY H 18 21.44 49.71 -75.77
N SER H 19 22.24 50.76 -75.63
CA SER H 19 23.22 50.86 -74.55
C SER H 19 22.92 52.04 -73.65
N LEU H 20 23.50 52.01 -72.47
CA LEU H 20 23.30 53.06 -71.48
C LEU H 20 24.26 52.83 -70.32
N ARG H 21 24.89 53.92 -69.86
CA ARG H 21 25.81 53.88 -68.73
C ARG H 21 25.19 54.63 -67.55
N LEU H 22 25.15 53.98 -66.39
CA LEU H 22 24.62 54.58 -65.18
C LEU H 22 25.77 54.89 -64.23
N SER H 23 25.67 56.03 -63.55
CA SER H 23 26.69 56.49 -62.62
C SER H 23 26.04 56.79 -61.28
N CYS H 24 26.54 56.18 -60.22
CA CYS H 24 26.11 56.48 -58.86
C CYS H 24 27.23 57.25 -58.16
N THR H 25 26.94 58.49 -57.76
CA THR H 25 27.94 59.38 -57.19
C THR H 25 27.57 59.71 -55.75
N ALA H 26 28.51 59.49 -54.84
CA ALA H 26 28.28 59.71 -53.42
C ALA H 26 29.04 60.93 -52.93
N SER H 27 28.47 61.59 -51.93
CA SER H 27 29.10 62.73 -51.31
C SER H 27 28.73 62.74 -49.84
N GLY H 28 29.63 63.28 -49.03
CA GLY H 28 29.44 63.33 -47.60
C GLY H 28 30.03 62.18 -46.84
N LEU H 29 30.84 61.35 -47.47
CA LEU H 29 31.41 60.18 -46.82
C LEU H 29 32.73 59.83 -47.50
N ILE H 30 33.52 58.99 -46.82
CA ILE H 30 34.75 58.46 -47.39
C ILE H 30 34.36 57.30 -48.31
N PHE H 31 34.45 57.52 -49.62
CA PHE H 31 33.85 56.58 -50.56
C PHE H 31 34.63 55.29 -50.68
N ASN H 32 35.96 55.35 -50.56
CA ASN H 32 36.80 54.18 -50.81
C ASN H 32 36.78 53.18 -49.67
N LYS H 33 35.72 53.20 -48.84
CA LYS H 33 35.61 52.26 -47.73
C LYS H 33 34.25 51.56 -47.71
N TYR H 34 33.44 51.74 -48.75
CA TYR H 34 32.09 51.17 -48.79
C TYR H 34 31.88 50.45 -50.11
N GLY H 35 31.24 49.29 -50.04
CA GLY H 35 30.79 48.63 -51.24
C GLY H 35 29.56 49.30 -51.83
N ILE H 36 29.34 49.05 -53.11
CA ILE H 36 28.24 49.67 -53.85
C ILE H 36 27.40 48.58 -54.47
N TYR H 37 26.08 48.80 -54.49
CA TYR H 37 25.12 47.83 -55.00
C TYR H 37 24.12 48.53 -55.90
N TRP H 38 23.71 47.85 -56.97
CA TRP H 38 22.67 48.32 -57.86
C TRP H 38 21.43 47.44 -57.69
N VAL H 39 20.29 48.06 -57.44
CA VAL H 39 19.03 47.36 -57.26
C VAL H 39 17.98 48.05 -58.13
N ARG H 40 17.18 47.24 -58.82
CA ARG H 40 16.14 47.75 -59.71
C ARG H 40 14.77 47.33 -59.19
N GLN H 41 13.75 48.06 -59.63
CA GLN H 41 12.38 47.83 -59.18
C GLN H 41 11.46 47.96 -60.39
N ALA H 42 10.92 46.83 -60.85
CA ALA H 42 9.93 46.86 -61.91
C ALA H 42 8.69 47.57 -61.40
N PRO H 43 8.12 48.50 -62.16
CA PRO H 43 7.00 49.30 -61.63
C PRO H 43 5.86 48.41 -61.15
N GLY H 44 5.40 48.69 -59.94
CA GLY H 44 4.34 47.92 -59.31
C GLY H 44 4.77 46.58 -58.77
N LYS H 45 6.04 46.22 -58.89
CA LYS H 45 6.56 44.95 -58.43
C LYS H 45 7.72 45.19 -57.46
N GLY H 46 8.32 44.09 -56.99
CA GLY H 46 9.30 44.16 -55.92
C GLY H 46 10.69 44.55 -56.36
N LEU H 47 11.64 44.25 -55.48
CA LEU H 47 13.04 44.63 -55.66
C LEU H 47 13.84 43.44 -56.19
N GLU H 48 14.87 43.76 -56.99
CA GLU H 48 15.74 42.76 -57.56
C GLU H 48 17.16 43.29 -57.57
N TRP H 49 18.09 42.53 -56.98
CA TRP H 49 19.49 42.90 -56.98
C TRP H 49 20.11 42.68 -58.36
N VAL H 50 21.05 43.56 -58.71
CA VAL H 50 21.65 43.54 -60.05
C VAL H 50 23.15 43.26 -59.99
N ALA H 51 23.91 44.19 -59.43
CA ALA H 51 25.37 44.11 -59.42
C ALA H 51 25.90 44.57 -58.07
N PHE H 52 27.23 44.56 -57.94
CA PHE H 52 27.91 44.94 -56.72
C PHE H 52 29.39 45.09 -57.00
N ILE H 53 30.05 45.96 -56.24
CA ILE H 53 31.50 46.18 -56.38
C ILE H 53 32.07 46.52 -55.02
N ARG H 54 33.30 46.05 -54.77
CA ARG H 54 33.96 46.30 -53.49
C ARG H 54 34.39 47.76 -53.38
N TYR H 55 34.87 48.11 -52.18
CA TYR H 55 35.32 49.48 -51.94
C TYR H 55 36.50 49.85 -52.86
N ASP H 56 37.32 48.87 -53.22
CA ASP H 56 38.50 49.12 -54.04
C ASP H 56 38.28 48.80 -55.51
N GLY H 57 37.12 48.23 -55.86
CA GLY H 57 36.84 47.87 -57.23
C GLY H 57 37.44 46.55 -57.68
N THR H 58 38.03 45.78 -56.77
CA THR H 58 38.71 44.55 -57.16
C THR H 58 37.74 43.46 -57.56
N ASN H 59 36.66 43.29 -56.81
CA ASN H 59 35.72 42.21 -57.04
C ASN H 59 34.39 42.76 -57.53
N GLN H 60 33.75 42.01 -58.43
CA GLN H 60 32.47 42.40 -59.00
C GLN H 60 31.56 41.17 -59.04
N PHE H 61 30.30 41.35 -58.66
CA PHE H 61 29.29 40.30 -58.71
C PHE H 61 28.10 40.79 -59.51
N TYR H 62 27.62 39.98 -60.45
CA TYR H 62 26.46 40.31 -61.25
C TYR H 62 25.37 39.26 -61.05
N ALA H 63 24.15 39.63 -61.44
CA ALA H 63 23.03 38.71 -61.41
C ALA H 63 23.00 37.92 -62.70
N ASP H 64 22.59 36.65 -62.59
CA ASP H 64 22.63 35.75 -63.73
C ASP H 64 21.91 36.33 -64.94
N SER H 65 20.83 37.08 -64.71
CA SER H 65 20.07 37.64 -65.82
C SER H 65 20.81 38.73 -66.56
N VAL H 66 21.92 39.25 -66.03
CA VAL H 66 22.65 40.31 -66.70
C VAL H 66 24.14 40.01 -66.87
N LYS H 67 24.63 38.89 -66.34
CA LYS H 67 26.05 38.59 -66.51
C LYS H 67 26.39 38.56 -68.01
N GLY H 68 27.57 39.05 -68.35
CA GLY H 68 28.00 39.11 -69.72
C GLY H 68 27.52 40.32 -70.49
N ARG H 69 26.47 40.97 -70.02
CA ARG H 69 25.96 42.20 -70.64
C ARG H 69 26.17 43.44 -69.78
N PHE H 70 26.32 43.30 -68.47
CA PHE H 70 26.52 44.42 -67.56
C PHE H 70 27.97 44.48 -67.08
N THR H 71 28.51 45.68 -67.00
CA THR H 71 29.90 45.89 -66.60
C THR H 71 29.96 47.01 -65.58
N ILE H 72 30.37 46.69 -64.36
CA ILE H 72 30.42 47.65 -63.28
C ILE H 72 31.88 47.99 -63.01
N SER H 73 32.15 49.27 -62.80
CA SER H 73 33.47 49.76 -62.48
C SER H 73 33.31 50.99 -61.61
N ARG H 74 34.39 51.39 -60.94
CA ARG H 74 34.33 52.59 -60.11
C ARG H 74 35.68 53.29 -60.13
N ASP H 75 35.63 54.60 -59.86
CA ASP H 75 36.81 55.45 -59.76
C ASP H 75 36.66 56.23 -58.45
N ASN H 76 37.29 55.72 -57.38
CA ASN H 76 37.18 56.39 -56.08
C ASN H 76 37.71 57.82 -56.14
N SER H 77 38.64 58.10 -57.07
CA SER H 77 39.15 59.46 -57.22
C SER H 77 38.03 60.46 -57.43
N LYS H 78 37.04 60.08 -58.23
CA LYS H 78 35.91 60.94 -58.53
C LYS H 78 34.66 60.57 -57.73
N ASN H 79 34.77 59.61 -56.82
CA ASN H 79 33.64 59.17 -55.98
C ASN H 79 32.48 58.65 -56.82
N LYS H 80 32.79 58.03 -57.97
CA LYS H 80 31.77 57.50 -58.86
C LYS H 80 31.89 55.99 -58.97
N VAL H 81 30.78 55.37 -59.38
CA VAL H 81 30.72 53.96 -59.74
C VAL H 81 29.82 53.84 -60.96
N TYR H 82 30.33 53.21 -62.02
CA TYR H 82 29.65 53.13 -63.30
C TYR H 82 29.02 51.76 -63.49
N LEU H 83 27.86 51.75 -64.18
CA LEU H 83 27.19 50.51 -64.58
C LEU H 83 26.84 50.63 -66.06
N GLN H 84 27.61 49.96 -66.91
CA GLN H 84 27.37 49.95 -68.35
C GLN H 84 26.38 48.84 -68.70
N MET H 85 25.28 49.19 -69.32
CA MET H 85 24.23 48.24 -69.67
C MET H 85 24.17 48.13 -71.19
N ASN H 86 24.58 46.98 -71.70
CA ASN H 86 24.54 46.66 -73.13
C ASN H 86 23.48 45.60 -73.37
N SER H 87 23.16 45.40 -74.64
CA SER H 87 22.19 44.39 -75.06
C SER H 87 20.94 44.48 -74.20
N LEU H 88 20.43 45.70 -74.04
CA LEU H 88 19.26 45.92 -73.20
C LEU H 88 18.05 45.19 -73.75
N ARG H 89 17.15 44.81 -72.85
CA ARG H 89 15.95 44.06 -73.23
C ARG H 89 14.71 44.72 -72.65
N ALA H 90 13.57 44.06 -72.78
CA ALA H 90 12.32 44.57 -72.20
C ALA H 90 12.22 44.25 -70.72
N GLU H 91 12.78 43.11 -70.30
CA GLU H 91 12.74 42.71 -68.89
C GLU H 91 13.58 43.64 -68.01
N ASP H 92 14.49 44.41 -68.60
CA ASP H 92 15.36 45.31 -67.86
C ASP H 92 14.72 46.67 -67.58
N THR H 93 13.45 46.85 -67.94
CA THR H 93 12.76 48.12 -67.70
C THR H 93 12.33 48.21 -66.24
N ALA H 94 12.80 49.24 -65.55
CA ALA H 94 12.52 49.40 -64.13
C ALA H 94 13.21 50.67 -63.65
N LEU H 95 12.92 51.04 -62.40
CA LEU H 95 13.63 52.11 -61.71
C LEU H 95 14.87 51.52 -61.05
N TYR H 96 16.02 52.14 -61.28
CA TYR H 96 17.31 51.64 -60.82
C TYR H 96 17.82 52.51 -59.68
N TYR H 97 17.93 51.93 -58.49
CA TYR H 97 18.56 52.56 -57.35
C TYR H 97 20.00 52.09 -57.22
N CYS H 98 20.84 52.91 -56.59
CA CYS H 98 22.15 52.49 -56.13
C CYS H 98 22.18 52.64 -54.61
N ALA H 99 22.86 51.70 -53.95
CA ALA H 99 22.83 51.63 -52.51
C ALA H 99 24.24 51.50 -51.96
N LYS H 100 24.34 51.74 -50.65
CA LYS H 100 25.61 51.70 -49.94
C LYS H 100 25.52 50.61 -48.88
N ASP H 101 26.49 49.72 -48.87
CA ASP H 101 26.57 48.73 -47.81
C ASP H 101 26.94 49.41 -46.49
N ARG H 102 26.50 48.80 -45.39
CA ARG H 102 26.66 49.36 -44.05
C ARG H 102 28.12 49.32 -43.58
N GLY H 103 29.06 49.02 -44.48
CA GLY H 103 30.46 48.93 -44.16
C GLY H 103 30.91 47.49 -44.09
N SER H 104 30.60 46.82 -42.98
CA SER H 104 30.95 45.43 -42.77
C SER H 104 29.72 44.53 -42.67
N ILE H 105 28.52 45.10 -42.61
CA ILE H 105 27.28 44.35 -42.68
C ILE H 105 26.69 44.54 -44.07
N ILE H 106 26.31 43.43 -44.71
CA ILE H 106 25.80 43.50 -46.08
C ILE H 106 24.32 43.85 -46.03
N VAL H 107 24.03 45.08 -45.64
CA VAL H 107 22.69 45.67 -45.71
C VAL H 107 22.83 47.06 -46.29
N PHE H 108 21.70 47.60 -46.75
CA PHE H 108 21.68 48.86 -47.49
C PHE H 108 21.03 49.93 -46.62
N ASP H 109 21.87 50.66 -45.88
CA ASP H 109 21.39 51.64 -44.93
C ASP H 109 20.91 52.90 -45.63
N HIS H 110 21.70 53.41 -46.57
CA HIS H 110 21.33 54.56 -47.37
C HIS H 110 21.06 54.10 -48.79
N TRP H 111 19.99 54.61 -49.38
CA TRP H 111 19.60 54.28 -50.73
C TRP H 111 19.53 55.55 -51.56
N GLY H 112 19.68 55.39 -52.87
CA GLY H 112 19.33 56.45 -53.78
C GLY H 112 17.84 56.46 -54.01
N GLN H 113 17.38 57.43 -54.80
CA GLN H 113 15.97 57.54 -55.13
C GLN H 113 15.62 56.99 -56.51
N GLY H 114 16.61 56.70 -57.33
CA GLY H 114 16.35 55.97 -58.55
C GLY H 114 16.58 56.80 -59.80
N THR H 115 16.92 56.09 -60.88
CA THR H 115 17.04 56.67 -62.22
C THR H 115 16.30 55.74 -63.18
N LEU H 116 15.29 56.27 -63.85
CA LEU H 116 14.39 55.45 -64.64
C LEU H 116 15.04 55.02 -65.94
N VAL H 117 14.79 53.77 -66.34
CA VAL H 117 15.29 53.20 -67.58
C VAL H 117 14.09 52.58 -68.29
N THR H 118 13.63 53.21 -69.35
CA THR H 118 12.46 52.76 -70.09
C THR H 118 12.92 52.12 -71.39
N VAL H 119 12.34 50.95 -71.69
CA VAL H 119 12.63 50.19 -72.91
C VAL H 119 11.30 49.85 -73.56
N SER H 120 11.14 50.20 -74.83
CA SER H 120 9.87 49.99 -75.52
C SER H 120 10.11 49.39 -76.89
N SER H 121 9.26 48.44 -77.26
CA SER H 121 9.34 47.76 -78.55
C SER H 121 8.71 48.61 -79.65
N GLU H 142 19.85 31.39 -55.45
CA GLU H 142 19.82 30.12 -54.73
C GLU H 142 18.77 30.14 -53.64
N ILE H 143 18.89 31.11 -52.73
CA ILE H 143 17.98 31.23 -51.60
C ILE H 143 16.78 32.08 -52.03
N VAL H 144 15.58 31.60 -51.77
CA VAL H 144 14.35 32.26 -52.16
C VAL H 144 13.61 32.70 -50.90
N LEU H 145 13.09 33.93 -50.93
CA LEU H 145 12.36 34.48 -49.79
C LEU H 145 10.90 34.65 -50.19
N THR H 146 10.01 34.19 -49.31
CA THR H 146 8.57 34.19 -49.57
C THR H 146 7.85 34.87 -48.42
N GLN H 147 7.31 36.06 -48.68
CA GLN H 147 6.58 36.83 -47.69
C GLN H 147 5.10 36.54 -47.83
N SER H 148 4.44 36.22 -46.71
CA SER H 148 3.01 35.99 -46.72
C SER H 148 2.42 36.55 -45.44
N PRO H 149 1.30 37.30 -45.51
CA PRO H 149 0.54 37.65 -46.72
C PRO H 149 1.22 38.70 -47.58
N ALA H 150 0.79 38.80 -48.83
CA ALA H 150 1.36 39.78 -49.76
C ALA H 150 0.59 41.09 -49.80
N THR H 151 -0.62 41.13 -49.24
CA THR H 151 -1.39 42.37 -49.16
C THR H 151 -2.35 42.26 -47.99
N LEU H 152 -2.44 43.34 -47.21
CA LEU H 152 -3.23 43.32 -45.99
C LEU H 152 -3.77 44.73 -45.73
N SER H 153 -5.04 44.80 -45.38
CA SER H 153 -5.73 46.07 -45.11
C SER H 153 -6.06 46.14 -43.63
N LEU H 154 -5.65 47.23 -42.99
CA LEU H 154 -5.80 47.40 -41.55
C LEU H 154 -6.18 48.82 -41.21
N SER H 155 -6.78 48.99 -40.04
CA SER H 155 -7.09 50.29 -39.49
C SER H 155 -5.97 50.78 -38.58
N PRO H 156 -5.88 52.08 -38.35
CA PRO H 156 -4.80 52.59 -37.49
C PRO H 156 -4.93 52.03 -36.09
N GLY H 157 -3.78 51.89 -35.43
CA GLY H 157 -3.75 51.44 -34.05
C GLY H 157 -3.69 49.94 -33.89
N GLU H 158 -3.76 49.18 -34.97
CA GLU H 158 -3.81 47.73 -34.89
C GLU H 158 -2.40 47.13 -34.95
N ARG H 159 -2.26 45.97 -34.33
CA ARG H 159 -1.02 45.23 -34.38
C ARG H 159 -0.87 44.57 -35.75
N VAL H 160 0.37 44.35 -36.17
CA VAL H 160 0.68 43.79 -37.48
C VAL H 160 1.86 42.86 -37.35
N THR H 161 1.72 41.65 -37.88
CA THR H 161 2.78 40.64 -37.85
C THR H 161 3.00 40.13 -39.26
N LEU H 162 4.24 40.20 -39.73
CA LEU H 162 4.60 39.78 -41.07
C LEU H 162 5.50 38.55 -41.00
N SER H 163 5.54 37.82 -42.13
CA SER H 163 6.37 36.63 -42.27
C SER H 163 7.29 36.80 -43.46
N CYS H 164 8.55 36.41 -43.30
CA CYS H 164 9.51 36.32 -44.40
C CYS H 164 10.15 34.94 -44.29
N ARG H 165 9.59 33.99 -45.04
CA ARG H 165 10.05 32.62 -45.03
C ARG H 165 11.27 32.45 -45.93
N ALA H 166 11.95 31.32 -45.76
CA ALA H 166 13.17 31.03 -46.51
C ALA H 166 13.18 29.59 -46.97
N SER H 167 13.85 29.35 -48.08
CA SER H 167 13.97 27.98 -48.59
C SER H 167 14.95 27.18 -47.72
N GLN H 168 16.13 27.72 -47.48
CA GLN H 168 17.11 27.12 -46.57
C GLN H 168 17.49 28.16 -45.51
N ALA H 169 18.39 27.76 -44.61
CA ALA H 169 18.73 28.59 -43.46
C ALA H 169 19.44 29.87 -43.87
N VAL H 170 18.99 31.00 -43.31
CA VAL H 170 19.66 32.29 -43.47
C VAL H 170 20.33 32.76 -42.17
N GLY H 171 20.10 32.08 -41.06
CA GLY H 171 20.73 32.43 -39.79
C GLY H 171 20.28 33.77 -39.27
N ILE H 172 21.23 34.69 -39.05
CA ILE H 172 20.90 36.04 -38.63
C ILE H 172 21.03 37.04 -39.76
N TYR H 173 21.56 36.64 -40.92
CA TYR H 173 21.86 37.56 -42.00
C TYR H 173 20.58 37.83 -42.78
N LEU H 174 19.67 38.53 -42.12
CA LEU H 174 18.37 38.87 -42.67
C LEU H 174 18.05 40.29 -42.26
N ALA H 175 17.23 40.97 -43.06
CA ALA H 175 16.94 42.38 -42.84
C ALA H 175 15.52 42.68 -43.28
N TRP H 176 15.06 43.88 -42.95
CA TRP H 176 13.74 44.36 -43.34
C TRP H 176 13.86 45.79 -43.85
N TYR H 177 13.31 46.05 -45.03
CA TYR H 177 13.36 47.37 -45.63
C TYR H 177 11.95 47.90 -45.82
N GLN H 178 11.81 49.22 -45.69
CA GLN H 178 10.54 49.91 -45.86
C GLN H 178 10.65 50.83 -47.06
N GLN H 179 9.66 50.77 -47.94
CA GLN H 179 9.57 51.65 -49.10
C GLN H 179 8.21 52.36 -49.07
N LYS H 180 8.21 53.61 -48.64
CA LYS H 180 6.98 54.38 -48.64
C LYS H 180 6.60 54.77 -50.06
N PRO H 181 5.31 54.96 -50.34
CA PRO H 181 4.89 55.26 -51.71
C PRO H 181 5.61 56.49 -52.24
N GLY H 182 6.27 56.32 -53.38
CA GLY H 182 7.00 57.38 -54.04
C GLY H 182 8.39 57.62 -53.52
N GLN H 183 8.81 56.90 -52.48
CA GLN H 183 10.10 57.12 -51.85
C GLN H 183 10.97 55.88 -52.00
N ALA H 184 12.25 56.04 -51.70
CA ALA H 184 13.19 54.94 -51.83
C ALA H 184 13.15 54.05 -50.59
N PRO H 185 13.60 52.81 -50.72
CA PRO H 185 13.62 51.93 -49.54
C PRO H 185 14.56 52.49 -48.48
N ARG H 186 14.15 52.34 -47.23
CA ARG H 186 14.99 52.67 -46.09
C ARG H 186 15.12 51.43 -45.22
N LEU H 187 16.30 51.25 -44.64
CA LEU H 187 16.57 50.09 -43.80
C LEU H 187 15.97 50.29 -42.41
N LEU H 188 15.29 49.26 -41.92
CA LEU H 188 14.67 49.29 -40.60
C LEU H 188 15.37 48.39 -39.59
N ILE H 189 15.57 47.12 -39.93
CA ILE H 189 16.07 46.13 -39.00
C ILE H 189 17.19 45.36 -39.70
N TYR H 190 18.44 45.60 -39.29
CA TYR H 190 19.58 45.12 -40.06
C TYR H 190 19.98 43.69 -39.71
N HIS H 191 20.08 43.37 -38.43
CA HIS H 191 20.09 41.96 -38.05
C HIS H 191 18.65 41.57 -37.71
N VAL H 192 18.42 40.29 -37.42
CA VAL H 192 17.05 39.80 -37.31
C VAL H 192 16.20 40.69 -36.41
N SER H 193 16.80 41.26 -35.38
CA SER H 193 16.07 42.11 -34.43
C SER H 193 16.70 43.48 -34.20
N LYS H 194 17.99 43.67 -34.46
CA LYS H 194 18.61 44.97 -34.26
C LYS H 194 18.08 45.96 -35.27
N ARG H 195 17.76 47.16 -34.81
CA ARG H 195 17.17 48.22 -35.62
C ARG H 195 18.18 49.33 -35.89
N ASP H 196 18.06 49.95 -37.07
CA ASP H 196 18.96 51.02 -37.48
C ASP H 196 18.56 52.35 -36.84
N THR H 197 19.47 53.32 -36.93
CA THR H 197 19.22 54.63 -36.34
C THR H 197 17.94 55.25 -36.89
N GLY H 198 17.28 56.03 -36.05
CA GLY H 198 16.03 56.66 -36.43
C GLY H 198 14.86 55.73 -36.62
N VAL H 199 15.02 54.45 -36.30
CA VAL H 199 13.96 53.46 -36.43
C VAL H 199 13.31 53.32 -35.05
N PRO H 200 12.05 53.70 -34.88
CA PRO H 200 11.44 53.64 -33.55
C PRO H 200 11.29 52.21 -33.06
N ASP H 201 11.22 52.07 -31.74
CA ASP H 201 10.97 50.77 -31.11
C ASP H 201 9.61 50.19 -31.49
N ARG H 202 8.73 51.01 -32.05
CA ARG H 202 7.43 50.52 -32.53
C ARG H 202 7.59 49.30 -33.42
N PHE H 203 8.69 49.23 -34.16
CA PHE H 203 9.02 48.07 -34.99
C PHE H 203 9.89 47.12 -34.17
N SER H 204 9.68 45.82 -34.38
CA SER H 204 10.47 44.80 -33.69
C SER H 204 10.45 43.54 -34.52
N GLY H 205 11.64 43.05 -34.90
CA GLY H 205 11.75 41.81 -35.64
C GLY H 205 12.21 40.65 -34.78
N SER H 206 11.92 39.44 -35.25
CA SER H 206 12.27 38.23 -34.52
C SER H 206 12.29 37.06 -35.49
N GLY H 207 12.62 35.88 -34.97
CA GLY H 207 12.67 34.68 -35.77
C GLY H 207 14.04 34.04 -35.72
N SER H 208 14.13 32.88 -36.37
CA SER H 208 15.38 32.13 -36.42
C SER H 208 15.26 31.03 -37.46
N GLY H 209 16.39 30.68 -38.06
CA GLY H 209 16.42 29.62 -39.05
C GLY H 209 15.88 30.04 -40.40
N THR H 210 14.67 29.56 -40.72
CA THR H 210 14.05 29.83 -42.01
C THR H 210 12.82 30.72 -41.92
N ASP H 211 12.23 30.88 -40.74
CA ASP H 211 10.99 31.62 -40.55
C ASP H 211 11.25 32.81 -39.64
N PHE H 212 10.93 34.01 -40.13
CA PHE H 212 11.23 35.25 -39.45
C PHE H 212 10.01 36.15 -39.47
N THR H 213 10.02 37.14 -38.58
CA THR H 213 8.87 37.99 -38.32
C THR H 213 9.30 39.43 -38.12
N LEU H 214 8.43 40.35 -38.53
CA LEU H 214 8.56 41.78 -38.24
C LEU H 214 7.23 42.24 -37.65
N THR H 215 7.28 42.80 -36.44
CA THR H 215 6.08 43.11 -35.68
C THR H 215 5.97 44.62 -35.48
N ILE H 216 4.77 45.15 -35.74
CA ILE H 216 4.43 46.54 -35.45
C ILE H 216 3.35 46.53 -34.39
N SER H 217 3.68 47.02 -33.19
CA SER H 217 2.73 47.00 -32.08
C SER H 217 1.48 47.83 -32.43
N SER H 218 1.69 49.04 -32.94
CA SER H 218 0.60 49.93 -33.31
C SER H 218 0.89 50.54 -34.67
N LEU H 219 -0.16 50.70 -35.48
CA LEU H 219 -0.02 51.26 -36.81
C LEU H 219 -0.18 52.78 -36.77
N GLU H 220 0.62 53.44 -37.58
CA GLU H 220 0.59 54.89 -37.74
C GLU H 220 0.27 55.24 -39.18
N PRO H 221 -0.29 56.43 -39.44
CA PRO H 221 -0.60 56.81 -40.82
C PRO H 221 0.61 56.71 -41.73
N GLU H 222 1.80 57.02 -41.21
CA GLU H 222 3.01 56.94 -42.02
C GLU H 222 3.47 55.52 -42.27
N ASP H 223 3.02 54.55 -41.47
CA ASP H 223 3.54 53.20 -41.57
C ASP H 223 3.03 52.47 -42.80
N PHE H 224 1.86 52.85 -43.31
CA PHE H 224 1.29 52.14 -44.46
C PHE H 224 2.21 52.27 -45.66
N ALA H 225 2.76 51.13 -46.08
CA ALA H 225 3.74 51.09 -47.16
C ALA H 225 4.09 49.64 -47.45
N VAL H 226 5.09 49.43 -48.29
CA VAL H 226 5.54 48.07 -48.61
C VAL H 226 6.74 47.74 -47.74
N TYR H 227 6.82 46.48 -47.32
CA TYR H 227 7.91 46.01 -46.49
C TYR H 227 8.51 44.79 -47.16
N TYR H 228 9.79 44.88 -47.50
CA TYR H 228 10.53 43.77 -48.08
C TYR H 228 11.53 43.23 -47.06
N CYS H 229 11.95 41.99 -47.26
CA CYS H 229 13.00 41.39 -46.48
C CYS H 229 14.16 41.04 -47.39
N GLN H 230 15.31 40.80 -46.78
CA GLN H 230 16.54 40.61 -47.51
C GLN H 230 17.37 39.54 -46.82
N GLN H 231 18.16 38.82 -47.62
CA GLN H 231 19.10 37.84 -47.10
C GLN H 231 20.47 38.15 -47.66
N HIS H 232 21.50 38.01 -46.82
CA HIS H 232 22.89 38.08 -47.23
C HIS H 232 23.66 36.89 -46.69
N ARG H 233 22.98 35.75 -46.53
CA ARG H 233 23.65 34.54 -46.05
C ARG H 233 24.53 33.96 -47.15
N ASN H 234 23.96 33.74 -48.34
CA ASN H 234 24.68 33.18 -49.48
C ASN H 234 24.40 34.08 -50.68
N TRP H 235 25.31 35.00 -50.96
CA TRP H 235 25.20 35.87 -52.12
C TRP H 235 26.56 35.95 -52.81
N PRO H 236 26.58 36.18 -54.13
CA PRO H 236 25.41 36.37 -55.00
C PRO H 236 24.64 35.08 -55.22
N PRO H 237 23.33 35.17 -55.44
CA PRO H 237 22.53 36.39 -55.57
C PRO H 237 21.89 36.86 -54.26
N ILE H 238 21.88 38.17 -54.04
CA ILE H 238 21.06 38.73 -52.97
C ILE H 238 19.61 38.65 -53.39
N THR H 239 18.77 38.10 -52.52
CA THR H 239 17.36 37.87 -52.83
C THR H 239 16.49 38.62 -51.82
N PHE H 240 15.38 39.17 -52.32
CA PHE H 240 14.38 39.84 -51.52
C PHE H 240 13.10 39.00 -51.51
N GLY H 241 12.10 39.48 -50.79
CA GLY H 241 10.79 38.88 -50.82
C GLY H 241 9.90 39.66 -51.76
N GLN H 242 8.80 39.05 -52.18
CA GLN H 242 7.88 39.75 -53.06
C GLN H 242 7.36 41.03 -52.42
N GLY H 243 7.43 41.14 -51.10
CA GLY H 243 6.98 42.31 -50.41
C GLY H 243 5.58 42.14 -49.87
N THR H 244 5.27 42.88 -48.80
CA THR H 244 3.94 42.90 -48.22
C THR H 244 3.47 44.34 -48.15
N ARG H 245 2.31 44.62 -48.74
CA ARG H 245 1.77 45.97 -48.82
C ARG H 245 0.74 46.15 -47.73
N LEU H 246 0.93 47.17 -46.90
CA LEU H 246 0.00 47.51 -45.83
C LEU H 246 -0.91 48.65 -46.30
N GLU H 247 -2.21 48.40 -46.30
CA GLU H 247 -3.20 49.33 -46.82
C GLU H 247 -4.19 49.73 -45.74
N ILE H 248 -4.75 50.94 -45.88
CA ILE H 248 -5.81 51.41 -45.00
C ILE H 248 -7.14 50.93 -45.56
N LYS H 249 -8.00 50.41 -44.68
CA LYS H 249 -9.30 49.91 -45.11
C LYS H 249 -10.31 51.06 -45.18
S SO4 I . -65.52 -24.67 23.00
O1 SO4 I . -64.65 -25.59 23.74
O2 SO4 I . -65.64 -23.40 23.71
O3 SO4 I . -64.95 -24.41 21.68
O4 SO4 I . -66.84 -25.27 22.86
S SO4 J . -60.96 -58.43 16.42
O1 SO4 J . -59.88 -59.25 16.96
O2 SO4 J . -61.21 -57.31 17.31
O3 SO4 J . -60.54 -57.95 15.10
O4 SO4 J . -62.17 -59.23 16.28
S SO4 K . -32.90 -43.51 13.65
O1 SO4 K . -31.88 -44.11 14.50
O2 SO4 K . -33.36 -42.26 14.26
O3 SO4 K . -32.36 -43.23 12.32
O4 SO4 K . -34.02 -44.42 13.53
S SO4 L . 31.56 -24.61 -30.56
O1 SO4 L . 32.86 -24.46 -29.90
O2 SO4 L . 30.55 -24.02 -29.70
O3 SO4 L . 31.58 -23.96 -31.87
O4 SO4 L . 31.24 -26.02 -30.76
S SO4 M . 8.66 57.12 -39.23
O1 SO4 M . 9.70 56.48 -38.41
O2 SO4 M . 8.16 58.30 -38.53
O3 SO4 M . 9.24 57.53 -40.51
O4 SO4 M . 7.56 56.19 -39.45
#